data_8X3U
#
_entry.id   8X3U
#
_cell.length_a   156.135
_cell.length_b   156.135
_cell.length_c   187.561
_cell.angle_alpha   90.00
_cell.angle_beta   90.00
_cell.angle_gamma   120.00
#
_symmetry.space_group_name_H-M   'P 65'
#
loop_
_entity.id
_entity.type
_entity.pdbx_description
1 polymer 'Glycosyl transferase'
2 branched alpha-D-glucopyranose-(1-2)-alpha-D-glucopyranose-(1-2)-beta-D-fructofuranose
3 non-polymer "URIDINE-5'-DIPHOSPHATE"
4 water water
#
_entity_poly.entity_id   1
_entity_poly.type   'polypeptide(L)'
_entity_poly.pdbx_seq_one_letter_code
;GSHMRIAQVAPLWERVPPPAYGGVELVVSLLTEELVKRGHEVTLFASGDSMTQAKLVSTYPHAIRLDPNVQEYAVYEALQ
LGEVFSRANEFDVIHSHVGYTALPYTSLVKTPVVHTLHGRFTADNERIFSQYRNQNYVSISHSQRQLRELNYIATVYNAI
AVETHHFYPQPSDPPYLAFLGRLSPEKGPHHAIEIAKRVGIPLRMAGKVDRVDRDYFKELIEPHIDGEFIQFIGEADHPT
KNALLGGAIAMLFPITWQEPFGLVMIESMAAGTPVVAIAKGAAPEVIEHGKTGFLCHSVEDCVAAVAQVPQLDRMACRDY
VWQRFSVERMVSEYEAVYDTVLANTFVHNGHRRGTIELMAS
;
_entity_poly.pdbx_strand_id   B,A,C,D
#
# COMPACT_ATOMS: atom_id res chain seq x y z
N HIS A 3 -4.25 -9.07 28.25
CA HIS A 3 -5.02 -9.45 29.43
C HIS A 3 -4.27 -9.04 30.69
N MET A 4 -3.29 -8.16 30.49
CA MET A 4 -2.49 -7.53 31.54
C MET A 4 -2.54 -6.01 31.38
N ARG A 5 -2.28 -5.32 32.48
CA ARG A 5 -2.02 -3.87 32.46
C ARG A 5 -0.51 -3.66 32.52
N ILE A 6 0.05 -3.06 31.47
CA ILE A 6 1.51 -2.95 31.32
C ILE A 6 1.86 -1.49 31.15
N ALA A 7 2.81 -1.02 31.96
CA ALA A 7 3.34 0.33 31.83
C ALA A 7 4.69 0.27 31.11
N GLN A 8 4.85 1.11 30.09
CA GLN A 8 6.11 1.25 29.38
C GLN A 8 6.71 2.60 29.72
N VAL A 9 7.87 2.58 30.39
CA VAL A 9 8.55 3.79 30.82
C VAL A 9 9.74 4.00 29.89
N ALA A 10 9.62 4.97 29.00
CA ALA A 10 10.64 5.24 28.00
C ALA A 10 11.50 6.42 28.39
N PRO A 11 12.73 6.50 27.88
CA PRO A 11 13.50 7.73 28.01
C PRO A 11 12.81 8.87 27.28
N LEU A 12 13.17 10.09 27.66
CA LEU A 12 12.52 11.28 27.13
C LEU A 12 13.37 12.04 26.14
N TRP A 13 14.57 11.54 25.83
CA TRP A 13 15.42 12.23 24.86
C TRP A 13 14.78 12.26 23.48
N GLU A 14 14.03 11.22 23.12
CA GLU A 14 13.48 11.10 21.78
C GLU A 14 12.01 10.75 21.82
N ARG A 15 11.30 11.16 20.77
CA ARG A 15 9.92 10.77 20.54
C ARG A 15 9.80 9.25 20.44
N VAL A 16 8.63 8.74 20.84
CA VAL A 16 8.31 7.32 20.66
C VAL A 16 7.23 7.17 19.60
N PRO A 17 7.56 6.75 18.37
CA PRO A 17 8.88 6.45 17.83
C PRO A 17 9.63 7.70 17.36
N PRO A 18 10.95 7.63 17.31
CA PRO A 18 11.73 8.82 16.93
C PRO A 18 11.68 9.04 15.42
N PRO A 19 11.50 10.29 14.99
CA PRO A 19 11.53 10.55 13.54
C PRO A 19 12.89 10.31 12.93
N ALA A 20 13.97 10.48 13.70
CA ALA A 20 15.32 10.22 13.22
C ALA A 20 16.09 9.37 14.23
N TYR A 21 17.16 9.91 14.80
CA TYR A 21 17.97 9.15 15.74
C TYR A 21 17.13 8.70 16.94
N GLY A 22 17.41 7.49 17.42
CA GLY A 22 16.76 6.97 18.60
C GLY A 22 16.63 5.47 18.55
N GLY A 23 17.29 4.78 19.48
CA GLY A 23 17.26 3.33 19.51
C GLY A 23 16.24 2.78 20.49
N VAL A 24 16.33 3.17 21.75
CA VAL A 24 15.45 2.63 22.77
C VAL A 24 14.01 3.05 22.51
N GLU A 25 13.80 4.33 22.18
CA GLU A 25 12.47 4.83 21.90
C GLU A 25 11.87 4.13 20.68
N LEU A 26 12.71 3.64 19.77
CA LEU A 26 12.22 2.84 18.66
C LEU A 26 11.75 1.47 19.14
N VAL A 27 12.58 0.78 19.92
CA VAL A 27 12.22 -0.52 20.46
C VAL A 27 10.99 -0.41 21.34
N VAL A 28 10.90 0.66 22.14
CA VAL A 28 9.74 0.84 22.99
C VAL A 28 8.49 1.03 22.15
N SER A 29 8.61 1.77 21.05
CA SER A 29 7.47 1.98 20.15
C SER A 29 6.98 0.66 19.58
N LEU A 30 7.89 -0.12 19.00
CA LEU A 30 7.51 -1.40 18.40
C LEU A 30 6.91 -2.35 19.43
N LEU A 31 7.54 -2.44 20.60
CA LEU A 31 7.02 -3.32 21.66
C LEU A 31 5.66 -2.85 22.13
N THR A 32 5.50 -1.55 22.35
CA THR A 32 4.24 -1.03 22.87
C THR A 32 3.09 -1.28 21.90
N GLU A 33 3.24 -0.82 20.65
CA GLU A 33 2.15 -0.96 19.67
C GLU A 33 1.72 -2.42 19.53
N GLU A 34 2.69 -3.34 19.46
CA GLU A 34 2.35 -4.74 19.29
C GLU A 34 1.68 -5.32 20.54
N LEU A 35 2.09 -4.87 21.72
CA LEU A 35 1.44 -5.33 22.95
C LEU A 35 -0.02 -4.89 22.99
N VAL A 36 -0.31 -3.68 22.53
CA VAL A 36 -1.68 -3.18 22.52
C VAL A 36 -2.54 -4.01 21.59
N LYS A 37 -2.02 -4.31 20.39
CA LYS A 37 -2.72 -5.17 19.44
C LYS A 37 -3.08 -6.53 20.05
N ARG A 38 -2.25 -7.02 20.98
CA ARG A 38 -2.50 -8.30 21.61
C ARG A 38 -3.44 -8.19 22.81
N GLY A 39 -4.15 -7.07 22.94
CA GLY A 39 -5.23 -6.94 23.89
C GLY A 39 -4.84 -6.61 25.32
N HIS A 40 -3.65 -6.03 25.52
CA HIS A 40 -3.23 -5.60 26.84
C HIS A 40 -3.59 -4.12 27.06
N GLU A 41 -3.81 -3.77 28.33
CA GLU A 41 -4.10 -2.39 28.72
C GLU A 41 -2.75 -1.70 28.94
N VAL A 42 -2.25 -1.04 27.90
CA VAL A 42 -0.90 -0.48 27.92
C VAL A 42 -1.00 1.02 28.19
N THR A 43 -0.19 1.49 29.15
CA THR A 43 0.02 2.91 29.39
C THR A 43 1.46 3.22 29.02
N LEU A 44 1.64 4.13 28.08
CA LEU A 44 2.98 4.52 27.65
C LEU A 44 3.39 5.78 28.40
N PHE A 45 4.55 5.73 29.05
CA PHE A 45 5.13 6.88 29.70
C PHE A 45 6.27 7.33 28.81
N ALA A 46 6.04 8.42 28.08
CA ALA A 46 6.97 8.90 27.09
C ALA A 46 6.64 10.36 26.84
N SER A 47 7.42 10.99 25.96
CA SER A 47 7.26 12.39 25.60
C SER A 47 5.87 12.66 25.03
N GLY A 48 5.45 13.93 25.14
CA GLY A 48 4.11 14.33 24.77
C GLY A 48 3.80 14.30 23.30
N ASP A 49 4.81 14.36 22.44
CA ASP A 49 4.59 14.28 21.00
C ASP A 49 4.71 12.85 20.47
N SER A 50 4.81 11.87 21.36
CA SER A 50 4.85 10.48 20.95
C SER A 50 3.54 10.06 20.30
N MET A 51 3.62 9.04 19.44
CA MET A 51 2.47 8.54 18.69
C MET A 51 2.25 7.06 19.04
N THR A 52 1.25 6.79 19.87
CA THR A 52 0.91 5.43 20.27
C THR A 52 -0.60 5.28 20.30
N GLN A 53 -1.06 4.04 20.12
CA GLN A 53 -2.46 3.70 20.31
C GLN A 53 -2.76 3.31 21.75
N ALA A 54 -1.76 3.35 22.62
CA ALA A 54 -1.95 3.10 24.04
C ALA A 54 -2.18 4.43 24.76
N LYS A 55 -2.50 4.33 26.04
CA LYS A 55 -2.61 5.54 26.86
C LYS A 55 -1.23 6.19 26.98
N LEU A 56 -1.17 7.49 26.68
CA LEU A 56 0.07 8.25 26.74
C LEU A 56 0.01 9.24 27.89
N VAL A 57 0.89 9.06 28.87
CA VAL A 57 1.08 10.02 29.96
C VAL A 57 2.46 10.64 29.77
N SER A 58 2.50 11.96 29.65
CA SER A 58 3.73 12.68 29.35
C SER A 58 3.98 13.79 30.36
N THR A 59 5.24 13.98 30.73
CA THR A 59 5.64 15.06 31.61
C THR A 59 6.25 16.24 30.85
N TYR A 60 6.50 16.10 29.54
CA TYR A 60 6.95 17.18 28.68
C TYR A 60 6.43 16.94 27.27
N PRO A 61 6.04 18.00 26.54
CA PRO A 61 5.38 17.80 25.25
C PRO A 61 6.31 17.39 24.11
N HIS A 62 7.63 17.52 24.26
CA HIS A 62 8.52 17.35 23.12
C HIS A 62 9.74 16.52 23.50
N ALA A 63 10.38 15.95 22.47
CA ALA A 63 11.70 15.35 22.61
C ALA A 63 12.67 16.34 23.21
N ILE A 64 13.45 15.89 24.19
CA ILE A 64 14.27 16.83 24.96
C ILE A 64 15.58 17.14 24.23
N ARG A 65 16.12 16.19 23.47
CA ARG A 65 17.43 16.41 22.87
C ARG A 65 17.45 17.62 21.94
N LEU A 66 16.43 17.75 21.09
CA LEU A 66 16.39 18.84 20.13
C LEU A 66 15.45 19.98 20.55
N ASP A 67 14.88 19.91 21.75
CA ASP A 67 14.04 20.98 22.25
C ASP A 67 14.91 22.10 22.79
N PRO A 68 14.76 23.34 22.30
CA PRO A 68 15.68 24.41 22.73
C PRO A 68 15.39 25.00 24.09
N ASN A 69 14.19 24.78 24.64
CA ASN A 69 13.78 25.41 25.89
C ASN A 69 14.17 24.63 27.14
N VAL A 70 14.61 23.38 27.00
CA VAL A 70 14.92 22.52 28.14
C VAL A 70 16.43 22.50 28.36
N GLN A 71 16.83 22.66 29.62
CA GLN A 71 18.24 22.60 30.00
C GLN A 71 18.56 21.45 30.96
N GLU A 72 17.56 20.89 31.64
CA GLU A 72 17.77 19.92 32.72
C GLU A 72 16.86 18.70 32.46
N TYR A 73 17.37 17.76 31.67
CA TYR A 73 16.60 16.55 31.36
C TYR A 73 16.24 15.78 32.63
N ALA A 74 17.15 15.72 33.60
CA ALA A 74 16.90 14.93 34.81
C ALA A 74 15.64 15.36 35.54
N VAL A 75 15.21 16.62 35.37
CA VAL A 75 14.01 17.10 36.04
C VAL A 75 12.79 16.32 35.56
N TYR A 76 12.65 16.15 34.25
CA TYR A 76 11.48 15.50 33.68
C TYR A 76 11.57 13.99 33.81
N GLU A 77 12.79 13.44 33.80
CA GLU A 77 12.99 12.04 34.16
C GLU A 77 12.42 11.74 35.55
N ALA A 78 12.71 12.61 36.53
CA ALA A 78 12.18 12.40 37.88
C ALA A 78 10.66 12.55 37.91
N LEU A 79 10.12 13.51 37.15
CA LEU A 79 8.68 13.62 37.01
C LEU A 79 8.08 12.32 36.50
N GLN A 80 8.73 11.68 35.52
CA GLN A 80 8.22 10.46 34.93
C GLN A 80 8.16 9.34 35.96
N LEU A 81 9.28 9.10 36.67
CA LEU A 81 9.31 8.03 37.66
C LEU A 81 8.36 8.29 38.81
N GLY A 82 8.16 9.55 39.20
CA GLY A 82 7.17 9.86 40.22
C GLY A 82 5.77 9.48 39.78
N GLU A 83 5.40 9.84 38.55
CA GLU A 83 4.08 9.49 38.04
C GLU A 83 3.90 7.97 37.93
N VAL A 84 4.94 7.27 37.46
CA VAL A 84 4.83 5.84 37.22
C VAL A 84 4.56 5.10 38.53
N PHE A 85 5.46 5.23 39.49
CA PHE A 85 5.39 4.44 40.71
C PHE A 85 4.34 4.94 41.68
N SER A 86 3.88 6.18 41.55
CA SER A 86 2.68 6.61 42.27
C SER A 86 1.43 5.89 41.78
N ARG A 87 1.46 5.36 40.55
CA ARG A 87 0.34 4.65 39.95
C ARG A 87 0.61 3.14 39.85
N ALA A 88 1.48 2.61 40.72
CA ALA A 88 1.96 1.25 40.60
C ALA A 88 0.83 0.23 40.55
N ASN A 89 -0.17 0.39 41.40
CA ASN A 89 -1.30 -0.53 41.50
C ASN A 89 -2.35 -0.32 40.43
N GLU A 90 -2.08 0.56 39.48
CA GLU A 90 -2.81 0.60 38.23
C GLU A 90 -2.16 -0.31 37.18
N PHE A 91 -1.11 -1.04 37.53
CA PHE A 91 -0.39 -1.88 36.59
C PHE A 91 -0.12 -3.25 37.20
N ASP A 92 -0.12 -4.28 36.36
CA ASP A 92 0.32 -5.60 36.79
C ASP A 92 1.82 -5.77 36.71
N VAL A 93 2.47 -5.07 35.78
CA VAL A 93 3.92 -5.10 35.64
C VAL A 93 4.36 -3.77 35.05
N ILE A 94 5.54 -3.31 35.48
CA ILE A 94 6.15 -2.09 34.95
C ILE A 94 7.39 -2.50 34.17
N HIS A 95 7.47 -2.06 32.91
CA HIS A 95 8.59 -2.37 32.03
C HIS A 95 9.40 -1.08 31.83
N SER A 96 10.56 -1.01 32.49
CA SER A 96 11.38 0.20 32.51
C SER A 96 12.52 0.09 31.50
N HIS A 97 12.73 1.17 30.75
CA HIS A 97 13.82 1.24 29.79
C HIS A 97 14.78 2.41 30.06
N VAL A 98 14.71 2.99 31.25
CA VAL A 98 15.46 4.21 31.56
C VAL A 98 16.71 3.93 32.38
N GLY A 99 17.07 2.66 32.58
CA GLY A 99 18.32 2.33 33.23
C GLY A 99 18.22 2.33 34.75
N TYR A 100 19.37 2.62 35.39
CA TYR A 100 19.51 2.41 36.82
C TYR A 100 18.66 3.39 37.64
N THR A 101 18.20 4.49 37.04
CA THR A 101 17.42 5.48 37.77
C THR A 101 16.11 4.91 38.30
N ALA A 102 15.73 3.70 37.91
CA ALA A 102 14.49 3.13 38.38
C ALA A 102 14.66 2.14 39.50
N LEU A 103 15.91 1.80 39.87
CA LEU A 103 16.14 0.75 40.87
C LEU A 103 15.72 1.12 42.29
N PRO A 104 16.14 2.24 42.89
CA PRO A 104 15.61 2.58 44.22
C PRO A 104 14.09 2.77 44.28
N TYR A 105 13.43 3.08 43.16
CA TYR A 105 11.96 3.13 43.21
C TYR A 105 11.35 1.73 43.30
N THR A 106 12.02 0.72 42.73
CA THR A 106 11.46 -0.62 42.63
C THR A 106 11.30 -1.27 44.00
N SER A 107 12.24 -1.02 44.92
CA SER A 107 12.15 -1.57 46.26
C SER A 107 11.04 -0.94 47.09
N LEU A 108 10.42 0.14 46.61
CA LEU A 108 9.43 0.88 47.39
C LEU A 108 7.99 0.62 46.96
N VAL A 109 7.80 -0.06 45.84
CA VAL A 109 6.47 -0.40 45.34
C VAL A 109 6.38 -1.92 45.30
N LYS A 110 5.14 -2.40 45.26
CA LYS A 110 4.82 -3.83 45.24
C LYS A 110 4.64 -4.39 43.84
N THR A 111 4.21 -3.56 42.91
CA THR A 111 4.08 -3.98 41.52
C THR A 111 5.44 -4.40 40.99
N PRO A 112 5.57 -5.60 40.44
CA PRO A 112 6.87 -6.05 39.92
C PRO A 112 7.30 -5.22 38.73
N VAL A 113 8.60 -4.96 38.66
CA VAL A 113 9.19 -4.12 37.63
C VAL A 113 10.16 -4.96 36.82
N VAL A 114 10.15 -4.76 35.50
CA VAL A 114 11.08 -5.43 34.60
C VAL A 114 11.96 -4.36 33.96
N HIS A 115 13.27 -4.54 34.04
CA HIS A 115 14.24 -3.59 33.51
C HIS A 115 14.90 -4.22 32.30
N THR A 116 14.67 -3.65 31.12
CA THR A 116 15.45 -4.01 29.94
C THR A 116 16.71 -3.15 29.92
N LEU A 117 17.87 -3.81 30.01
CA LEU A 117 19.14 -3.12 29.92
C LEU A 117 19.42 -2.79 28.47
N HIS A 118 19.57 -1.50 28.17
CA HIS A 118 19.88 -1.04 26.83
C HIS A 118 21.30 -0.53 26.69
N GLY A 119 22.10 -0.53 27.76
CA GLY A 119 23.37 0.16 27.78
C GLY A 119 24.52 -0.73 28.23
N ARG A 120 25.71 -0.14 28.16
CA ARG A 120 26.93 -0.81 28.61
C ARG A 120 27.09 -0.71 30.11
N PHE A 121 27.60 -1.78 30.71
CA PHE A 121 28.01 -1.72 32.11
C PHE A 121 29.27 -0.86 32.24
N THR A 122 29.29 0.00 33.25
CA THR A 122 30.42 0.88 33.50
C THR A 122 30.94 0.64 34.90
N ALA A 123 32.19 1.06 35.14
CA ALA A 123 32.78 0.98 36.47
C ALA A 123 31.86 1.58 37.55
N ASP A 124 31.10 2.62 37.20
CA ASP A 124 30.20 3.24 38.16
C ASP A 124 28.87 2.50 38.29
N ASN A 125 28.16 2.31 37.17
CA ASN A 125 26.81 1.75 37.26
C ASN A 125 26.80 0.31 37.76
N GLU A 126 27.92 -0.42 37.61
CA GLU A 126 27.99 -1.76 38.19
C GLU A 126 27.66 -1.75 39.68
N ARG A 127 28.03 -0.67 40.39
CA ARG A 127 27.87 -0.64 41.83
C ARG A 127 26.40 -0.47 42.23
N ILE A 128 25.64 0.30 41.45
CA ILE A 128 24.20 0.40 41.73
C ILE A 128 23.46 -0.84 41.25
N PHE A 129 23.89 -1.44 40.14
CA PHE A 129 23.27 -2.68 39.70
C PHE A 129 23.56 -3.81 40.69
N SER A 130 24.78 -3.86 41.19
CA SER A 130 25.15 -4.83 42.22
C SER A 130 24.21 -4.77 43.42
N GLN A 131 23.99 -3.57 43.95
CA GLN A 131 23.16 -3.40 45.15
C GLN A 131 21.72 -3.86 44.92
N TYR A 132 21.26 -3.90 43.68
CA TYR A 132 19.88 -4.26 43.34
C TYR A 132 19.87 -5.49 42.43
N ARG A 133 20.80 -6.41 42.69
CA ARG A 133 21.03 -7.55 41.79
C ARG A 133 19.82 -8.49 41.73
N ASN A 134 19.01 -8.55 42.79
CA ASN A 134 17.90 -9.48 42.85
C ASN A 134 16.63 -8.95 42.20
N GLN A 135 16.77 -8.05 41.23
CA GLN A 135 15.64 -7.54 40.47
C GLN A 135 15.62 -8.19 39.08
N ASN A 136 14.51 -7.98 38.38
CA ASN A 136 14.24 -8.69 37.12
C ASN A 136 14.79 -7.88 35.95
N TYR A 137 16.02 -8.20 35.55
CA TYR A 137 16.66 -7.57 34.41
C TYR A 137 16.51 -8.44 33.18
N VAL A 138 16.45 -7.80 32.01
CA VAL A 138 16.44 -8.48 30.72
C VAL A 138 17.50 -7.83 29.85
N SER A 139 18.44 -8.62 29.36
CA SER A 139 19.50 -8.14 28.48
C SER A 139 19.10 -8.30 27.01
N ILE A 140 19.67 -7.43 26.17
CA ILE A 140 19.42 -7.48 24.74
C ILE A 140 20.50 -8.25 23.97
N SER A 141 21.50 -8.77 24.66
CA SER A 141 22.51 -9.62 24.05
C SER A 141 23.27 -10.35 25.16
N HIS A 142 23.85 -11.49 24.80
CA HIS A 142 24.60 -12.27 25.78
C HIS A 142 25.90 -11.59 26.19
N SER A 143 26.63 -11.03 25.22
CA SER A 143 27.87 -10.34 25.53
C SER A 143 27.69 -9.17 26.49
N GLN A 144 26.46 -8.65 26.60
CA GLN A 144 26.21 -7.54 27.52
C GLN A 144 26.30 -7.97 28.98
N ARG A 145 26.05 -9.26 29.27
CA ARG A 145 25.96 -9.71 30.66
C ARG A 145 27.31 -9.77 31.36
N GLN A 146 28.06 -8.67 31.36
CA GLN A 146 29.36 -8.67 32.01
C GLN A 146 29.25 -8.75 33.53
N LEU A 147 28.06 -8.53 34.10
CA LEU A 147 27.80 -8.74 35.52
C LEU A 147 26.85 -9.92 35.68
N ARG A 148 27.38 -11.11 35.97
CA ARG A 148 26.51 -12.26 36.13
C ARG A 148 25.77 -12.29 37.46
N GLU A 149 26.18 -11.48 38.44
CA GLU A 149 25.49 -11.57 39.71
C GLU A 149 24.10 -10.94 39.66
N LEU A 150 23.73 -10.38 38.52
CA LEU A 150 22.40 -9.82 38.34
C LEU A 150 21.41 -10.93 38.03
N ASN A 151 20.15 -10.71 38.37
CA ASN A 151 19.09 -11.68 38.11
C ASN A 151 18.52 -11.44 36.71
N TYR A 152 19.23 -11.96 35.70
CA TYR A 152 18.72 -11.92 34.34
C TYR A 152 17.59 -12.93 34.19
N ILE A 153 16.39 -12.45 33.91
CA ILE A 153 15.27 -13.35 33.66
C ILE A 153 15.40 -14.02 32.30
N ALA A 154 15.88 -13.28 31.30
CA ALA A 154 16.01 -13.80 29.95
C ALA A 154 16.78 -12.79 29.10
N THR A 155 17.33 -13.29 28.00
CA THR A 155 17.83 -12.44 26.92
C THR A 155 16.76 -12.30 25.85
N VAL A 156 16.43 -11.05 25.51
CA VAL A 156 15.45 -10.74 24.46
C VAL A 156 16.15 -9.81 23.47
N TYR A 157 16.53 -10.35 22.31
CA TYR A 157 17.15 -9.55 21.26
C TYR A 157 16.19 -8.47 20.76
N ASN A 158 16.76 -7.36 20.29
CA ASN A 158 15.96 -6.27 19.76
C ASN A 158 15.39 -6.65 18.38
N ALA A 159 14.60 -5.75 17.82
CA ALA A 159 13.95 -6.02 16.55
C ALA A 159 13.61 -4.70 15.87
N ILE A 160 13.33 -4.79 14.57
CA ILE A 160 12.85 -3.67 13.76
C ILE A 160 11.65 -4.14 12.95
N ALA A 161 10.93 -3.17 12.38
CA ALA A 161 9.79 -3.46 11.51
C ALA A 161 10.31 -3.67 10.10
N VAL A 162 10.61 -4.93 9.77
CA VAL A 162 11.27 -5.26 8.52
C VAL A 162 10.46 -4.79 7.32
N GLU A 163 9.13 -4.88 7.41
CA GLU A 163 8.29 -4.54 6.25
C GLU A 163 8.46 -3.08 5.85
N THR A 164 8.76 -2.18 6.81
CA THR A 164 8.90 -0.76 6.55
C THR A 164 10.24 -0.38 5.92
N HIS A 165 11.18 -1.31 5.82
CA HIS A 165 12.48 -1.04 5.22
C HIS A 165 12.47 -1.54 3.78
N HIS A 166 12.66 -0.62 2.83
CA HIS A 166 12.69 -1.01 1.43
C HIS A 166 13.89 -1.91 1.15
N PHE A 167 13.65 -2.99 0.42
CA PHE A 167 14.71 -3.91 0.04
C PHE A 167 15.35 -3.45 -1.26
N TYR A 168 16.68 -3.48 -1.30
CA TYR A 168 17.42 -3.09 -2.49
C TYR A 168 18.10 -4.31 -3.08
N PRO A 169 17.75 -4.76 -4.29
CA PRO A 169 18.40 -5.95 -4.85
C PRO A 169 19.86 -5.75 -5.22
N GLN A 170 20.21 -4.61 -5.81
CA GLN A 170 21.60 -4.32 -6.18
C GLN A 170 22.00 -2.92 -5.70
N PRO A 171 23.23 -2.75 -5.23
CA PRO A 171 23.65 -1.43 -4.74
C PRO A 171 23.84 -0.44 -5.89
N SER A 172 24.09 0.80 -5.50
CA SER A 172 24.19 1.89 -6.47
C SER A 172 25.26 1.60 -7.52
N ASP A 173 25.01 2.10 -8.73
CA ASP A 173 25.87 1.77 -9.87
C ASP A 173 27.33 2.21 -9.65
N PRO A 174 27.62 3.43 -9.22
CA PRO A 174 28.97 3.70 -8.70
C PRO A 174 29.05 3.34 -7.23
N PRO A 175 29.93 2.41 -6.87
CA PRO A 175 29.90 1.85 -5.51
C PRO A 175 30.27 2.89 -4.46
N TYR A 176 29.70 2.71 -3.27
CA TYR A 176 30.03 3.54 -2.12
C TYR A 176 29.76 2.76 -0.85
N LEU A 177 30.45 3.13 0.21
CA LEU A 177 30.24 2.58 1.55
C LEU A 177 29.42 3.54 2.39
N ALA A 178 28.74 2.98 3.39
CA ALA A 178 27.83 3.75 4.22
C ALA A 178 28.26 3.71 5.69
N PHE A 179 28.06 4.83 6.38
CA PHE A 179 28.14 4.88 7.83
C PHE A 179 26.83 5.47 8.37
N LEU A 180 26.21 4.79 9.32
CA LEU A 180 24.99 5.25 9.95
C LEU A 180 25.10 5.09 11.46
N GLY A 181 25.09 6.21 12.16
CA GLY A 181 25.11 6.18 13.62
C GLY A 181 25.55 7.53 14.15
N ARG A 182 25.40 7.68 15.47
CA ARG A 182 25.88 8.88 16.13
C ARG A 182 27.39 8.99 15.98
N LEU A 183 27.87 10.18 15.64
CA LEU A 183 29.30 10.43 15.41
C LEU A 183 30.03 10.37 16.74
N SER A 184 30.25 9.15 17.21
CA SER A 184 30.90 8.87 18.49
C SER A 184 32.10 7.95 18.31
N PRO A 185 33.14 8.12 19.13
CA PRO A 185 34.27 7.18 19.08
C PRO A 185 33.83 5.74 19.28
N GLU A 186 32.76 5.53 20.04
CA GLU A 186 32.21 4.19 20.25
C GLU A 186 31.79 3.55 18.94
N LYS A 187 31.38 4.35 17.95
CA LYS A 187 30.98 3.83 16.66
C LYS A 187 32.10 3.81 15.64
N GLY A 188 33.25 4.44 15.97
CA GLY A 188 34.39 4.47 15.09
C GLY A 188 34.15 4.93 13.67
N PRO A 189 33.58 6.12 13.48
CA PRO A 189 33.50 6.65 12.11
C PRO A 189 34.86 7.03 11.55
N HIS A 190 35.84 7.33 12.40
CA HIS A 190 37.19 7.58 11.91
C HIS A 190 37.77 6.31 11.28
N HIS A 191 37.49 5.15 11.89
CA HIS A 191 37.83 3.88 11.25
C HIS A 191 37.17 3.76 9.89
N ALA A 192 35.87 4.07 9.83
CA ALA A 192 35.13 3.97 8.58
C ALA A 192 35.73 4.85 7.50
N ILE A 193 36.25 6.02 7.88
CA ILE A 193 36.87 6.90 6.91
C ILE A 193 38.18 6.29 6.41
N GLU A 194 38.96 5.70 7.31
CA GLU A 194 40.19 5.06 6.86
C GLU A 194 39.90 3.87 5.94
N ILE A 195 38.83 3.13 6.21
CA ILE A 195 38.55 1.93 5.40
C ILE A 195 38.21 2.30 3.96
N ALA A 196 37.41 3.35 3.76
CA ALA A 196 36.98 3.74 2.42
C ALA A 196 38.17 4.26 1.62
N LYS A 197 39.07 5.03 2.27
CA LYS A 197 40.17 5.63 1.52
C LYS A 197 41.16 4.58 1.04
N ARG A 198 41.37 3.54 1.85
CA ARG A 198 42.33 2.50 1.51
C ARG A 198 41.80 1.51 0.49
N VAL A 199 40.48 1.31 0.43
CA VAL A 199 39.89 0.52 -0.63
C VAL A 199 39.62 1.35 -1.88
N GLY A 200 39.59 2.68 -1.76
CA GLY A 200 39.31 3.54 -2.89
C GLY A 200 37.85 3.71 -3.22
N ILE A 201 36.96 3.29 -2.32
CA ILE A 201 35.50 3.37 -2.52
C ILE A 201 34.98 4.49 -1.63
N PRO A 202 34.13 5.38 -2.15
CA PRO A 202 33.65 6.51 -1.32
C PRO A 202 32.83 6.05 -0.12
N LEU A 203 32.67 6.96 0.84
CA LEU A 203 31.92 6.72 2.06
C LEU A 203 30.88 7.81 2.25
N ARG A 204 29.62 7.42 2.45
CA ARG A 204 28.54 8.34 2.78
C ARG A 204 28.13 8.15 4.23
N MET A 205 28.17 9.23 5.01
CA MET A 205 27.93 9.19 6.44
C MET A 205 26.63 9.91 6.77
N ALA A 206 25.89 9.36 7.75
CA ALA A 206 24.71 10.02 8.31
C ALA A 206 24.70 9.82 9.81
N GLY A 207 24.28 10.84 10.54
CA GLY A 207 24.14 10.70 11.97
C GLY A 207 24.11 12.04 12.67
N LYS A 208 23.82 11.99 13.96
CA LYS A 208 23.84 13.15 14.83
C LYS A 208 25.23 13.34 15.44
N VAL A 209 25.47 14.56 15.92
CA VAL A 209 26.67 14.90 16.69
C VAL A 209 26.19 15.68 17.91
N ASP A 210 25.90 14.97 19.00
CA ASP A 210 25.43 15.69 20.17
C ASP A 210 26.61 16.22 20.98
N ARG A 211 26.31 16.97 22.04
CA ARG A 211 27.30 17.81 22.71
C ARG A 211 28.57 17.03 23.08
N VAL A 212 28.41 15.79 23.54
CA VAL A 212 29.56 15.05 24.09
C VAL A 212 30.58 14.67 23.03
N ASP A 213 30.22 14.72 21.74
CA ASP A 213 31.10 14.27 20.67
C ASP A 213 31.59 15.42 19.79
N ARG A 214 31.27 16.67 20.16
CA ARG A 214 31.62 17.80 19.31
C ARG A 214 33.14 17.92 19.14
N ASP A 215 33.88 17.84 20.25
CA ASP A 215 35.34 17.86 20.15
C ASP A 215 35.84 16.74 19.26
N TYR A 216 35.32 15.52 19.48
CA TYR A 216 35.73 14.36 18.68
C TYR A 216 35.40 14.56 17.21
N PHE A 217 34.22 15.09 16.92
CA PHE A 217 33.86 15.37 15.54
C PHE A 217 34.74 16.48 14.96
N LYS A 218 35.02 17.54 15.76
CA LYS A 218 35.83 18.66 15.26
C LYS A 218 37.24 18.21 14.91
N GLU A 219 37.80 17.30 15.70
CA GLU A 219 39.21 16.93 15.55
C GLU A 219 39.42 15.80 14.55
N LEU A 220 38.74 14.67 14.75
CA LEU A 220 39.06 13.46 14.00
C LEU A 220 38.20 13.28 12.76
N ILE A 221 36.97 13.76 12.76
CA ILE A 221 36.01 13.46 11.71
C ILE A 221 35.91 14.60 10.71
N GLU A 222 35.52 15.78 11.20
CA GLU A 222 35.21 16.91 10.32
C GLU A 222 36.31 17.27 9.33
N PRO A 223 37.60 17.30 9.67
CA PRO A 223 38.61 17.68 8.66
C PRO A 223 38.64 16.76 7.46
N HIS A 224 38.10 15.55 7.58
CA HIS A 224 38.14 14.58 6.48
C HIS A 224 36.88 14.59 5.62
N ILE A 225 35.85 15.34 6.01
CA ILE A 225 34.62 15.32 5.23
C ILE A 225 34.94 16.08 3.95
N ASP A 226 35.35 15.33 2.93
CA ASP A 226 35.72 15.92 1.65
C ASP A 226 34.53 16.64 1.01
N GLY A 227 33.38 15.97 0.97
CA GLY A 227 32.24 16.39 0.19
C GLY A 227 32.06 15.63 -1.11
N GLU A 228 33.10 14.94 -1.56
CA GLU A 228 33.00 14.06 -2.72
C GLU A 228 33.25 12.61 -2.33
N PHE A 229 34.41 12.33 -1.73
CA PHE A 229 34.79 11.00 -1.28
C PHE A 229 34.26 10.68 0.12
N ILE A 230 34.23 11.67 1.00
CA ILE A 230 33.66 11.55 2.33
C ILE A 230 32.51 12.53 2.44
N GLN A 231 31.28 12.02 2.47
CA GLN A 231 30.08 12.83 2.54
C GLN A 231 29.39 12.63 3.89
N PHE A 232 28.85 13.71 4.45
CA PHE A 232 28.16 13.66 5.72
C PHE A 232 26.81 14.36 5.61
N ILE A 233 25.74 13.60 5.79
CA ILE A 233 24.39 14.17 5.87
C ILE A 233 23.91 14.03 7.31
N GLY A 234 24.16 15.06 8.11
CA GLY A 234 23.78 15.02 9.51
C GLY A 234 22.37 14.52 9.76
N GLU A 235 22.21 13.63 10.75
CA GLU A 235 20.98 13.00 11.22
C GLU A 235 19.95 12.70 10.13
N ALA A 236 19.52 11.45 10.04
CA ALA A 236 18.66 11.00 8.96
C ALA A 236 17.38 10.40 9.50
N ASP A 237 16.25 10.76 8.89
CA ASP A 237 14.98 10.12 9.22
C ASP A 237 14.94 8.73 8.59
N HIS A 238 13.82 8.02 8.80
CA HIS A 238 13.73 6.65 8.31
C HIS A 238 13.92 6.54 6.81
N PRO A 239 13.21 7.29 5.96
CA PRO A 239 13.46 7.16 4.51
C PRO A 239 14.90 7.48 4.12
N THR A 240 15.51 8.52 4.70
CA THR A 240 16.87 8.89 4.30
C THR A 240 17.85 7.77 4.63
N LYS A 241 17.76 7.23 5.85
CA LYS A 241 18.64 6.15 6.25
C LYS A 241 18.39 4.89 5.44
N ASN A 242 17.13 4.63 5.07
CA ASN A 242 16.84 3.44 4.27
C ASN A 242 17.44 3.55 2.88
N ALA A 243 17.47 4.74 2.29
CA ALA A 243 18.18 4.93 1.03
C ALA A 243 19.70 4.82 1.19
N LEU A 244 20.25 5.28 2.32
CA LEU A 244 21.71 5.33 2.48
C LEU A 244 22.34 3.94 2.52
N LEU A 245 21.86 3.07 3.41
CA LEU A 245 22.41 1.72 3.51
C LEU A 245 22.09 0.90 2.27
N GLY A 246 20.85 1.03 1.77
CA GLY A 246 20.44 0.26 0.61
C GLY A 246 21.34 0.49 -0.59
N GLY A 247 21.69 1.74 -0.87
CA GLY A 247 22.54 2.02 -2.02
C GLY A 247 23.96 1.53 -1.88
N ALA A 248 24.42 1.32 -0.65
CA ALA A 248 25.79 0.93 -0.39
C ALA A 248 26.01 -0.55 -0.67
N ILE A 249 27.25 -0.89 -1.03
CA ILE A 249 27.61 -2.30 -1.15
C ILE A 249 27.67 -2.95 0.23
N ALA A 250 28.07 -2.21 1.25
CA ALA A 250 28.14 -2.71 2.62
C ALA A 250 28.11 -1.53 3.57
N MET A 251 27.74 -1.80 4.82
CA MET A 251 27.80 -0.81 5.89
C MET A 251 28.98 -1.09 6.80
N LEU A 252 29.82 -0.08 7.00
CA LEU A 252 30.92 -0.18 7.95
C LEU A 252 30.39 0.03 9.37
N PHE A 253 30.65 -0.95 10.24
CA PHE A 253 30.26 -0.89 11.65
C PHE A 253 31.51 -1.14 12.51
N PRO A 254 32.51 -0.26 12.43
CA PRO A 254 33.80 -0.50 13.10
C PRO A 254 33.81 0.03 14.53
N ILE A 255 33.03 -0.63 15.40
CA ILE A 255 32.93 -0.17 16.79
C ILE A 255 34.26 -0.37 17.52
N THR A 256 34.44 0.41 18.57
CA THR A 256 35.63 0.37 19.43
C THR A 256 35.22 0.18 20.88
N TRP A 257 34.11 -0.52 21.10
CA TRP A 257 33.33 -0.38 22.32
C TRP A 257 32.39 -1.58 22.45
N GLN A 258 32.08 -1.94 23.68
CA GLN A 258 31.24 -3.11 23.98
C GLN A 258 29.79 -2.80 23.62
N GLU A 259 29.49 -2.90 22.32
CA GLU A 259 28.17 -2.59 21.80
C GLU A 259 27.10 -3.47 22.44
N PRO A 260 26.08 -2.89 23.07
CA PRO A 260 25.00 -3.73 23.62
C PRO A 260 24.26 -4.55 22.58
N PHE A 261 23.95 -3.95 21.43
CA PHE A 261 23.25 -4.65 20.36
C PHE A 261 23.68 -4.08 19.01
N GLY A 262 23.19 -2.88 18.66
CA GLY A 262 23.52 -2.25 17.40
C GLY A 262 22.40 -2.34 16.38
N LEU A 263 21.39 -1.48 16.53
CA LEU A 263 20.21 -1.56 15.69
C LEU A 263 20.53 -1.28 14.22
N VAL A 264 21.54 -0.46 13.93
CA VAL A 264 21.86 -0.13 12.55
C VAL A 264 22.26 -1.39 11.77
N MET A 265 22.81 -2.39 12.44
CA MET A 265 23.21 -3.62 11.77
C MET A 265 22.01 -4.32 11.15
N ILE A 266 20.96 -4.56 11.95
CA ILE A 266 19.78 -5.23 11.43
C ILE A 266 18.97 -4.32 10.51
N GLU A 267 19.16 -3.00 10.61
CA GLU A 267 18.56 -2.10 9.62
C GLU A 267 19.30 -2.19 8.28
N SER A 268 20.63 -2.26 8.33
CA SER A 268 21.41 -2.46 7.12
C SER A 268 21.02 -3.76 6.43
N MET A 269 21.06 -4.87 7.16
CA MET A 269 20.73 -6.17 6.57
C MET A 269 19.30 -6.20 6.03
N ALA A 270 18.35 -5.59 6.76
CA ALA A 270 16.97 -5.54 6.29
C ALA A 270 16.87 -4.89 4.91
N ALA A 271 17.64 -3.83 4.67
CA ALA A 271 17.68 -3.23 3.34
C ALA A 271 18.37 -4.11 2.32
N GLY A 272 18.97 -5.23 2.75
CA GLY A 272 19.72 -6.09 1.87
C GLY A 272 21.20 -5.80 1.82
N THR A 273 21.69 -4.89 2.66
CA THR A 273 23.10 -4.51 2.63
C THR A 273 23.83 -5.17 3.79
N PRO A 274 24.81 -6.03 3.52
CA PRO A 274 25.53 -6.70 4.62
C PRO A 274 26.45 -5.76 5.36
N VAL A 275 26.89 -6.22 6.54
CA VAL A 275 27.63 -5.38 7.49
C VAL A 275 29.06 -5.90 7.62
N VAL A 276 30.03 -5.02 7.41
CA VAL A 276 31.42 -5.26 7.77
C VAL A 276 31.66 -4.61 9.14
N ALA A 277 31.72 -5.44 10.17
CA ALA A 277 31.86 -4.97 11.54
C ALA A 277 33.07 -5.60 12.21
N ILE A 278 33.58 -4.90 13.22
CA ILE A 278 34.57 -5.47 14.14
C ILE A 278 33.83 -6.26 15.20
N ALA A 279 34.40 -7.41 15.57
CA ALA A 279 33.71 -8.41 16.40
C ALA A 279 33.84 -8.07 17.87
N LYS A 280 33.21 -6.96 18.25
CA LYS A 280 33.12 -6.54 19.65
C LYS A 280 31.66 -6.50 20.09
N GLY A 281 31.45 -6.73 21.38
CA GLY A 281 30.10 -6.74 21.92
C GLY A 281 29.19 -7.74 21.22
N ALA A 282 28.04 -7.26 20.76
CA ALA A 282 26.98 -8.10 20.24
C ALA A 282 27.09 -8.37 18.74
N ALA A 283 28.08 -7.78 18.07
CA ALA A 283 28.23 -7.99 16.63
C ALA A 283 28.30 -9.47 16.24
N PRO A 284 29.09 -10.32 16.91
CA PRO A 284 29.07 -11.75 16.54
C PRO A 284 27.71 -12.41 16.71
N GLU A 285 26.86 -11.93 17.62
CA GLU A 285 25.54 -12.52 17.78
C GLU A 285 24.53 -11.99 16.78
N VAL A 286 24.82 -10.86 16.15
CA VAL A 286 23.92 -10.25 15.18
C VAL A 286 24.30 -10.62 13.75
N ILE A 287 25.59 -10.61 13.44
CA ILE A 287 26.07 -10.95 12.12
C ILE A 287 26.39 -12.44 12.06
N GLU A 288 25.89 -13.11 11.03
CA GLU A 288 26.33 -14.45 10.68
C GLU A 288 27.50 -14.30 9.70
N HIS A 289 28.70 -14.64 10.17
CA HIS A 289 29.91 -14.42 9.39
C HIS A 289 29.86 -15.09 8.02
N GLY A 290 30.30 -14.36 7.00
CA GLY A 290 30.40 -14.87 5.66
C GLY A 290 29.07 -15.07 4.96
N LYS A 291 27.97 -14.72 5.61
CA LYS A 291 26.64 -14.93 5.05
C LYS A 291 25.85 -13.63 4.97
N THR A 292 25.59 -12.98 6.09
CA THR A 292 24.96 -11.67 6.13
C THR A 292 25.96 -10.56 6.43
N GLY A 293 27.25 -10.90 6.47
CA GLY A 293 28.27 -9.91 6.73
C GLY A 293 29.61 -10.59 6.97
N PHE A 294 30.48 -9.87 7.69
CA PHE A 294 31.84 -10.34 7.94
C PHE A 294 32.34 -9.81 9.27
N LEU A 295 32.67 -10.70 10.19
CA LEU A 295 33.28 -10.31 11.45
C LEU A 295 34.79 -10.13 11.25
N CYS A 296 35.32 -8.98 11.66
CA CYS A 296 36.71 -8.62 11.46
C CYS A 296 37.29 -8.16 12.79
N HIS A 297 38.61 -8.25 12.91
CA HIS A 297 39.23 -7.88 14.21
C HIS A 297 40.12 -6.65 14.01
N SER A 298 40.25 -6.20 12.76
CA SER A 298 41.12 -5.04 12.46
C SER A 298 40.56 -4.21 11.31
N VAL A 299 41.13 -3.03 11.11
CA VAL A 299 40.74 -2.16 9.96
C VAL A 299 41.08 -2.90 8.68
N GLU A 300 42.30 -3.45 8.59
CA GLU A 300 42.74 -4.18 7.39
C GLU A 300 41.85 -5.40 7.16
N ASP A 301 41.42 -6.05 8.24
CA ASP A 301 40.48 -7.20 8.11
C ASP A 301 39.19 -6.69 7.49
N CYS A 302 38.71 -5.51 7.93
CA CYS A 302 37.54 -4.92 7.33
C CYS A 302 37.83 -4.50 5.91
N VAL A 303 39.03 -3.93 5.66
CA VAL A 303 39.39 -3.50 4.32
C VAL A 303 39.41 -4.69 3.36
N ALA A 304 40.02 -5.80 3.79
CA ALA A 304 40.07 -6.99 2.95
C ALA A 304 38.68 -7.58 2.72
N ALA A 305 37.81 -7.49 3.73
CA ALA A 305 36.48 -8.09 3.64
C ALA A 305 35.58 -7.36 2.64
N VAL A 306 35.85 -6.07 2.36
CA VAL A 306 34.99 -5.32 1.46
C VAL A 306 35.09 -5.88 0.04
N ALA A 307 36.23 -6.50 -0.30
CA ALA A 307 36.36 -7.11 -1.62
C ALA A 307 35.48 -8.36 -1.75
N GLN A 308 35.20 -9.02 -0.62
CA GLN A 308 34.40 -10.23 -0.61
C GLN A 308 32.95 -9.96 -0.23
N VAL A 309 32.54 -8.70 -0.26
CA VAL A 309 31.17 -8.29 0.04
C VAL A 309 30.24 -8.59 -1.14
N PRO A 310 30.60 -8.25 -2.39
CA PRO A 310 29.69 -8.55 -3.51
C PRO A 310 29.23 -10.00 -3.62
N GLN A 311 29.97 -10.97 -3.06
CA GLN A 311 29.50 -12.35 -3.21
C GLN A 311 28.24 -12.64 -2.40
N LEU A 312 27.96 -11.91 -1.33
CA LEU A 312 26.87 -12.30 -0.45
C LEU A 312 25.51 -12.20 -1.14
N ASP A 313 24.58 -13.06 -0.71
CA ASP A 313 23.21 -13.02 -1.20
C ASP A 313 22.49 -11.92 -0.44
N ARG A 314 22.12 -10.85 -1.16
CA ARG A 314 21.50 -9.71 -0.49
C ARG A 314 20.10 -10.04 0.02
N MET A 315 19.36 -10.91 -0.67
CA MET A 315 18.05 -11.30 -0.17
C MET A 315 18.17 -12.17 1.07
N ALA A 316 19.24 -12.96 1.18
CA ALA A 316 19.48 -13.70 2.41
C ALA A 316 19.64 -12.78 3.61
N CYS A 317 20.15 -11.57 3.40
CA CYS A 317 20.28 -10.61 4.49
C CYS A 317 18.91 -10.22 5.03
N ARG A 318 17.98 -9.86 4.12
CA ARG A 318 16.63 -9.49 4.55
C ARG A 318 15.92 -10.67 5.21
N ASP A 319 16.03 -11.85 4.60
CA ASP A 319 15.41 -13.03 5.19
C ASP A 319 15.98 -13.30 6.58
N TYR A 320 17.28 -13.07 6.76
CA TYR A 320 17.90 -13.27 8.05
C TYR A 320 17.29 -12.37 9.11
N VAL A 321 17.01 -11.10 8.75
CA VAL A 321 16.42 -10.19 9.73
C VAL A 321 15.01 -10.62 10.07
N TRP A 322 14.25 -11.08 9.06
CA TRP A 322 12.93 -11.62 9.30
C TRP A 322 12.97 -12.82 10.25
N GLN A 323 14.04 -13.61 10.19
CA GLN A 323 14.07 -14.89 10.89
C GLN A 323 14.30 -14.71 12.38
N ARG A 324 15.20 -13.80 12.77
CA ARG A 324 15.58 -13.65 14.17
C ARG A 324 15.24 -12.30 14.78
N PHE A 325 15.09 -11.24 13.97
CA PHE A 325 14.93 -9.91 14.54
C PHE A 325 13.59 -9.29 14.19
N SER A 326 12.51 -10.05 14.33
CA SER A 326 11.16 -9.57 14.08
C SER A 326 10.46 -9.18 15.37
N VAL A 327 9.53 -8.23 15.27
CA VAL A 327 8.78 -7.77 16.43
C VAL A 327 7.93 -8.90 17.00
N GLU A 328 7.39 -9.76 16.12
CA GLU A 328 6.61 -10.91 16.55
C GLU A 328 7.35 -11.72 17.61
N ARG A 329 8.61 -12.08 17.33
CA ARG A 329 9.38 -12.87 18.28
C ARG A 329 9.71 -12.06 19.54
N MET A 330 10.13 -10.80 19.36
CA MET A 330 10.54 -9.97 20.50
C MET A 330 9.40 -9.80 21.49
N VAL A 331 8.21 -9.44 21.01
CA VAL A 331 7.10 -9.18 21.91
C VAL A 331 6.64 -10.46 22.58
N SER A 332 6.69 -11.58 21.85
CA SER A 332 6.36 -12.87 22.44
C SER A 332 7.36 -13.25 23.51
N GLU A 333 8.65 -12.98 23.27
CA GLU A 333 9.65 -13.21 24.30
C GLU A 333 9.45 -12.27 25.48
N TYR A 334 9.08 -11.02 25.21
CA TYR A 334 8.77 -10.09 26.29
C TYR A 334 7.49 -10.50 27.00
N GLU A 335 6.58 -11.17 26.32
CA GLU A 335 5.41 -11.70 27.02
C GLU A 335 5.81 -12.81 27.98
N ALA A 336 6.64 -13.75 27.50
CA ALA A 336 7.18 -14.78 28.38
C ALA A 336 7.81 -14.18 29.63
N VAL A 337 8.51 -13.04 29.48
CA VAL A 337 9.15 -12.38 30.62
C VAL A 337 8.13 -11.93 31.65
N TYR A 338 7.08 -11.22 31.19
CA TYR A 338 6.03 -10.78 32.10
C TYR A 338 5.37 -11.97 32.79
N ASP A 339 5.11 -13.04 32.03
CA ASP A 339 4.53 -14.26 32.59
C ASP A 339 5.35 -14.80 33.75
N THR A 340 6.65 -14.90 33.52
CA THR A 340 7.56 -15.40 34.54
C THR A 340 7.63 -14.47 35.76
N VAL A 341 7.68 -13.16 35.52
CA VAL A 341 7.85 -12.21 36.62
C VAL A 341 6.63 -12.21 37.53
N LEU A 342 5.43 -12.28 36.95
CA LEU A 342 4.22 -12.29 37.75
C LEU A 342 4.01 -13.61 38.49
N ALA A 343 4.58 -14.69 37.98
CA ALA A 343 4.40 -16.00 38.60
C ALA A 343 5.48 -16.31 39.63
N ASN A 344 6.74 -16.06 39.28
CA ASN A 344 7.87 -16.30 40.19
C ASN A 344 8.14 -15.08 41.08
N THR A 345 7.10 -14.65 41.79
CA THR A 345 7.23 -13.53 42.72
C THR A 345 7.32 -14.04 44.15
N HIS B 3 -5.37 3.00 -29.68
CA HIS B 3 -5.50 2.48 -31.04
C HIS B 3 -4.41 3.04 -31.95
N MET B 4 -3.36 3.59 -31.35
CA MET B 4 -2.25 4.17 -32.09
C MET B 4 -0.93 3.50 -31.73
N ARG B 5 0.02 3.60 -32.66
CA ARG B 5 1.42 3.25 -32.40
C ARG B 5 2.18 4.53 -32.10
N ILE B 6 2.74 4.62 -30.90
CA ILE B 6 3.32 5.84 -30.37
C ILE B 6 4.74 5.57 -29.89
N ALA B 7 5.67 6.42 -30.30
CA ALA B 7 7.05 6.37 -29.82
C ALA B 7 7.25 7.46 -28.77
N GLN B 8 7.81 7.08 -27.63
CA GLN B 8 8.19 8.01 -26.58
C GLN B 8 9.71 8.10 -26.53
N VAL B 9 10.24 9.28 -26.83
CA VAL B 9 11.68 9.50 -26.88
C VAL B 9 12.09 10.29 -25.64
N ALA B 10 12.74 9.61 -24.71
CA ALA B 10 13.13 10.18 -23.43
C ALA B 10 14.61 10.56 -23.43
N PRO B 11 15.00 11.50 -22.58
CA PRO B 11 16.43 11.71 -22.33
C PRO B 11 17.04 10.50 -21.63
N LEU B 12 18.36 10.41 -21.71
CA LEU B 12 19.08 9.26 -21.17
C LEU B 12 19.86 9.59 -19.91
N TRP B 13 19.74 10.82 -19.38
CA TRP B 13 20.42 11.17 -18.15
C TRP B 13 19.92 10.35 -16.96
N GLU B 14 18.62 10.07 -16.92
CA GLU B 14 17.99 9.46 -15.77
C GLU B 14 17.12 8.28 -16.19
N ARG B 15 16.95 7.34 -15.27
CA ARG B 15 16.01 6.24 -15.46
C ARG B 15 14.60 6.78 -15.71
N VAL B 16 13.83 6.03 -16.48
CA VAL B 16 12.40 6.31 -16.68
C VAL B 16 11.58 5.22 -16.01
N PRO B 17 10.98 5.46 -14.83
CA PRO B 17 11.04 6.69 -14.03
C PRO B 17 12.33 6.78 -13.21
N PRO B 18 12.72 7.99 -12.84
CA PRO B 18 13.99 8.16 -12.13
C PRO B 18 13.85 7.76 -10.68
N PRO B 19 14.83 7.03 -10.13
CA PRO B 19 14.76 6.68 -8.71
C PRO B 19 14.89 7.89 -7.80
N ALA B 20 15.61 8.92 -8.22
CA ALA B 20 15.76 10.13 -7.43
C ALA B 20 15.48 11.36 -8.30
N TYR B 21 16.48 12.20 -8.51
CA TYR B 21 16.28 13.40 -9.32
C TYR B 21 15.84 13.02 -10.73
N GLY B 22 14.97 13.85 -11.30
CA GLY B 22 14.53 13.67 -12.67
C GLY B 22 13.12 14.18 -12.91
N GLY B 23 13.00 15.22 -13.73
CA GLY B 23 11.69 15.78 -14.01
C GLY B 23 11.09 15.24 -15.29
N VAL B 24 11.83 15.38 -16.38
CA VAL B 24 11.32 14.96 -17.70
C VAL B 24 11.13 13.46 -17.74
N GLU B 25 12.10 12.69 -17.21
CA GLU B 25 12.00 11.24 -17.23
C GLU B 25 10.82 10.73 -16.40
N LEU B 26 10.44 11.46 -15.36
CA LEU B 26 9.27 11.08 -14.58
C LEU B 26 7.99 11.31 -15.37
N VAL B 27 7.87 12.47 -16.02
CA VAL B 27 6.70 12.79 -16.83
C VAL B 27 6.53 11.76 -17.94
N VAL B 28 7.63 11.36 -18.57
CA VAL B 28 7.55 10.37 -19.64
C VAL B 28 7.05 9.03 -19.10
N SER B 29 7.52 8.66 -17.90
CA SER B 29 7.09 7.40 -17.29
C SER B 29 5.57 7.38 -17.11
N LEU B 30 5.03 8.41 -16.46
CA LEU B 30 3.59 8.46 -16.22
C LEU B 30 2.80 8.46 -17.53
N LEU B 31 3.23 9.26 -18.51
CA LEU B 31 2.53 9.31 -19.79
C LEU B 31 2.60 7.96 -20.50
N THR B 32 3.78 7.32 -20.50
CA THR B 32 3.94 6.05 -21.18
C THR B 32 3.05 4.97 -20.56
N GLU B 33 3.14 4.81 -19.23
CA GLU B 33 2.35 3.79 -18.55
C GLU B 33 0.86 3.96 -18.83
N GLU B 34 0.36 5.20 -18.78
CA GLU B 34 -1.07 5.44 -18.96
C GLU B 34 -1.51 5.21 -20.41
N LEU B 35 -0.64 5.52 -21.38
CA LEU B 35 -0.98 5.26 -22.78
C LEU B 35 -1.15 3.77 -23.04
N VAL B 36 -0.32 2.93 -22.40
CA VAL B 36 -0.44 1.49 -22.58
C VAL B 36 -1.77 0.99 -22.03
N LYS B 37 -2.14 1.46 -20.83
CA LYS B 37 -3.42 1.09 -20.23
C LYS B 37 -4.60 1.42 -21.14
N ARG B 38 -4.49 2.49 -21.93
CA ARG B 38 -5.54 2.89 -22.85
C ARG B 38 -5.45 2.19 -24.19
N GLY B 39 -4.64 1.13 -24.29
CA GLY B 39 -4.62 0.30 -25.47
C GLY B 39 -3.75 0.80 -26.61
N HIS B 40 -2.78 1.66 -26.33
CA HIS B 40 -1.86 2.12 -27.36
C HIS B 40 -0.64 1.20 -27.44
N GLU B 41 -0.10 1.07 -28.65
CA GLU B 41 1.12 0.29 -28.87
C GLU B 41 2.30 1.26 -28.73
N VAL B 42 2.84 1.34 -27.52
CA VAL B 42 3.83 2.35 -27.15
C VAL B 42 5.22 1.73 -27.17
N THR B 43 6.16 2.46 -27.79
CA THR B 43 7.59 2.14 -27.71
C THR B 43 8.30 3.24 -26.94
N LEU B 44 8.96 2.87 -25.84
CA LEU B 44 9.72 3.80 -25.03
C LEU B 44 11.20 3.74 -25.39
N PHE B 45 11.78 4.90 -25.69
CA PHE B 45 13.22 5.01 -25.98
C PHE B 45 13.89 5.67 -24.77
N ALA B 46 14.59 4.86 -23.98
CA ALA B 46 15.16 5.33 -22.72
C ALA B 46 16.25 4.35 -22.31
N SER B 47 16.88 4.64 -21.17
CA SER B 47 17.95 3.79 -20.65
C SER B 47 17.44 2.37 -20.41
N GLY B 48 18.37 1.42 -20.44
CA GLY B 48 18.02 0.01 -20.36
C GLY B 48 17.49 -0.44 -19.01
N ASP B 49 17.75 0.33 -17.95
CA ASP B 49 17.25 -0.01 -16.62
C ASP B 49 15.88 0.62 -16.33
N SER B 50 15.25 1.22 -17.34
CA SER B 50 13.93 1.79 -17.17
C SER B 50 12.91 0.70 -16.86
N MET B 51 11.81 1.10 -16.22
CA MET B 51 10.74 0.19 -15.84
C MET B 51 9.46 0.65 -16.55
N THR B 52 9.12 -0.05 -17.64
CA THR B 52 7.93 0.31 -18.41
C THR B 52 7.18 -0.95 -18.80
N GLN B 53 5.87 -0.79 -19.00
CA GLN B 53 5.03 -1.82 -19.57
C GLN B 53 4.94 -1.72 -21.09
N ALA B 54 5.61 -0.74 -21.68
CA ALA B 54 5.67 -0.59 -23.12
C ALA B 54 6.91 -1.28 -23.67
N LYS B 55 7.01 -1.32 -25.00
CA LYS B 55 8.22 -1.82 -25.64
C LYS B 55 9.38 -0.88 -25.32
N LEU B 56 10.48 -1.44 -24.82
CA LEU B 56 11.65 -0.68 -24.41
C LEU B 56 12.79 -0.93 -25.39
N VAL B 57 13.21 0.12 -26.09
CA VAL B 57 14.42 0.11 -26.92
C VAL B 57 15.43 1.03 -26.25
N SER B 58 16.61 0.48 -25.95
CA SER B 58 17.64 1.20 -25.21
C SER B 58 18.96 1.17 -25.95
N THR B 59 19.68 2.30 -25.94
CA THR B 59 21.01 2.40 -26.51
C THR B 59 22.12 2.37 -25.47
N TYR B 60 21.78 2.47 -24.17
CA TYR B 60 22.74 2.32 -23.08
C TYR B 60 21.99 1.73 -21.90
N PRO B 61 22.61 0.84 -21.12
CA PRO B 61 21.84 0.09 -20.10
C PRO B 61 21.47 0.89 -18.86
N HIS B 62 22.09 2.03 -18.58
CA HIS B 62 21.88 2.71 -17.31
C HIS B 62 21.74 4.22 -17.52
N ALA B 63 21.19 4.88 -16.51
CA ALA B 63 21.20 6.33 -16.44
C ALA B 63 22.63 6.86 -16.55
N ILE B 64 22.81 7.88 -17.38
CA ILE B 64 24.16 8.32 -17.73
C ILE B 64 24.74 9.32 -16.73
N ARG B 65 23.89 10.14 -16.09
CA ARG B 65 24.40 11.22 -15.25
C ARG B 65 25.30 10.70 -14.15
N LEU B 66 24.90 9.62 -13.48
CA LEU B 66 25.68 9.06 -12.38
C LEU B 66 26.51 7.86 -12.80
N ASP B 67 26.52 7.53 -14.09
CA ASP B 67 27.31 6.41 -14.59
C ASP B 67 28.78 6.80 -14.72
N PRO B 68 29.70 6.08 -14.08
CA PRO B 68 31.12 6.50 -14.11
C PRO B 68 31.84 6.18 -15.41
N ASN B 69 31.28 5.32 -16.27
CA ASN B 69 31.96 4.90 -17.49
C ASN B 69 31.70 5.80 -18.68
N VAL B 70 30.73 6.70 -18.60
CA VAL B 70 30.32 7.52 -19.73
C VAL B 70 30.88 8.92 -19.60
N GLN B 71 31.48 9.42 -20.69
CA GLN B 71 31.96 10.79 -20.79
C GLN B 71 31.29 11.57 -21.90
N GLU B 72 30.59 10.91 -22.83
CA GLU B 72 30.06 11.53 -24.04
C GLU B 72 28.58 11.19 -24.15
N TYR B 73 27.75 11.98 -23.46
CA TYR B 73 26.31 11.79 -23.51
C TYR B 73 25.78 11.93 -24.93
N ALA B 74 26.35 12.86 -25.71
CA ALA B 74 25.86 13.11 -27.06
C ALA B 74 25.92 11.87 -27.95
N VAL B 75 26.80 10.93 -27.64
CA VAL B 75 26.92 9.72 -28.46
C VAL B 75 25.63 8.91 -28.40
N TYR B 76 25.13 8.66 -27.19
CA TYR B 76 23.96 7.81 -27.01
C TYR B 76 22.68 8.55 -27.34
N GLU B 77 22.65 9.86 -27.11
CA GLU B 77 21.56 10.69 -27.63
C GLU B 77 21.44 10.53 -29.14
N ALA B 78 22.57 10.59 -29.84
CA ALA B 78 22.56 10.39 -31.29
C ALA B 78 22.20 8.96 -31.67
N LEU B 79 22.70 7.98 -30.91
CA LEU B 79 22.34 6.59 -31.16
C LEU B 79 20.83 6.37 -31.15
N GLN B 80 20.14 6.85 -30.10
CA GLN B 80 18.70 6.64 -30.01
C GLN B 80 17.96 7.42 -31.08
N LEU B 81 18.37 8.67 -31.34
CA LEU B 81 17.70 9.45 -32.38
C LEU B 81 17.81 8.75 -33.72
N GLY B 82 18.94 8.09 -33.99
CA GLY B 82 19.05 7.28 -35.18
C GLY B 82 18.08 6.11 -35.18
N GLU B 83 18.00 5.42 -34.04
CA GLU B 83 17.09 4.28 -33.92
C GLU B 83 15.64 4.68 -34.14
N VAL B 84 15.23 5.81 -33.55
CA VAL B 84 13.82 6.22 -33.63
C VAL B 84 13.42 6.49 -35.08
N PHE B 85 14.11 7.41 -35.73
CA PHE B 85 13.69 7.86 -37.04
C PHE B 85 14.00 6.85 -38.14
N SER B 86 14.91 5.90 -37.89
CA SER B 86 15.03 4.77 -38.80
C SER B 86 13.79 3.88 -38.76
N ARG B 87 13.02 3.93 -37.67
CA ARG B 87 11.79 3.14 -37.50
C ARG B 87 10.54 4.01 -37.52
N ALA B 88 10.60 5.19 -38.17
CA ALA B 88 9.51 6.18 -38.10
C ALA B 88 8.15 5.60 -38.47
N ASN B 89 8.10 4.81 -39.57
CA ASN B 89 6.89 4.18 -40.09
C ASN B 89 6.45 2.95 -39.32
N GLU B 90 7.08 2.68 -38.17
CA GLU B 90 6.50 1.77 -37.19
C GLU B 90 5.62 2.51 -36.20
N PHE B 91 5.44 3.82 -36.38
CA PHE B 91 4.68 4.65 -35.46
C PHE B 91 3.73 5.55 -36.24
N ASP B 92 2.59 5.85 -35.63
CA ASP B 92 1.69 6.86 -36.17
C ASP B 92 2.12 8.25 -35.76
N VAL B 93 2.75 8.40 -34.60
CA VAL B 93 3.23 9.67 -34.11
C VAL B 93 4.43 9.42 -33.20
N ILE B 94 5.42 10.31 -33.28
CA ILE B 94 6.61 10.26 -32.44
C ILE B 94 6.55 11.43 -31.47
N HIS B 95 6.69 11.12 -30.18
CA HIS B 95 6.64 12.13 -29.12
C HIS B 95 8.04 12.30 -28.53
N SER B 96 8.68 13.43 -28.85
CA SER B 96 10.06 13.69 -28.44
C SER B 96 10.09 14.58 -27.21
N HIS B 97 10.93 14.22 -26.25
CA HIS B 97 11.13 14.99 -25.03
C HIS B 97 12.58 15.40 -24.83
N VAL B 98 13.41 15.29 -25.87
CA VAL B 98 14.85 15.52 -25.75
C VAL B 98 15.25 16.89 -26.28
N GLY B 99 14.28 17.75 -26.61
CA GLY B 99 14.60 19.11 -26.99
C GLY B 99 14.95 19.26 -28.46
N TYR B 100 15.77 20.28 -28.74
CA TYR B 100 15.99 20.73 -30.11
C TYR B 100 16.79 19.74 -30.96
N THR B 101 17.50 18.79 -30.34
CA THR B 101 18.33 17.87 -31.10
C THR B 101 17.52 17.02 -32.07
N ALA B 102 16.20 17.02 -31.95
CA ALA B 102 15.32 16.21 -32.80
C ALA B 102 14.68 17.00 -33.93
N LEU B 103 14.86 18.32 -33.98
CA LEU B 103 14.20 19.12 -35.00
C LEU B 103 14.65 18.78 -36.42
N PRO B 104 15.95 18.71 -36.74
CA PRO B 104 16.34 18.38 -38.12
C PRO B 104 15.93 16.99 -38.57
N TYR B 105 15.69 16.06 -37.64
CA TYR B 105 15.27 14.73 -38.04
C TYR B 105 13.83 14.71 -38.55
N THR B 106 12.98 15.63 -38.05
CA THR B 106 11.57 15.59 -38.38
C THR B 106 11.31 15.91 -39.85
N SER B 107 12.09 16.82 -40.44
CA SER B 107 11.92 17.18 -41.84
C SER B 107 12.33 16.07 -42.79
N LEU B 108 12.95 14.99 -42.30
CA LEU B 108 13.46 13.92 -43.16
C LEU B 108 12.57 12.69 -43.16
N VAL B 109 11.59 12.62 -42.26
CA VAL B 109 10.66 11.49 -42.20
C VAL B 109 9.25 11.99 -42.45
N LYS B 110 8.36 11.05 -42.78
CA LYS B 110 6.98 11.37 -43.04
C LYS B 110 6.10 11.25 -41.81
N THR B 111 6.45 10.37 -40.88
CA THR B 111 5.70 10.24 -39.64
C THR B 111 5.74 11.56 -38.85
N PRO B 112 4.60 12.13 -38.48
CA PRO B 112 4.61 13.38 -37.73
C PRO B 112 5.17 13.22 -36.33
N VAL B 113 5.88 14.24 -35.87
CA VAL B 113 6.56 14.23 -34.58
C VAL B 113 5.98 15.33 -33.71
N VAL B 114 5.83 15.04 -32.42
CA VAL B 114 5.34 16.00 -31.43
C VAL B 114 6.47 16.31 -30.46
N HIS B 115 6.76 17.60 -30.28
CA HIS B 115 7.83 18.05 -29.40
C HIS B 115 7.22 18.72 -28.17
N THR B 116 7.38 18.10 -27.01
CA THR B 116 7.07 18.75 -25.74
C THR B 116 8.30 19.54 -25.29
N LEU B 117 8.15 20.85 -25.20
CA LEU B 117 9.23 21.70 -24.71
C LEU B 117 9.33 21.55 -23.20
N HIS B 118 10.48 21.06 -22.72
CA HIS B 118 10.72 20.91 -21.30
C HIS B 118 11.67 21.94 -20.74
N GLY B 119 12.18 22.86 -21.57
CA GLY B 119 13.24 23.76 -21.16
C GLY B 119 12.89 25.20 -21.47
N ARG B 120 13.77 26.09 -21.00
CA ARG B 120 13.66 27.52 -21.24
C ARG B 120 14.25 27.88 -22.60
N PHE B 121 13.63 28.85 -23.26
CA PHE B 121 14.21 29.42 -24.47
C PHE B 121 15.47 30.23 -24.15
N THR B 122 16.50 30.06 -24.96
CA THR B 122 17.75 30.79 -24.80
C THR B 122 18.06 31.57 -26.07
N ALA B 123 18.93 32.58 -25.93
CA ALA B 123 19.38 33.36 -27.09
C ALA B 123 19.86 32.46 -28.22
N ASP B 124 20.51 31.34 -27.89
CA ASP B 124 21.00 30.43 -28.90
C ASP B 124 19.90 29.50 -29.41
N ASN B 125 19.22 28.79 -28.51
CA ASN B 125 18.26 27.79 -28.94
C ASN B 125 17.09 28.39 -29.68
N GLU B 126 16.82 29.69 -29.47
CA GLU B 126 15.80 30.37 -30.26
C GLU B 126 16.04 30.20 -31.75
N ARG B 127 17.32 30.13 -32.16
CA ARG B 127 17.64 30.10 -33.58
C ARG B 127 17.27 28.77 -34.22
N ILE B 128 17.44 27.66 -33.49
CA ILE B 128 17.05 26.38 -34.06
C ILE B 128 15.55 26.19 -34.04
N PHE B 129 14.86 26.69 -33.00
CA PHE B 129 13.41 26.63 -32.99
C PHE B 129 12.81 27.56 -34.04
N SER B 130 13.38 28.76 -34.19
CA SER B 130 12.94 29.69 -35.23
C SER B 130 12.93 29.03 -36.61
N GLN B 131 14.05 28.39 -36.98
CA GLN B 131 14.16 27.74 -38.28
C GLN B 131 13.13 26.63 -38.46
N TYR B 132 12.61 26.07 -37.38
CA TYR B 132 11.67 24.95 -37.43
C TYR B 132 10.35 25.33 -36.76
N ARG B 133 9.94 26.59 -36.94
CA ARG B 133 8.77 27.10 -36.23
C ARG B 133 7.48 26.39 -36.67
N ASN B 134 7.44 25.86 -37.89
CA ASN B 134 6.24 25.23 -38.42
C ASN B 134 6.14 23.78 -37.98
N GLN B 135 6.76 23.44 -36.85
CA GLN B 135 6.66 22.10 -36.28
C GLN B 135 5.71 22.11 -35.09
N ASN B 136 5.39 20.89 -34.62
CA ASN B 136 4.35 20.68 -33.61
C ASN B 136 4.99 20.72 -32.22
N TYR B 137 4.96 21.89 -31.60
CA TYR B 137 5.46 22.07 -30.24
C TYR B 137 4.30 22.04 -29.24
N VAL B 138 4.61 21.58 -28.03
CA VAL B 138 3.68 21.59 -26.91
C VAL B 138 4.39 22.23 -25.73
N SER B 139 3.79 23.26 -25.16
CA SER B 139 4.36 23.91 -23.99
C SER B 139 3.79 23.29 -22.71
N ILE B 140 4.59 23.29 -21.65
CA ILE B 140 4.15 22.82 -20.36
C ILE B 140 3.68 23.95 -19.47
N SER B 141 3.73 25.19 -19.95
CA SER B 141 3.18 26.35 -19.28
C SER B 141 3.04 27.47 -20.29
N HIS B 142 2.10 28.37 -20.03
CA HIS B 142 1.89 29.50 -20.94
C HIS B 142 3.05 30.49 -20.88
N SER B 143 3.54 30.78 -19.67
CA SER B 143 4.69 31.68 -19.54
C SER B 143 5.91 31.19 -20.30
N GLN B 144 5.97 29.88 -20.59
CA GLN B 144 7.10 29.35 -21.36
C GLN B 144 7.06 29.82 -22.80
N ARG B 145 5.90 30.20 -23.31
CA ARG B 145 5.76 30.57 -24.71
C ARG B 145 6.41 31.92 -24.99
N GLN B 146 7.70 32.05 -24.63
CA GLN B 146 8.44 33.28 -24.84
C GLN B 146 8.70 33.56 -26.31
N LEU B 147 8.48 32.58 -27.18
CA LEU B 147 8.50 32.76 -28.62
C LEU B 147 7.07 32.65 -29.12
N ARG B 148 6.45 33.81 -29.40
CA ARG B 148 5.07 33.81 -29.87
C ARG B 148 4.97 33.29 -31.29
N GLU B 149 6.10 33.22 -31.98
CA GLU B 149 6.23 32.83 -33.38
C GLU B 149 6.23 31.32 -33.62
N LEU B 150 6.21 30.49 -32.58
CA LEU B 150 6.20 29.04 -32.77
C LEU B 150 4.78 28.51 -32.96
N ASN B 151 4.68 27.36 -33.64
CA ASN B 151 3.39 26.68 -33.86
C ASN B 151 3.09 25.79 -32.67
N TYR B 152 2.56 26.40 -31.63
CA TYR B 152 2.11 25.67 -30.45
C TYR B 152 0.81 24.90 -30.72
N ILE B 153 0.85 23.58 -30.56
CA ILE B 153 -0.36 22.77 -30.71
C ILE B 153 -1.27 22.93 -29.49
N ALA B 154 -0.69 23.00 -28.30
CA ALA B 154 -1.45 23.10 -27.05
C ALA B 154 -0.48 23.36 -25.91
N THR B 155 -0.99 23.91 -24.82
CA THR B 155 -0.29 23.91 -23.55
C THR B 155 -0.80 22.72 -22.75
N VAL B 156 0.12 21.85 -22.32
CA VAL B 156 -0.24 20.69 -21.52
C VAL B 156 0.57 20.74 -20.23
N TYR B 157 -0.09 21.09 -19.14
CA TYR B 157 0.55 21.10 -17.83
C TYR B 157 1.04 19.70 -17.46
N ASN B 158 2.12 19.65 -16.68
CA ASN B 158 2.67 18.39 -16.22
C ASN B 158 1.75 17.78 -15.15
N ALA B 159 2.14 16.61 -14.66
CA ALA B 159 1.32 15.92 -13.67
C ALA B 159 2.20 14.98 -12.85
N ILE B 160 1.69 14.59 -11.69
CA ILE B 160 2.32 13.61 -10.82
C ILE B 160 1.27 12.58 -10.40
N ALA B 161 1.76 11.47 -9.85
CA ALA B 161 0.89 10.43 -9.29
C ALA B 161 0.63 10.79 -7.84
N VAL B 162 -0.45 11.55 -7.62
CA VAL B 162 -0.75 12.09 -6.29
C VAL B 162 -0.90 10.96 -5.26
N GLU B 163 -1.45 9.81 -5.70
CA GLU B 163 -1.68 8.70 -4.77
C GLU B 163 -0.38 8.17 -4.19
N THR B 164 0.73 8.27 -4.94
CA THR B 164 2.01 7.77 -4.45
C THR B 164 2.67 8.71 -3.45
N HIS B 165 2.15 9.91 -3.28
CA HIS B 165 2.68 10.87 -2.32
C HIS B 165 1.84 10.82 -1.05
N HIS B 166 2.47 10.44 0.06
CA HIS B 166 1.78 10.40 1.34
C HIS B 166 1.39 11.81 1.78
N PHE B 167 0.15 11.96 2.24
CA PHE B 167 -0.37 13.24 2.70
C PHE B 167 -0.02 13.46 4.16
N TYR B 168 0.44 14.65 4.50
CA TYR B 168 0.79 15.01 5.87
C TYR B 168 -0.20 16.04 6.38
N PRO B 169 -1.05 15.70 7.36
CA PRO B 169 -2.03 16.69 7.84
C PRO B 169 -1.40 17.83 8.62
N GLN B 170 -0.44 17.55 9.49
CA GLN B 170 0.19 18.59 10.27
C GLN B 170 1.71 18.48 10.18
N PRO B 171 2.41 19.61 10.09
CA PRO B 171 3.88 19.57 9.97
C PRO B 171 4.54 19.09 11.24
N SER B 172 5.86 18.93 11.15
CA SER B 172 6.65 18.40 12.25
C SER B 172 6.48 19.24 13.52
N ASP B 173 6.58 18.57 14.67
CA ASP B 173 6.30 19.25 15.95
C ASP B 173 7.24 20.42 16.18
N PRO B 174 8.57 20.30 16.03
CA PRO B 174 9.40 21.50 15.89
C PRO B 174 9.51 21.91 14.42
N PRO B 175 9.07 23.11 14.08
CA PRO B 175 8.91 23.48 12.67
C PRO B 175 10.23 23.57 11.91
N TYR B 176 10.15 23.32 10.61
CA TYR B 176 11.28 23.48 9.71
C TYR B 176 10.78 23.79 8.31
N LEU B 177 11.61 24.48 7.53
CA LEU B 177 11.33 24.77 6.14
C LEU B 177 12.12 23.83 5.23
N ALA B 178 11.62 23.64 4.03
CA ALA B 178 12.19 22.67 3.09
C ALA B 178 12.63 23.33 1.79
N PHE B 179 13.75 22.83 1.24
CA PHE B 179 14.16 23.10 -0.13
C PHE B 179 14.38 21.78 -0.83
N LEU B 180 13.77 21.61 -2.01
CA LEU B 180 13.94 20.41 -2.81
C LEU B 180 14.22 20.79 -4.25
N GLY B 181 15.40 20.45 -4.73
CA GLY B 181 15.76 20.69 -6.11
C GLY B 181 17.25 20.63 -6.31
N ARG B 182 17.64 20.62 -7.58
CA ARG B 182 19.06 20.67 -7.92
C ARG B 182 19.68 21.97 -7.42
N LEU B 183 20.84 21.87 -6.80
CA LEU B 183 21.52 23.02 -6.21
C LEU B 183 22.06 23.92 -7.33
N SER B 184 21.15 24.67 -7.93
CA SER B 184 21.47 25.60 -9.00
C SER B 184 20.99 27.00 -8.64
N PRO B 185 21.69 28.05 -9.06
CA PRO B 185 21.20 29.41 -8.83
C PRO B 185 19.79 29.62 -9.36
N GLU B 186 19.41 28.91 -10.42
CA GLU B 186 18.07 29.01 -10.97
C GLU B 186 17.01 28.66 -9.93
N LYS B 187 17.34 27.78 -8.99
CA LYS B 187 16.42 27.41 -7.92
C LYS B 187 16.57 28.27 -6.68
N GLY B 188 17.59 29.13 -6.64
CA GLY B 188 17.82 30.02 -5.54
C GLY B 188 17.87 29.35 -4.17
N PRO B 189 18.75 28.36 -3.98
CA PRO B 189 18.94 27.83 -2.63
C PRO B 189 19.63 28.82 -1.69
N HIS B 190 20.41 29.76 -2.22
CA HIS B 190 20.99 30.80 -1.38
C HIS B 190 19.90 31.70 -0.79
N HIS B 191 18.88 32.01 -1.60
CA HIS B 191 17.71 32.71 -1.06
C HIS B 191 17.04 31.90 0.04
N ALA B 192 16.81 30.61 -0.21
CA ALA B 192 16.12 29.78 0.78
C ALA B 192 16.87 29.75 2.11
N ILE B 193 18.20 29.77 2.07
CA ILE B 193 18.97 29.84 3.30
C ILE B 193 18.80 31.20 3.95
N GLU B 194 18.86 32.27 3.16
CA GLU B 194 18.65 33.61 3.69
C GLU B 194 17.22 33.78 4.19
N ILE B 195 16.25 33.22 3.47
CA ILE B 195 14.86 33.32 3.89
C ILE B 195 14.64 32.56 5.19
N ALA B 196 15.32 31.42 5.36
CA ALA B 196 15.13 30.61 6.55
C ALA B 196 15.65 31.31 7.78
N LYS B 197 16.84 31.90 7.70
CA LYS B 197 17.48 32.45 8.90
C LYS B 197 16.81 33.75 9.34
N ARG B 198 16.30 34.55 8.40
CA ARG B 198 15.66 35.81 8.77
C ARG B 198 14.32 35.57 9.46
N VAL B 199 13.67 34.44 9.17
CA VAL B 199 12.49 34.05 9.91
C VAL B 199 12.86 33.27 11.17
N GLY B 200 14.08 32.74 11.24
CA GLY B 200 14.54 31.98 12.39
C GLY B 200 14.12 30.53 12.42
N ILE B 201 13.57 30.00 11.33
CA ILE B 201 13.11 28.63 11.25
C ILE B 201 14.11 27.81 10.45
N PRO B 202 14.52 26.63 10.89
CA PRO B 202 15.53 25.86 10.17
C PRO B 202 15.11 25.49 8.75
N LEU B 203 16.11 25.09 7.96
CA LEU B 203 15.93 24.71 6.58
C LEU B 203 16.53 23.32 6.37
N ARG B 204 15.73 22.41 5.81
CA ARG B 204 16.19 21.10 5.40
C ARG B 204 16.25 21.05 3.87
N MET B 205 17.42 20.74 3.33
CA MET B 205 17.64 20.79 1.89
C MET B 205 17.89 19.39 1.31
N ALA B 206 17.36 19.16 0.12
CA ALA B 206 17.65 17.95 -0.65
C ALA B 206 17.83 18.32 -2.11
N GLY B 207 18.77 17.66 -2.77
CA GLY B 207 18.97 17.87 -4.20
C GLY B 207 20.33 17.39 -4.63
N LYS B 208 20.53 17.41 -5.95
CA LYS B 208 21.81 17.06 -6.54
C LYS B 208 22.71 18.29 -6.66
N VAL B 209 24.01 18.02 -6.80
CA VAL B 209 25.01 19.06 -7.06
C VAL B 209 25.84 18.55 -8.23
N ASP B 210 25.41 18.86 -9.45
CA ASP B 210 26.11 18.39 -10.63
C ASP B 210 27.23 19.35 -11.04
N ARG B 211 27.99 18.93 -12.07
CA ARG B 211 29.25 19.56 -12.40
C ARG B 211 29.10 21.07 -12.65
N VAL B 212 28.05 21.48 -13.36
CA VAL B 212 27.93 22.87 -13.79
C VAL B 212 27.70 23.80 -12.60
N ASP B 213 27.29 23.27 -11.46
CA ASP B 213 26.96 24.05 -10.27
C ASP B 213 27.93 23.81 -9.14
N ARG B 214 29.01 23.06 -9.39
CA ARG B 214 29.94 22.72 -8.32
C ARG B 214 30.57 23.97 -7.72
N ASP B 215 31.02 24.89 -8.57
CA ASP B 215 31.52 26.17 -8.08
C ASP B 215 30.46 26.92 -7.28
N TYR B 216 29.25 27.00 -7.83
CA TYR B 216 28.16 27.71 -7.13
C TYR B 216 27.89 27.09 -5.77
N PHE B 217 27.90 25.76 -5.68
CA PHE B 217 27.69 25.10 -4.40
C PHE B 217 28.84 25.37 -3.44
N LYS B 218 30.09 25.30 -3.93
CA LYS B 218 31.23 25.49 -3.05
C LYS B 218 31.36 26.93 -2.55
N GLU B 219 31.05 27.92 -3.38
CA GLU B 219 31.22 29.29 -2.90
C GLU B 219 29.99 29.78 -2.14
N LEU B 220 28.81 29.64 -2.74
CA LEU B 220 27.64 30.30 -2.18
C LEU B 220 26.87 29.42 -1.20
N ILE B 221 26.80 28.10 -1.39
CA ILE B 221 25.92 27.24 -0.55
C ILE B 221 26.65 26.50 0.57
N GLU B 222 27.61 25.62 0.25
CA GLU B 222 28.32 24.77 1.26
C GLU B 222 28.73 25.55 2.51
N PRO B 223 29.42 26.70 2.47
CA PRO B 223 29.83 27.38 3.69
C PRO B 223 28.70 27.64 4.70
N HIS B 224 27.44 27.50 4.30
CA HIS B 224 26.34 27.89 5.19
C HIS B 224 25.61 26.72 5.88
N ILE B 225 25.87 25.48 5.48
CA ILE B 225 25.22 24.25 5.94
C ILE B 225 25.77 23.89 7.33
N ASP B 226 25.05 24.20 8.43
CA ASP B 226 25.52 23.69 9.72
C ASP B 226 25.47 22.17 9.73
N GLY B 227 24.32 21.62 9.37
CA GLY B 227 23.95 20.28 9.75
C GLY B 227 22.96 20.28 10.90
N GLU B 228 22.79 21.44 11.55
CA GLU B 228 21.81 21.61 12.63
C GLU B 228 20.69 22.56 12.23
N PHE B 229 21.00 23.81 11.89
CA PHE B 229 20.00 24.77 11.43
C PHE B 229 19.83 24.72 9.93
N ILE B 230 20.91 24.50 9.18
CA ILE B 230 20.87 24.33 7.74
C ILE B 230 21.40 22.92 7.45
N GLN B 231 20.51 22.02 7.04
CA GLN B 231 20.86 20.64 6.74
C GLN B 231 20.71 20.37 5.25
N PHE B 232 21.64 19.58 4.71
CA PHE B 232 21.64 19.21 3.30
C PHE B 232 21.81 17.71 3.20
N ILE B 233 20.81 17.03 2.66
CA ILE B 233 20.85 15.59 2.43
C ILE B 233 21.05 15.39 0.93
N GLY B 234 22.26 15.00 0.54
CA GLY B 234 22.62 14.82 -0.84
C GLY B 234 21.70 13.95 -1.67
N GLU B 235 20.73 14.59 -2.34
CA GLU B 235 19.77 13.96 -3.24
C GLU B 235 18.84 12.99 -2.51
N ALA B 236 17.55 13.08 -2.81
CA ALA B 236 16.52 12.30 -2.12
C ALA B 236 15.71 11.51 -3.13
N ASP B 237 15.45 10.25 -2.82
CA ASP B 237 14.51 9.46 -3.61
C ASP B 237 13.09 9.88 -3.28
N HIS B 238 12.11 9.20 -3.89
CA HIS B 238 10.71 9.60 -3.71
C HIS B 238 10.25 9.57 -2.26
N PRO B 239 10.42 8.47 -1.50
CA PRO B 239 9.99 8.51 -0.09
C PRO B 239 10.72 9.57 0.73
N THR B 240 12.03 9.75 0.51
CA THR B 240 12.78 10.73 1.29
C THR B 240 12.30 12.14 1.02
N LYS B 241 12.08 12.49 -0.25
CA LYS B 241 11.60 13.82 -0.57
C LYS B 241 10.19 14.06 -0.07
N ASN B 242 9.33 13.03 -0.07
CA ASN B 242 7.98 13.19 0.48
C ASN B 242 8.00 13.43 1.98
N ALA B 243 8.87 12.72 2.70
CA ALA B 243 8.99 12.98 4.13
C ALA B 243 9.53 14.38 4.36
N LEU B 244 10.44 14.82 3.50
CA LEU B 244 11.00 16.16 3.63
C LEU B 244 9.94 17.23 3.41
N LEU B 245 9.17 17.12 2.33
CA LEU B 245 8.14 18.11 2.03
C LEU B 245 6.98 18.02 3.02
N GLY B 246 6.52 16.81 3.32
CA GLY B 246 5.38 16.65 4.21
C GLY B 246 5.59 17.28 5.58
N GLY B 247 6.77 17.05 6.18
CA GLY B 247 7.02 17.55 7.52
C GLY B 247 7.18 19.05 7.61
N ALA B 248 7.50 19.71 6.51
CA ALA B 248 7.74 21.14 6.53
C ALA B 248 6.44 21.94 6.55
N ILE B 249 6.50 23.12 7.14
CA ILE B 249 5.36 24.04 7.06
C ILE B 249 5.20 24.56 5.64
N ALA B 250 6.31 24.72 4.92
CA ALA B 250 6.26 25.21 3.55
C ALA B 250 7.53 24.78 2.83
N MET B 251 7.44 24.76 1.50
CA MET B 251 8.60 24.54 0.64
C MET B 251 8.99 25.89 0.04
N LEU B 252 10.24 26.28 0.22
CA LEU B 252 10.75 27.50 -0.38
C LEU B 252 11.10 27.25 -1.84
N PHE B 253 10.54 28.06 -2.73
CA PHE B 253 10.80 27.98 -4.16
C PHE B 253 11.22 29.35 -4.68
N PRO B 254 12.33 29.89 -4.17
CA PRO B 254 12.73 31.27 -4.54
C PRO B 254 13.59 31.28 -5.81
N ILE B 255 12.94 30.94 -6.92
CA ILE B 255 13.64 30.86 -8.20
C ILE B 255 14.10 32.24 -8.66
N THR B 256 15.09 32.23 -9.55
CA THR B 256 15.69 33.43 -10.11
C THR B 256 15.70 33.35 -11.63
N TRP B 257 14.72 32.67 -12.22
CA TRP B 257 14.89 32.09 -13.54
C TRP B 257 13.52 31.78 -14.13
N GLN B 258 13.44 31.82 -15.45
CA GLN B 258 12.18 31.58 -16.17
C GLN B 258 11.87 30.09 -16.10
N GLU B 259 11.36 29.67 -14.95
CA GLU B 259 11.05 28.27 -14.69
C GLU B 259 10.00 27.75 -15.67
N PRO B 260 10.28 26.69 -16.43
CA PRO B 260 9.24 26.14 -17.32
C PRO B 260 8.02 25.63 -16.58
N PHE B 261 8.20 24.92 -15.48
CA PHE B 261 7.05 24.43 -14.71
C PHE B 261 7.40 24.37 -13.23
N GLY B 262 8.15 23.35 -12.82
CA GLY B 262 8.51 23.19 -11.43
C GLY B 262 7.69 22.11 -10.76
N LEU B 263 8.04 20.84 -11.00
CA LEU B 263 7.27 19.73 -10.46
C LEU B 263 7.29 19.72 -8.94
N VAL B 264 8.35 20.27 -8.34
CA VAL B 264 8.46 20.26 -6.88
C VAL B 264 7.32 21.03 -6.24
N MET B 265 6.77 22.02 -6.96
CA MET B 265 5.67 22.80 -6.41
C MET B 265 4.44 21.92 -6.20
N ILE B 266 4.01 21.22 -7.26
CA ILE B 266 2.84 20.35 -7.14
C ILE B 266 3.17 19.09 -6.34
N GLU B 267 4.44 18.73 -6.21
CA GLU B 267 4.81 17.64 -5.31
C GLU B 267 4.66 18.05 -3.85
N SER B 268 5.08 19.28 -3.51
CA SER B 268 4.88 19.78 -2.15
C SER B 268 3.40 19.81 -1.80
N MET B 269 2.58 20.41 -2.66
CA MET B 269 1.14 20.50 -2.40
C MET B 269 0.52 19.11 -2.22
N ALA B 270 0.97 18.13 -3.01
CA ALA B 270 0.47 16.77 -2.87
C ALA B 270 0.66 16.24 -1.46
N ALA B 271 1.81 16.52 -0.85
CA ALA B 271 2.04 16.13 0.54
C ALA B 271 1.24 16.97 1.52
N GLY B 272 0.55 18.01 1.05
CA GLY B 272 -0.14 18.92 1.93
C GLY B 272 0.64 20.15 2.32
N THR B 273 1.82 20.36 1.72
CA THR B 273 2.70 21.45 2.08
C THR B 273 2.59 22.58 1.07
N PRO B 274 2.15 23.77 1.47
CA PRO B 274 2.05 24.88 0.51
C PRO B 274 3.42 25.44 0.15
N VAL B 275 3.46 26.19 -0.96
CA VAL B 275 4.71 26.65 -1.55
C VAL B 275 4.81 28.16 -1.45
N VAL B 276 5.90 28.64 -0.87
CA VAL B 276 6.28 30.05 -0.91
C VAL B 276 7.31 30.20 -2.03
N ALA B 277 6.89 30.77 -3.16
CA ALA B 277 7.73 30.89 -4.34
C ALA B 277 7.83 32.33 -4.81
N ILE B 278 8.91 32.62 -5.53
CA ILE B 278 9.03 33.87 -6.27
C ILE B 278 8.31 33.72 -7.59
N ALA B 279 7.57 34.76 -8.00
CA ALA B 279 6.60 34.68 -9.09
C ALA B 279 7.28 34.89 -10.45
N LYS B 280 8.12 33.94 -10.81
CA LYS B 280 8.76 33.95 -12.12
C LYS B 280 8.40 32.68 -12.90
N GLY B 281 8.37 32.81 -14.21
CA GLY B 281 8.01 31.69 -15.07
C GLY B 281 6.61 31.18 -14.77
N ALA B 282 6.51 29.87 -14.52
CA ALA B 282 5.23 29.18 -14.40
C ALA B 282 4.67 29.20 -12.99
N ALA B 283 5.39 29.74 -12.02
CA ALA B 283 4.88 29.79 -10.65
C ALA B 283 3.52 30.46 -10.53
N PRO B 284 3.27 31.64 -11.13
CA PRO B 284 1.94 32.25 -10.96
C PRO B 284 0.78 31.42 -11.49
N GLU B 285 1.01 30.61 -12.53
CA GLU B 285 -0.04 29.72 -13.03
C GLU B 285 -0.08 28.39 -12.30
N VAL B 286 0.95 28.05 -11.52
CA VAL B 286 0.99 26.80 -10.78
C VAL B 286 0.51 26.98 -9.35
N ILE B 287 0.94 28.05 -8.69
CA ILE B 287 0.50 28.35 -7.33
C ILE B 287 -0.74 29.22 -7.41
N GLU B 288 -1.79 28.82 -6.70
CA GLU B 288 -2.97 29.64 -6.48
C GLU B 288 -2.74 30.43 -5.19
N HIS B 289 -2.47 31.73 -5.35
CA HIS B 289 -2.05 32.60 -4.25
C HIS B 289 -3.07 32.65 -3.11
N GLY B 290 -2.56 32.61 -1.88
CA GLY B 290 -3.38 32.71 -0.69
C GLY B 290 -4.21 31.48 -0.39
N LYS B 291 -4.10 30.44 -1.21
CA LYS B 291 -4.86 29.22 -1.01
C LYS B 291 -3.94 28.00 -0.90
N THR B 292 -3.16 27.72 -1.95
CA THR B 292 -2.17 26.64 -1.91
C THR B 292 -0.75 27.17 -1.79
N GLY B 293 -0.57 28.47 -1.58
CA GLY B 293 0.77 29.02 -1.44
C GLY B 293 0.74 30.54 -1.48
N PHE B 294 1.88 31.12 -1.88
CA PHE B 294 2.04 32.56 -1.87
C PHE B 294 3.00 32.98 -2.97
N LEU B 295 2.53 33.81 -3.90
CA LEU B 295 3.39 34.39 -4.92
C LEU B 295 4.11 35.62 -4.36
N CYS B 296 5.42 35.68 -4.55
CA CYS B 296 6.24 36.73 -3.97
C CYS B 296 7.15 37.38 -5.01
N HIS B 297 7.63 38.58 -4.66
CA HIS B 297 8.54 39.40 -5.46
C HIS B 297 9.86 39.77 -4.80
N SER B 298 10.15 39.25 -3.61
CA SER B 298 11.45 39.50 -3.03
C SER B 298 11.70 38.51 -1.90
N VAL B 299 12.94 38.51 -1.40
CA VAL B 299 13.28 37.75 -0.21
C VAL B 299 12.41 38.22 0.96
N GLU B 300 12.19 39.53 1.06
CA GLU B 300 11.41 40.06 2.17
C GLU B 300 9.95 39.67 2.01
N ASP B 301 9.46 39.64 0.77
CA ASP B 301 8.09 39.21 0.51
C ASP B 301 7.88 37.74 0.90
N CYS B 302 8.91 36.91 0.73
CA CYS B 302 8.84 35.51 1.17
C CYS B 302 8.88 35.40 2.69
N VAL B 303 9.72 36.20 3.35
CA VAL B 303 9.86 36.10 4.81
C VAL B 303 8.53 36.38 5.50
N ALA B 304 7.83 37.42 5.07
CA ALA B 304 6.53 37.74 5.65
C ALA B 304 5.50 36.66 5.35
N ALA B 305 5.57 36.03 4.18
CA ALA B 305 4.59 35.03 3.78
C ALA B 305 4.65 33.76 4.62
N VAL B 306 5.81 33.45 5.19
CA VAL B 306 5.96 32.23 5.97
C VAL B 306 5.10 32.30 7.24
N ALA B 307 4.86 33.50 7.75
CA ALA B 307 4.03 33.64 8.94
C ALA B 307 2.56 33.36 8.66
N GLN B 308 2.12 33.56 7.42
CA GLN B 308 0.73 33.34 7.04
C GLN B 308 0.50 32.00 6.36
N VAL B 309 1.47 31.09 6.45
CA VAL B 309 1.37 29.75 5.88
C VAL B 309 0.50 28.84 6.74
N PRO B 310 0.67 28.80 8.09
CA PRO B 310 -0.22 27.96 8.90
C PRO B 310 -1.70 28.21 8.69
N GLN B 311 -2.05 29.41 8.19
CA GLN B 311 -3.44 29.73 7.95
C GLN B 311 -4.04 28.87 6.85
N LEU B 312 -3.22 28.43 5.90
CA LEU B 312 -3.73 27.70 4.74
C LEU B 312 -4.20 26.31 5.15
N ASP B 313 -5.21 25.81 4.44
CA ASP B 313 -5.68 24.45 4.64
C ASP B 313 -4.78 23.49 3.88
N ARG B 314 -4.08 22.62 4.63
CA ARG B 314 -3.13 21.71 4.01
C ARG B 314 -3.81 20.70 3.10
N MET B 315 -5.04 20.30 3.44
CA MET B 315 -5.77 19.35 2.60
C MET B 315 -6.17 19.97 1.26
N ALA B 316 -6.43 21.28 1.24
CA ALA B 316 -6.72 21.96 -0.02
C ALA B 316 -5.57 21.84 -1.00
N CYS B 317 -4.33 21.80 -0.50
CA CYS B 317 -3.18 21.67 -1.39
C CYS B 317 -3.22 20.37 -2.17
N ARG B 318 -3.45 19.25 -1.47
CA ARG B 318 -3.53 17.96 -2.14
C ARG B 318 -4.68 17.92 -3.14
N ASP B 319 -5.85 18.43 -2.73
CA ASP B 319 -7.01 18.45 -3.63
C ASP B 319 -6.74 19.26 -4.88
N TYR B 320 -5.99 20.35 -4.74
CA TYR B 320 -5.67 21.19 -5.90
C TYR B 320 -4.91 20.40 -6.96
N VAL B 321 -3.96 19.57 -6.55
CA VAL B 321 -3.18 18.80 -7.51
C VAL B 321 -4.04 17.74 -8.17
N TRP B 322 -4.92 17.08 -7.40
CA TRP B 322 -5.85 16.12 -7.97
C TRP B 322 -6.72 16.76 -9.05
N GLN B 323 -7.05 18.03 -8.89
CA GLN B 323 -8.01 18.67 -9.78
C GLN B 323 -7.40 19.05 -11.13
N ARG B 324 -6.18 19.58 -11.12
CA ARG B 324 -5.58 20.09 -12.34
C ARG B 324 -4.31 19.38 -12.78
N PHE B 325 -3.57 18.74 -11.87
CA PHE B 325 -2.27 18.17 -12.20
C PHE B 325 -2.25 16.65 -12.02
N SER B 326 -3.30 15.99 -12.50
CA SER B 326 -3.39 14.54 -12.44
C SER B 326 -2.97 13.93 -13.77
N VAL B 327 -2.49 12.69 -13.71
CA VAL B 327 -2.08 11.99 -14.92
C VAL B 327 -3.26 11.79 -15.86
N GLU B 328 -4.45 11.58 -15.30
CA GLU B 328 -5.67 11.45 -16.09
C GLU B 328 -5.82 12.62 -17.06
N ARG B 329 -5.73 13.85 -16.56
CA ARG B 329 -5.89 15.03 -17.41
C ARG B 329 -4.75 15.16 -18.42
N MET B 330 -3.51 14.99 -17.97
CA MET B 330 -2.36 15.20 -18.83
C MET B 330 -2.37 14.26 -20.04
N VAL B 331 -2.58 12.97 -19.80
CA VAL B 331 -2.49 12.00 -20.89
C VAL B 331 -3.63 12.20 -21.88
N SER B 332 -4.82 12.53 -21.38
CA SER B 332 -5.94 12.82 -22.28
C SER B 332 -5.66 14.05 -23.12
N GLU B 333 -5.04 15.07 -22.53
CA GLU B 333 -4.68 16.26 -23.29
C GLU B 333 -3.64 15.93 -24.34
N TYR B 334 -2.70 15.05 -24.03
CA TYR B 334 -1.71 14.60 -25.02
C TYR B 334 -2.36 13.74 -26.09
N GLU B 335 -3.45 13.04 -25.77
CA GLU B 335 -4.16 12.26 -26.78
C GLU B 335 -4.83 13.18 -27.80
N ALA B 336 -5.49 14.24 -27.34
CA ALA B 336 -6.03 15.25 -28.25
C ALA B 336 -4.94 15.80 -29.16
N VAL B 337 -3.74 16.04 -28.61
CA VAL B 337 -2.63 16.53 -29.43
C VAL B 337 -2.33 15.55 -30.54
N TYR B 338 -2.23 14.26 -30.21
CA TYR B 338 -1.98 13.24 -31.21
C TYR B 338 -3.07 13.22 -32.27
N ASP B 339 -4.33 13.31 -31.85
CA ASP B 339 -5.44 13.34 -32.79
C ASP B 339 -5.33 14.54 -33.72
N THR B 340 -5.03 15.71 -33.16
CA THR B 340 -4.90 16.92 -33.98
C THR B 340 -3.78 16.76 -35.01
N VAL B 341 -2.64 16.25 -34.58
CA VAL B 341 -1.46 16.20 -35.47
C VAL B 341 -1.70 15.19 -36.60
N LEU B 342 -2.35 14.06 -36.30
CA LEU B 342 -2.52 13.00 -37.31
C LEU B 342 -3.55 13.39 -38.40
N ALA B 343 -4.56 14.19 -38.09
CA ALA B 343 -5.60 14.50 -39.09
C ALA B 343 -5.15 15.67 -39.95
N ASN B 344 -4.50 16.65 -39.32
CA ASN B 344 -4.02 17.84 -40.05
C ASN B 344 -2.49 17.74 -40.17
N THR B 345 -1.98 16.75 -40.92
CA THR B 345 -0.51 16.56 -41.01
C THR B 345 0.02 17.42 -42.16
N HIS C 3 -16.29 21.47 -29.38
CA HIS C 3 -16.55 21.76 -30.79
C HIS C 3 -17.82 21.08 -31.28
N MET C 4 -18.67 20.66 -30.35
CA MET C 4 -19.91 19.98 -30.67
C MET C 4 -21.10 20.76 -30.14
N ARG C 5 -22.25 20.57 -30.79
CA ARG C 5 -23.53 21.02 -30.28
C ARG C 5 -24.20 19.80 -29.64
N ILE C 6 -24.41 19.85 -28.32
CA ILE C 6 -24.79 18.68 -27.55
C ILE C 6 -26.04 19.01 -26.74
N ALA C 7 -27.04 18.13 -26.79
CA ALA C 7 -28.23 18.25 -25.97
C ALA C 7 -28.16 17.31 -24.77
N GLN C 8 -28.43 17.85 -23.57
CA GLN C 8 -28.49 17.07 -22.34
C GLN C 8 -29.94 17.02 -21.87
N VAL C 9 -30.54 15.82 -21.90
CA VAL C 9 -31.94 15.64 -21.55
C VAL C 9 -32.00 14.94 -20.19
N ALA C 10 -32.32 15.69 -19.15
CA ALA C 10 -32.38 15.20 -17.78
C ALA C 10 -33.81 14.94 -17.35
N PRO C 11 -34.02 14.07 -16.37
CA PRO C 11 -35.34 13.97 -15.73
C PRO C 11 -35.70 15.27 -15.02
N LEU C 12 -37.00 15.43 -14.77
CA LEU C 12 -37.53 16.65 -14.18
C LEU C 12 -37.95 16.48 -12.73
N TRP C 13 -37.76 15.29 -12.14
CA TRP C 13 -38.12 15.09 -10.74
C TRP C 13 -37.32 16.01 -9.83
N GLU C 14 -36.08 16.29 -10.18
CA GLU C 14 -35.19 17.04 -9.30
C GLU C 14 -34.50 18.17 -10.06
N ARG C 15 -34.18 19.22 -9.31
CA ARG C 15 -33.36 20.31 -9.85
C ARG C 15 -32.02 19.76 -10.32
N VAL C 16 -31.47 20.38 -11.35
CA VAL C 16 -30.14 20.06 -11.87
C VAL C 16 -29.22 21.24 -11.55
N PRO C 17 -28.31 21.12 -10.56
CA PRO C 17 -28.11 19.98 -9.65
C PRO C 17 -29.10 19.98 -8.49
N PRO C 18 -29.34 18.82 -7.89
CA PRO C 18 -30.35 18.72 -6.82
C PRO C 18 -29.84 19.25 -5.50
N PRO C 19 -30.65 20.04 -4.80
CA PRO C 19 -30.25 20.52 -3.46
C PRO C 19 -30.18 19.40 -2.44
N ALA C 20 -30.98 18.35 -2.59
CA ALA C 20 -30.96 17.22 -1.66
C ALA C 20 -30.91 15.91 -2.42
N TYR C 21 -31.93 15.07 -2.28
CA TYR C 21 -31.93 13.79 -2.98
C TYR C 21 -31.92 14.02 -4.49
N GLY C 22 -31.21 13.15 -5.20
CA GLY C 22 -31.17 13.18 -6.64
C GLY C 22 -29.82 12.70 -7.15
N GLY C 23 -29.81 11.56 -7.82
CA GLY C 23 -28.57 11.02 -8.32
C GLY C 23 -28.30 11.37 -9.77
N VAL C 24 -29.25 11.03 -10.65
CA VAL C 24 -29.06 11.25 -12.08
C VAL C 24 -28.92 12.74 -12.37
N GLU C 25 -29.75 13.57 -11.73
CA GLU C 25 -29.69 15.01 -11.94
C GLU C 25 -28.34 15.57 -11.48
N LEU C 26 -27.71 14.95 -10.47
CA LEU C 26 -26.39 15.39 -10.05
C LEU C 26 -25.34 15.02 -11.10
N VAL C 27 -25.37 13.77 -11.58
CA VAL C 27 -24.43 13.36 -12.61
C VAL C 27 -24.62 14.19 -13.87
N VAL C 28 -25.88 14.49 -14.23
CA VAL C 28 -26.13 15.28 -15.42
C VAL C 28 -25.58 16.68 -15.27
N SER C 29 -25.70 17.26 -14.07
CA SER C 29 -25.16 18.59 -13.83
C SER C 29 -23.65 18.61 -14.06
N LEU C 30 -22.92 17.72 -13.38
CA LEU C 30 -21.47 17.69 -13.50
C LEU C 30 -21.04 17.41 -14.93
N LEU C 31 -21.71 16.46 -15.60
CA LEU C 31 -21.37 16.18 -17.00
C LEU C 31 -21.64 17.39 -17.87
N THR C 32 -22.78 18.05 -17.69
CA THR C 32 -23.12 19.22 -18.50
C THR C 32 -22.13 20.36 -18.27
N GLU C 33 -21.96 20.76 -17.01
CA GLU C 33 -21.08 21.90 -16.70
C GLU C 33 -19.67 21.69 -17.24
N GLU C 34 -19.12 20.48 -17.08
CA GLU C 34 -17.75 20.25 -17.52
C GLU C 34 -17.64 20.30 -19.04
N LEU C 35 -18.68 19.86 -19.75
CA LEU C 35 -18.68 19.98 -21.20
C LEU C 35 -18.65 21.45 -21.62
N VAL C 36 -19.35 22.31 -20.87
CA VAL C 36 -19.34 23.73 -21.16
C VAL C 36 -17.95 24.32 -20.97
N LYS C 37 -17.30 23.98 -19.84
CA LYS C 37 -15.93 24.41 -19.63
C LYS C 37 -15.00 23.94 -20.73
N ARG C 38 -15.29 22.78 -21.32
CA ARG C 38 -14.47 22.25 -22.41
C ARG C 38 -14.91 22.77 -23.78
N GLY C 39 -15.72 23.82 -23.82
CA GLY C 39 -16.02 24.49 -25.07
C GLY C 39 -17.10 23.87 -25.93
N HIS C 40 -18.00 23.09 -25.35
CA HIS C 40 -19.11 22.55 -26.12
C HIS C 40 -20.32 23.49 -26.07
N GLU C 41 -21.09 23.50 -27.14
CA GLU C 41 -22.32 24.29 -27.23
C GLU C 41 -23.46 23.41 -26.72
N VAL C 42 -23.70 23.51 -25.41
CA VAL C 42 -24.59 22.58 -24.70
C VAL C 42 -25.94 23.24 -24.44
N THR C 43 -27.02 22.50 -24.72
CA THR C 43 -28.36 22.87 -24.30
C THR C 43 -28.84 21.84 -23.28
N LEU C 44 -29.15 22.29 -22.07
CA LEU C 44 -29.65 21.42 -21.02
C LEU C 44 -31.17 21.52 -20.95
N PHE C 45 -31.84 20.38 -21.01
CA PHE C 45 -33.29 20.31 -20.87
C PHE C 45 -33.59 19.78 -19.48
N ALA C 46 -34.04 20.67 -18.59
CA ALA C 46 -34.24 20.31 -17.20
C ALA C 46 -35.20 21.33 -16.60
N SER C 47 -35.50 21.15 -15.32
CA SER C 47 -36.41 22.04 -14.60
C SER C 47 -35.95 23.48 -14.69
N GLY C 48 -36.92 24.40 -14.54
CA GLY C 48 -36.66 25.82 -14.75
C GLY C 48 -35.79 26.49 -13.69
N ASP C 49 -35.68 25.91 -12.50
CA ASP C 49 -34.82 26.49 -11.47
C ASP C 49 -33.41 25.91 -11.49
N SER C 50 -33.06 25.14 -12.52
CA SER C 50 -31.71 24.59 -12.62
C SER C 50 -30.70 25.72 -12.79
N MET C 51 -29.47 25.46 -12.35
CA MET C 51 -28.38 26.42 -12.44
C MET C 51 -27.29 25.80 -13.30
N THR C 52 -27.20 26.24 -14.54
CA THR C 52 -26.23 25.73 -15.49
C THR C 52 -25.61 26.89 -16.25
N GLN C 53 -24.40 26.69 -16.72
CA GLN C 53 -23.76 27.63 -17.61
C GLN C 53 -24.10 27.39 -19.06
N ALA C 54 -24.90 26.36 -19.33
CA ALA C 54 -25.37 26.06 -20.67
C ALA C 54 -26.74 26.68 -20.93
N LYS C 55 -27.18 26.57 -22.18
CA LYS C 55 -28.53 27.00 -22.53
C LYS C 55 -29.54 26.13 -21.81
N LEU C 56 -30.49 26.77 -21.12
CA LEU C 56 -31.50 26.07 -20.35
C LEU C 56 -32.85 26.20 -21.03
N VAL C 57 -33.41 25.08 -21.47
CA VAL C 57 -34.78 24.99 -21.95
C VAL C 57 -35.56 24.17 -20.94
N SER C 58 -36.64 24.75 -20.41
CA SER C 58 -37.42 24.10 -19.37
C SER C 58 -38.90 24.05 -19.75
N THR C 59 -39.56 22.93 -19.45
CA THR C 59 -40.98 22.78 -19.64
C THR C 59 -41.77 22.91 -18.34
N TYR C 60 -41.10 22.97 -17.19
CA TYR C 60 -41.72 23.24 -15.90
C TYR C 60 -40.70 23.97 -15.02
N PRO C 61 -41.14 24.96 -14.23
CA PRO C 61 -40.17 25.81 -13.52
C PRO C 61 -39.52 25.19 -12.29
N HIS C 62 -40.06 24.11 -11.74
CA HIS C 62 -39.59 23.61 -10.46
C HIS C 62 -39.43 22.09 -10.51
N ALA C 63 -38.65 21.58 -9.56
CA ALA C 63 -38.58 20.14 -9.33
C ALA C 63 -39.98 19.58 -9.08
N ILE C 64 -40.27 18.47 -9.73
CA ILE C 64 -41.63 17.95 -9.74
C ILE C 64 -41.93 17.07 -8.53
N ARG C 65 -40.93 16.36 -7.98
CA ARG C 65 -41.20 15.39 -6.93
C ARG C 65 -41.81 16.05 -5.70
N LEU C 66 -41.29 17.20 -5.29
CA LEU C 66 -41.76 17.88 -4.09
C LEU C 66 -42.74 19.00 -4.37
N ASP C 67 -43.11 19.19 -5.64
CA ASP C 67 -44.09 20.20 -5.98
C ASP C 67 -45.50 19.67 -5.71
N PRO C 68 -46.31 20.34 -4.90
CA PRO C 68 -47.64 19.80 -4.57
C PRO C 68 -48.68 20.03 -5.67
N ASN C 69 -48.39 20.92 -6.63
CA ASN C 69 -49.36 21.30 -7.64
C ASN C 69 -49.36 20.39 -8.86
N VAL C 70 -48.37 19.50 -9.01
CA VAL C 70 -48.25 18.63 -10.17
C VAL C 70 -48.77 17.25 -9.79
N GLN C 71 -49.62 16.69 -10.66
CA GLN C 71 -50.11 15.33 -10.47
C GLN C 71 -49.73 14.38 -11.61
N GLU C 72 -49.33 14.90 -12.77
CA GLU C 72 -49.08 14.09 -13.97
C GLU C 72 -47.70 14.45 -14.49
N TYR C 73 -46.67 13.82 -13.93
CA TYR C 73 -45.30 14.06 -14.37
C TYR C 73 -45.12 13.75 -15.84
N ALA C 74 -45.79 12.69 -16.33
CA ALA C 74 -45.63 12.27 -17.71
C ALA C 74 -45.99 13.38 -18.71
N VAL C 75 -46.82 14.34 -18.31
CA VAL C 75 -47.19 15.42 -19.22
C VAL C 75 -45.96 16.22 -19.63
N TYR C 76 -45.14 16.62 -18.65
CA TYR C 76 -43.99 17.46 -18.94
C TYR C 76 -42.84 16.66 -19.53
N GLU C 77 -42.71 15.39 -19.16
CA GLU C 77 -41.74 14.52 -19.82
C GLU C 77 -41.98 14.48 -21.32
N ALA C 78 -43.23 14.29 -21.74
CA ALA C 78 -43.55 14.29 -23.16
C ALA C 78 -43.32 15.67 -23.77
N LEU C 79 -43.69 16.72 -23.02
CA LEU C 79 -43.41 18.08 -23.47
C LEU C 79 -41.94 18.27 -23.76
N GLN C 80 -41.08 17.81 -22.84
CA GLN C 80 -39.64 17.98 -23.02
C GLN C 80 -39.13 17.20 -24.22
N LEU C 81 -39.53 15.92 -24.32
CA LEU C 81 -39.10 15.12 -25.45
C LEU C 81 -39.60 15.70 -26.77
N GLY C 82 -40.80 16.27 -26.77
CA GLY C 82 -41.27 16.96 -27.96
C GLY C 82 -40.38 18.14 -28.30
N GLU C 83 -40.03 18.94 -27.30
CA GLU C 83 -39.13 20.07 -27.52
C GLU C 83 -37.77 19.59 -28.03
N VAL C 84 -37.24 18.50 -27.46
CA VAL C 84 -35.90 18.03 -27.79
C VAL C 84 -35.83 17.59 -29.25
N PHE C 85 -36.63 16.58 -29.62
CA PHE C 85 -36.50 15.94 -30.93
C PHE C 85 -37.08 16.78 -32.06
N SER C 86 -37.98 17.71 -31.74
CA SER C 86 -38.33 18.75 -32.70
C SER C 86 -37.16 19.67 -32.98
N ARG C 87 -36.14 19.67 -32.10
CA ARG C 87 -34.94 20.47 -32.27
C ARG C 87 -33.72 19.64 -32.63
N ALA C 88 -33.93 18.45 -33.22
CA ALA C 88 -32.81 17.54 -33.49
C ALA C 88 -31.73 18.20 -34.33
N ASN C 89 -32.13 18.98 -35.34
CA ASN C 89 -31.16 19.56 -36.27
C ASN C 89 -30.43 20.77 -35.71
N GLU C 90 -30.66 21.13 -34.45
CA GLU C 90 -29.83 22.09 -33.75
C GLU C 90 -28.69 21.44 -32.98
N PHE C 91 -28.53 20.12 -33.05
CA PHE C 91 -27.56 19.41 -32.25
C PHE C 91 -26.77 18.41 -33.10
N ASP C 92 -25.51 18.21 -32.73
CA ASP C 92 -24.70 17.15 -33.32
C ASP C 92 -24.97 15.81 -32.65
N VAL C 93 -25.29 15.82 -31.36
CA VAL C 93 -25.58 14.59 -30.63
C VAL C 93 -26.55 14.93 -29.50
N ILE C 94 -27.47 14.01 -29.24
CA ILE C 94 -28.42 14.12 -28.14
C ILE C 94 -28.07 13.05 -27.12
N HIS C 95 -27.86 13.45 -25.87
CA HIS C 95 -27.54 12.54 -24.78
C HIS C 95 -28.72 12.49 -23.84
N SER C 96 -29.47 11.40 -23.87
CA SER C 96 -30.71 11.27 -23.12
C SER C 96 -30.47 10.48 -21.84
N HIS C 97 -31.05 10.98 -20.75
CA HIS C 97 -30.96 10.34 -19.44
C HIS C 97 -32.33 10.01 -18.87
N VAL C 98 -33.37 10.00 -19.70
CA VAL C 98 -34.75 9.84 -19.25
C VAL C 98 -35.26 8.41 -19.43
N GLY C 99 -34.38 7.48 -19.78
CA GLY C 99 -34.77 6.07 -19.85
C GLY C 99 -35.40 5.69 -21.18
N TYR C 100 -36.25 4.66 -21.12
CA TYR C 100 -36.76 4.01 -22.33
C TYR C 100 -37.74 4.88 -23.11
N THR C 101 -38.35 5.88 -22.45
CA THR C 101 -39.38 6.70 -23.09
C THR C 101 -38.87 7.49 -24.29
N ALA C 102 -37.56 7.53 -24.51
CA ALA C 102 -36.97 8.26 -25.63
C ALA C 102 -36.61 7.36 -26.80
N LEU C 103 -36.71 6.04 -26.63
CA LEU C 103 -36.33 5.12 -27.71
C LEU C 103 -37.19 5.28 -28.96
N PRO C 104 -38.53 5.32 -28.89
CA PRO C 104 -39.31 5.45 -30.14
C PRO C 104 -39.07 6.77 -30.87
N TYR C 105 -38.59 7.81 -30.18
CA TYR C 105 -38.31 9.07 -30.87
C TYR C 105 -37.08 8.98 -31.76
N THR C 106 -36.11 8.14 -31.39
CA THR C 106 -34.84 8.10 -32.09
C THR C 106 -34.98 7.57 -33.51
N SER C 107 -35.88 6.62 -33.74
CA SER C 107 -36.07 6.09 -35.09
C SER C 107 -36.67 7.10 -36.05
N LEU C 108 -37.13 8.25 -35.55
CA LEU C 108 -37.81 9.24 -36.36
C LEU C 108 -36.92 10.40 -36.74
N VAL C 109 -35.73 10.50 -36.15
CA VAL C 109 -34.82 11.57 -36.51
C VAL C 109 -33.52 11.00 -37.07
N LYS C 110 -32.77 11.86 -37.81
CA LYS C 110 -31.41 11.62 -38.32
C LYS C 110 -30.31 12.02 -37.36
N THR C 111 -30.56 12.96 -36.45
CA THR C 111 -29.58 13.29 -35.42
C THR C 111 -29.33 12.08 -34.51
N PRO C 112 -28.08 11.65 -34.31
CA PRO C 112 -27.82 10.50 -33.42
C PRO C 112 -28.08 10.80 -31.95
N VAL C 113 -28.60 9.80 -31.23
CA VAL C 113 -28.96 9.91 -29.83
C VAL C 113 -28.17 8.90 -29.02
N VAL C 114 -27.70 9.31 -27.84
CA VAL C 114 -26.99 8.45 -26.91
C VAL C 114 -27.81 8.32 -25.63
N HIS C 115 -28.04 7.09 -25.18
CA HIS C 115 -28.84 6.79 -23.99
C HIS C 115 -27.92 6.30 -22.89
N THR C 116 -27.78 7.08 -21.81
CA THR C 116 -27.12 6.59 -20.60
C THR C 116 -28.15 5.86 -19.74
N LEU C 117 -27.93 4.56 -19.52
CA LEU C 117 -28.81 3.77 -18.67
C LEU C 117 -28.53 4.11 -17.21
N HIS C 118 -29.54 4.63 -16.52
CA HIS C 118 -29.44 4.95 -15.11
C HIS C 118 -30.21 3.99 -14.21
N GLY C 119 -30.86 2.97 -14.78
CA GLY C 119 -31.78 2.15 -14.03
C GLY C 119 -31.52 0.66 -14.18
N ARG C 120 -32.30 -0.10 -13.41
CA ARG C 120 -32.26 -1.55 -13.46
C ARG C 120 -33.10 -2.08 -14.61
N PHE C 121 -32.63 -3.15 -15.24
CA PHE C 121 -33.45 -3.87 -16.21
C PHE C 121 -34.59 -4.61 -15.50
N THR C 122 -35.79 -4.52 -16.05
CA THR C 122 -36.95 -5.20 -15.51
C THR C 122 -37.55 -6.11 -16.58
N ALA C 123 -38.35 -7.08 -16.13
CA ALA C 123 -39.06 -7.96 -17.06
C ALA C 123 -39.81 -7.16 -18.13
N ASP C 124 -40.32 -5.98 -17.77
CA ASP C 124 -41.08 -5.17 -18.73
C ASP C 124 -40.14 -4.40 -19.66
N ASN C 125 -39.23 -3.59 -19.09
CA ASN C 125 -38.42 -2.71 -19.93
C ASN C 125 -37.44 -3.47 -20.82
N GLU C 126 -37.08 -4.71 -20.45
CA GLU C 126 -36.14 -5.48 -21.27
C GLU C 126 -36.58 -5.58 -22.72
N ARG C 127 -37.88 -5.75 -22.98
CA ARG C 127 -38.32 -5.95 -24.35
C ARG C 127 -38.41 -4.65 -25.14
N ILE C 128 -38.69 -3.50 -24.50
CA ILE C 128 -38.65 -2.26 -25.28
C ILE C 128 -37.21 -1.93 -25.62
N PHE C 129 -36.27 -2.26 -24.73
CA PHE C 129 -34.86 -2.13 -25.06
C PHE C 129 -34.48 -3.14 -26.12
N SER C 130 -35.00 -4.37 -26.00
CA SER C 130 -34.80 -5.40 -27.03
C SER C 130 -35.21 -4.88 -28.41
N GLN C 131 -36.40 -4.29 -28.51
CA GLN C 131 -36.89 -3.80 -29.80
C GLN C 131 -35.98 -2.74 -30.41
N TYR C 132 -35.17 -2.08 -29.60
CA TYR C 132 -34.28 -1.02 -30.04
C TYR C 132 -32.84 -1.36 -29.70
N ARG C 133 -32.45 -2.62 -29.84
CA ARG C 133 -31.13 -3.06 -29.39
C ARG C 133 -30.00 -2.41 -30.20
N ASN C 134 -30.27 -2.01 -31.45
CA ASN C 134 -29.25 -1.42 -32.31
C ASN C 134 -29.12 0.08 -32.07
N GLN C 135 -29.47 0.50 -30.87
CA GLN C 135 -29.39 1.87 -30.40
C GLN C 135 -28.13 2.06 -29.56
N ASN C 136 -27.74 3.32 -29.36
CA ASN C 136 -26.47 3.62 -28.70
C ASN C 136 -26.70 3.81 -27.21
N TYR C 137 -26.56 2.73 -26.43
CA TYR C 137 -26.68 2.83 -24.98
C TYR C 137 -25.29 2.90 -24.35
N VAL C 138 -25.23 3.54 -23.19
CA VAL C 138 -24.03 3.62 -22.37
C VAL C 138 -24.40 3.16 -20.97
N SER C 139 -23.67 2.18 -20.45
CA SER C 139 -23.92 1.67 -19.11
C SER C 139 -23.05 2.39 -18.09
N ILE C 140 -23.57 2.47 -16.85
CA ILE C 140 -22.84 3.05 -15.75
C ILE C 140 -22.15 2.01 -14.89
N SER C 141 -22.30 0.74 -15.23
CA SER C 141 -21.59 -0.36 -14.56
C SER C 141 -21.69 -1.59 -15.44
N HIS C 142 -20.73 -2.49 -15.27
CA HIS C 142 -20.76 -3.73 -16.03
C HIS C 142 -21.91 -4.62 -15.57
N SER C 143 -22.15 -4.69 -14.26
CA SER C 143 -23.28 -5.45 -13.74
C SER C 143 -24.61 -4.96 -14.29
N GLN C 144 -24.65 -3.73 -14.81
CA GLN C 144 -25.88 -3.24 -15.43
C GLN C 144 -26.14 -3.90 -16.78
N ARG C 145 -25.09 -4.34 -17.48
CA ARG C 145 -25.28 -4.88 -18.83
C ARG C 145 -25.91 -6.28 -18.75
N GLN C 146 -27.01 -6.36 -18.01
CA GLN C 146 -27.71 -7.61 -17.72
C GLN C 146 -28.40 -8.21 -18.94
N LEU C 147 -28.32 -7.47 -20.05
CA LEU C 147 -28.89 -7.90 -21.35
C LEU C 147 -27.79 -7.69 -22.37
N ARG C 148 -27.06 -8.74 -22.74
CA ARG C 148 -25.89 -8.54 -23.64
C ARG C 148 -26.35 -8.23 -25.07
N GLU C 149 -27.63 -8.45 -25.38
CA GLU C 149 -28.10 -8.25 -26.77
C GLU C 149 -28.10 -6.77 -27.12
N LEU C 150 -27.72 -5.90 -26.18
CA LEU C 150 -27.77 -4.49 -26.52
C LEU C 150 -26.42 -4.03 -27.09
N ASN C 151 -26.46 -2.96 -27.89
CA ASN C 151 -25.29 -2.35 -28.51
C ASN C 151 -24.63 -1.37 -27.55
N TYR C 152 -23.92 -1.90 -26.56
CA TYR C 152 -23.23 -1.03 -25.61
C TYR C 152 -22.01 -0.40 -26.27
N ILE C 153 -22.00 0.94 -26.35
CA ILE C 153 -20.83 1.62 -26.89
C ILE C 153 -19.67 1.58 -25.89
N ALA C 154 -19.97 1.73 -24.60
CA ALA C 154 -18.93 1.75 -23.57
C ALA C 154 -19.59 1.73 -22.21
N THR C 155 -18.80 1.33 -21.21
CA THR C 155 -19.16 1.56 -19.81
C THR C 155 -18.50 2.83 -19.32
N VAL C 156 -19.31 3.75 -18.78
CA VAL C 156 -18.81 5.01 -18.22
C VAL C 156 -19.33 5.08 -16.78
N TYR C 157 -18.45 4.84 -15.82
CA TYR C 157 -18.81 4.95 -14.41
C TYR C 157 -19.22 6.39 -14.07
N ASN C 158 -20.09 6.51 -13.07
CA ASN C 158 -20.53 7.81 -12.61
C ASN C 158 -19.40 8.51 -11.84
N ALA C 159 -19.65 9.73 -11.40
CA ALA C 159 -18.63 10.51 -10.72
C ALA C 159 -19.28 11.55 -9.82
N ILE C 160 -18.48 12.10 -8.90
CA ILE C 160 -18.86 13.21 -8.04
C ILE C 160 -17.75 14.25 -8.08
N ALA C 161 -18.08 15.44 -7.58
CA ALA C 161 -17.13 16.54 -7.41
C ALA C 161 -16.48 16.38 -6.05
N VAL C 162 -15.35 15.66 -6.03
CA VAL C 162 -14.69 15.31 -4.77
C VAL C 162 -14.32 16.55 -3.96
N GLU C 163 -13.92 17.63 -4.64
CA GLU C 163 -13.48 18.82 -3.92
C GLU C 163 -14.58 19.41 -3.06
N THR C 164 -15.85 19.26 -3.48
CA THR C 164 -16.96 19.82 -2.73
C THR C 164 -17.32 19.03 -1.47
N HIS C 165 -16.73 17.84 -1.29
CA HIS C 165 -16.99 17.02 -0.12
C HIS C 165 -15.85 17.22 0.89
N HIS C 166 -16.19 17.74 2.06
CA HIS C 166 -15.20 17.96 3.11
C HIS C 166 -14.64 16.62 3.60
N PHE C 167 -13.33 16.55 3.74
CA PHE C 167 -12.66 15.34 4.22
C PHE C 167 -12.60 15.36 5.74
N TYR C 168 -12.92 14.22 6.34
CA TYR C 168 -12.88 14.05 7.80
C TYR C 168 -11.77 13.09 8.16
N PRO C 169 -10.70 13.54 8.83
CA PRO C 169 -9.62 12.59 9.16
C PRO C 169 -10.02 11.58 10.22
N GLN C 170 -10.77 12.00 11.25
CA GLN C 170 -11.16 11.10 12.32
C GLN C 170 -12.66 11.18 12.58
N PRO C 171 -13.30 10.04 12.86
CA PRO C 171 -14.75 10.04 13.08
C PRO C 171 -15.16 10.67 14.41
N SER C 172 -16.48 10.77 14.57
CA SER C 172 -17.11 11.42 15.72
C SER C 172 -16.63 10.81 17.03
N ASP C 173 -16.64 11.63 18.09
CA ASP C 173 -16.02 11.21 19.35
C ASP C 173 -16.67 9.95 19.91
N PRO C 174 -17.98 9.87 20.08
CA PRO C 174 -18.62 8.56 20.25
C PRO C 174 -19.00 7.96 18.91
N PRO C 175 -18.54 6.75 18.61
CA PRO C 175 -18.66 6.24 17.24
C PRO C 175 -20.12 6.01 16.85
N TYR C 176 -20.39 6.13 15.55
CA TYR C 176 -21.72 5.88 15.02
C TYR C 176 -21.63 5.43 13.57
N LEU C 177 -22.64 4.70 13.13
CA LEU C 177 -22.80 4.24 11.76
C LEU C 177 -23.79 5.12 11.00
N ALA C 178 -23.64 5.16 9.68
CA ALA C 178 -24.44 6.03 8.83
C ALA C 178 -25.21 5.23 7.80
N PHE C 179 -26.44 5.67 7.51
CA PHE C 179 -27.20 5.25 6.35
C PHE C 179 -27.61 6.48 5.56
N LEU C 180 -27.35 6.48 4.25
CA LEU C 180 -27.74 7.58 3.38
C LEU C 180 -28.40 7.01 2.14
N GLY C 181 -29.66 7.33 1.95
CA GLY C 181 -30.37 6.92 0.75
C GLY C 181 -31.87 7.03 0.93
N ARG C 182 -32.57 6.86 -0.18
CA ARG C 182 -34.03 6.79 -0.14
C ARG C 182 -34.47 5.57 0.66
N LEU C 183 -35.42 5.77 1.57
CA LEU C 183 -35.89 4.70 2.46
C LEU C 183 -36.69 3.68 1.66
N SER C 184 -35.97 2.84 0.92
CA SER C 184 -36.56 1.82 0.07
C SER C 184 -35.99 0.46 0.42
N PRO C 185 -36.79 -0.61 0.30
CA PRO C 185 -36.25 -1.97 0.47
C PRO C 185 -35.05 -2.23 -0.41
N GLU C 186 -35.00 -1.60 -1.58
CA GLU C 186 -33.86 -1.74 -2.48
C GLU C 186 -32.56 -1.29 -1.81
N LYS C 187 -32.63 -0.32 -0.90
CA LYS C 187 -31.44 0.17 -0.21
C LYS C 187 -31.22 -0.51 1.14
N GLY C 188 -32.18 -1.31 1.60
CA GLY C 188 -32.06 -2.05 2.84
C GLY C 188 -31.68 -1.27 4.08
N PRO C 189 -32.45 -0.23 4.43
CA PRO C 189 -32.22 0.42 5.73
C PRO C 189 -32.67 -0.43 6.91
N HIS C 190 -33.62 -1.33 6.72
CA HIS C 190 -34.02 -2.22 7.80
C HIS C 190 -32.87 -3.14 8.20
N HIS C 191 -32.11 -3.62 7.21
CA HIS C 191 -30.89 -4.35 7.52
C HIS C 191 -29.94 -3.48 8.34
N ALA C 192 -29.76 -2.23 7.92
CA ALA C 192 -28.82 -1.32 8.59
C ALA C 192 -29.18 -1.13 10.06
N ILE C 193 -30.47 -1.09 10.39
CA ILE C 193 -30.84 -0.99 11.81
C ILE C 193 -30.45 -2.28 12.53
N GLU C 194 -30.72 -3.44 11.91
CA GLU C 194 -30.36 -4.71 12.52
C GLU C 194 -28.85 -4.85 12.65
N ILE C 195 -28.09 -4.42 11.64
CA ILE C 195 -26.64 -4.53 11.71
C ILE C 195 -26.10 -3.61 12.81
N ALA C 196 -26.70 -2.42 12.95
CA ALA C 196 -26.18 -1.48 13.93
C ALA C 196 -26.50 -1.93 15.37
N LYS C 197 -27.73 -2.38 15.61
CA LYS C 197 -28.07 -2.73 17.02
C LYS C 197 -27.25 -3.95 17.47
N ARG C 198 -26.89 -4.84 16.55
CA ARG C 198 -26.15 -6.05 16.90
C ARG C 198 -24.66 -5.80 17.15
N VAL C 199 -24.09 -4.77 16.54
CA VAL C 199 -22.72 -4.39 16.87
C VAL C 199 -22.68 -3.45 18.06
N GLY C 200 -23.83 -2.86 18.42
CA GLY C 200 -23.90 -1.93 19.54
C GLY C 200 -23.49 -0.52 19.23
N ILE C 201 -23.34 -0.16 17.96
CA ILE C 201 -22.94 1.18 17.55
C ILE C 201 -24.17 1.89 17.00
N PRO C 202 -24.46 3.13 17.43
CA PRO C 202 -25.67 3.81 16.97
C PRO C 202 -25.67 4.06 15.47
N LEU C 203 -26.86 4.35 14.94
CA LEU C 203 -27.07 4.60 13.52
C LEU C 203 -27.78 5.93 13.32
N ARG C 204 -27.20 6.80 12.50
CA ARG C 204 -27.82 8.05 12.11
C ARG C 204 -28.29 7.96 10.66
N MET C 205 -29.57 8.24 10.45
CA MET C 205 -30.23 8.04 9.16
C MET C 205 -30.62 9.35 8.49
N ALA C 206 -30.50 9.39 7.17
CA ALA C 206 -31.01 10.47 6.36
C ALA C 206 -31.63 9.90 5.08
N GLY C 207 -32.71 10.53 4.63
CA GLY C 207 -33.29 10.15 3.34
C GLY C 207 -34.72 10.63 3.22
N LYS C 208 -35.23 10.52 2.00
CA LYS C 208 -36.62 10.81 1.67
C LYS C 208 -37.47 9.55 1.77
N VAL C 209 -38.78 9.76 1.88
CA VAL C 209 -39.77 8.68 1.84
C VAL C 209 -40.89 9.13 0.90
N ASP C 210 -40.75 8.83 -0.39
CA ASP C 210 -41.77 9.21 -1.35
C ASP C 210 -42.85 8.14 -1.42
N ARG C 211 -43.87 8.38 -2.26
CA ARG C 211 -45.12 7.64 -2.20
C ARG C 211 -44.93 6.12 -2.19
N VAL C 212 -43.99 5.62 -2.99
CA VAL C 212 -43.88 4.18 -3.17
C VAL C 212 -43.38 3.46 -1.93
N ASP C 213 -42.80 4.18 -0.97
CA ASP C 213 -42.17 3.55 0.19
C ASP C 213 -42.84 3.85 1.52
N ARG C 214 -43.98 4.56 1.53
CA ARG C 214 -44.57 4.99 2.79
C ARG C 214 -44.97 3.79 3.66
N ASP C 215 -45.64 2.80 3.07
CA ASP C 215 -45.99 1.59 3.82
C ASP C 215 -44.76 0.91 4.40
N TYR C 216 -43.72 0.75 3.57
CA TYR C 216 -42.49 0.10 4.03
C TYR C 216 -41.86 0.86 5.20
N PHE C 217 -41.81 2.19 5.10
CA PHE C 217 -41.26 2.98 6.19
C PHE C 217 -42.15 2.93 7.43
N LYS C 218 -43.47 3.02 7.25
CA LYS C 218 -44.38 3.02 8.39
C LYS C 218 -44.35 1.71 9.14
N GLU C 219 -44.21 0.59 8.41
CA GLU C 219 -44.24 -0.73 9.02
C GLU C 219 -42.87 -1.19 9.51
N LEU C 220 -41.86 -1.15 8.63
CA LEU C 220 -40.60 -1.83 8.90
C LEU C 220 -39.55 -0.92 9.54
N ILE C 221 -39.55 0.37 9.23
CA ILE C 221 -38.46 1.26 9.62
C ILE C 221 -38.84 2.12 10.82
N GLU C 222 -39.89 2.93 10.66
CA GLU C 222 -40.25 3.92 11.67
C GLU C 222 -40.39 3.37 13.09
N PRO C 223 -41.02 2.20 13.32
CA PRO C 223 -41.12 1.71 14.70
C PRO C 223 -39.78 1.48 15.39
N HIS C 224 -38.67 1.40 14.64
CA HIS C 224 -37.38 1.16 15.24
C HIS C 224 -36.60 2.43 15.53
N ILE C 225 -37.08 3.59 15.06
CA ILE C 225 -36.37 4.84 15.24
C ILE C 225 -36.54 5.28 16.70
N ASP C 226 -35.56 4.95 17.53
CA ASP C 226 -35.59 5.38 18.92
C ASP C 226 -35.59 6.90 19.03
N GLY C 227 -34.70 7.56 18.31
CA GLY C 227 -34.40 8.96 18.51
C GLY C 227 -33.11 9.22 19.27
N GLU C 228 -32.56 8.19 19.93
CA GLU C 228 -31.27 8.29 20.60
C GLU C 228 -30.25 7.37 19.96
N PHE C 229 -30.53 6.06 19.88
CA PHE C 229 -29.62 5.12 19.24
C PHE C 229 -29.87 5.03 17.74
N ILE C 230 -31.12 5.14 17.33
CA ILE C 230 -31.50 5.15 15.92
C ILE C 230 -32.10 6.53 15.66
N GLN C 231 -31.37 7.35 14.91
CA GLN C 231 -31.79 8.70 14.60
C GLN C 231 -32.13 8.84 13.13
N PHE C 232 -33.16 9.62 12.84
CA PHE C 232 -33.59 9.91 11.48
C PHE C 232 -33.73 11.42 11.36
N ILE C 233 -32.94 12.03 10.47
CA ILE C 233 -33.01 13.45 10.23
C ILE C 233 -33.73 13.78 8.94
N GLY C 234 -34.23 12.77 8.24
CA GLY C 234 -34.92 12.99 6.99
C GLY C 234 -33.95 13.34 5.88
N GLU C 235 -34.54 13.70 4.74
CA GLU C 235 -33.76 14.13 3.58
C GLU C 235 -32.72 15.16 3.98
N ALA C 236 -31.50 15.00 3.45
CA ALA C 236 -30.37 15.84 3.82
C ALA C 236 -29.82 16.52 2.58
N ASP C 237 -29.52 17.81 2.69
CA ASP C 237 -28.87 18.53 1.61
C ASP C 237 -27.39 18.15 1.57
N HIS C 238 -26.66 18.75 0.63
CA HIS C 238 -25.25 18.39 0.44
C HIS C 238 -24.42 18.59 1.71
N PRO C 239 -24.41 19.75 2.36
CA PRO C 239 -23.60 19.88 3.58
C PRO C 239 -23.99 18.91 4.67
N THR C 240 -25.29 18.68 4.88
CA THR C 240 -25.71 17.80 5.95
C THR C 240 -25.27 16.35 5.72
N LYS C 241 -25.48 15.84 4.50
CA LYS C 241 -25.11 14.45 4.24
C LYS C 241 -23.62 14.23 4.35
N ASN C 242 -22.82 15.16 3.85
CA ASN C 242 -21.40 15.06 4.10
C ASN C 242 -21.04 15.40 5.53
N ALA C 243 -21.79 16.23 6.22
CA ALA C 243 -21.50 16.30 7.64
C ALA C 243 -21.86 14.98 8.30
N LEU C 244 -22.94 14.35 7.83
CA LEU C 244 -23.39 13.07 8.35
C LEU C 244 -22.43 11.95 8.01
N LEU C 245 -22.06 11.82 6.74
CA LEU C 245 -21.24 10.70 6.30
C LEU C 245 -19.84 10.76 6.89
N GLY C 246 -19.23 11.94 6.90
CA GLY C 246 -17.88 12.08 7.38
C GLY C 246 -17.69 11.61 8.81
N GLY C 247 -18.62 11.95 9.71
CA GLY C 247 -18.47 11.63 11.12
C GLY C 247 -18.56 10.15 11.44
N ALA C 248 -19.16 9.36 10.56
CA ALA C 248 -19.33 7.94 10.84
C ALA C 248 -18.04 7.17 10.59
N ILE C 249 -17.87 6.07 11.33
CA ILE C 249 -16.76 5.18 11.05
C ILE C 249 -16.98 4.44 9.74
N ALA C 250 -18.23 4.17 9.37
CA ALA C 250 -18.54 3.50 8.12
C ALA C 250 -19.97 3.82 7.71
N MET C 251 -20.23 3.66 6.42
CA MET C 251 -21.59 3.78 5.88
C MET C 251 -22.11 2.38 5.56
N LEU C 252 -23.29 2.06 6.10
CA LEU C 252 -23.93 0.79 5.79
C LEU C 252 -24.64 0.87 4.44
N PHE C 253 -24.30 -0.06 3.55
CA PHE C 253 -24.90 -0.15 2.22
C PHE C 253 -25.43 -1.56 1.98
N PRO C 254 -26.41 -2.00 2.79
CA PRO C 254 -26.89 -3.40 2.70
C PRO C 254 -28.01 -3.56 1.68
N ILE C 255 -27.66 -3.40 0.40
CA ILE C 255 -28.66 -3.45 -0.67
C ILE C 255 -29.24 -4.86 -0.80
N THR C 256 -30.45 -4.92 -1.37
CA THR C 256 -31.21 -6.15 -1.60
C THR C 256 -31.64 -6.21 -3.07
N TRP C 257 -30.82 -5.67 -3.95
CA TRP C 257 -31.26 -5.15 -5.24
C TRP C 257 -30.08 -5.01 -6.20
N GLN C 258 -30.37 -5.22 -7.49
CA GLN C 258 -29.36 -5.13 -8.55
C GLN C 258 -29.04 -3.64 -8.76
N GLU C 259 -28.24 -3.12 -7.85
CA GLU C 259 -27.88 -1.70 -7.83
C GLU C 259 -27.18 -1.31 -9.12
N PRO C 260 -27.71 -0.33 -9.86
CA PRO C 260 -26.99 0.14 -11.06
C PRO C 260 -25.63 0.74 -10.76
N PHE C 261 -25.53 1.57 -9.71
CA PHE C 261 -24.24 2.15 -9.34
C PHE C 261 -24.17 2.41 -7.85
N GLY C 262 -24.83 3.48 -7.38
CA GLY C 262 -24.81 3.84 -5.97
C GLY C 262 -23.88 5.01 -5.66
N LEU C 263 -24.35 6.23 -5.92
CA LEU C 263 -23.52 7.41 -5.75
C LEU C 263 -23.11 7.62 -4.30
N VAL C 264 -23.93 7.18 -3.35
CA VAL C 264 -23.62 7.41 -1.94
C VAL C 264 -22.31 6.74 -1.55
N MET C 265 -21.95 5.65 -2.24
CA MET C 265 -20.72 4.93 -1.90
C MET C 265 -19.48 5.80 -2.12
N ILE C 266 -19.36 6.38 -3.31
CA ILE C 266 -18.22 7.25 -3.59
C ILE C 266 -18.36 8.60 -2.90
N GLU C 267 -19.58 9.00 -2.51
CA GLU C 267 -19.72 10.20 -1.70
C GLU C 267 -19.22 9.96 -0.28
N SER C 268 -19.54 8.79 0.28
CA SER C 268 -19.01 8.42 1.59
C SER C 268 -17.49 8.37 1.58
N MET C 269 -16.92 7.64 0.62
CA MET C 269 -15.47 7.50 0.53
C MET C 269 -14.76 8.84 0.41
N ALA C 270 -15.33 9.75 -0.38
CA ALA C 270 -14.73 11.08 -0.52
C ALA C 270 -14.59 11.77 0.83
N ALA C 271 -15.59 11.63 1.69
CA ALA C 271 -15.51 12.17 3.04
C ALA C 271 -14.54 11.39 3.91
N GLY C 272 -13.98 10.29 3.43
CA GLY C 272 -13.10 9.46 4.22
C GLY C 272 -13.79 8.31 4.92
N THR C 273 -15.07 8.07 4.65
CA THR C 273 -15.81 7.02 5.34
C THR C 273 -15.94 5.81 4.45
N PRO C 274 -15.37 4.66 4.81
CA PRO C 274 -15.49 3.46 3.97
C PRO C 274 -16.90 2.87 4.08
N VAL C 275 -17.22 2.02 3.09
CA VAL C 275 -18.56 1.48 2.93
C VAL C 275 -18.54 -0.02 3.16
N VAL C 276 -19.40 -0.48 4.06
CA VAL C 276 -19.69 -1.91 4.24
C VAL C 276 -20.94 -2.23 3.45
N ALA C 277 -20.79 -2.90 2.32
CA ALA C 277 -21.89 -3.14 1.41
C ALA C 277 -22.11 -4.62 1.14
N ILE C 278 -23.34 -4.94 0.73
CA ILE C 278 -23.66 -6.25 0.20
C ILE C 278 -23.25 -6.30 -1.27
N ALA C 279 -22.67 -7.42 -1.70
CA ALA C 279 -22.03 -7.51 -3.00
C ALA C 279 -23.05 -7.86 -4.09
N LYS C 280 -23.98 -6.93 -4.31
CA LYS C 280 -24.96 -7.04 -5.37
C LYS C 280 -24.86 -5.85 -6.31
N GLY C 281 -25.22 -6.07 -7.57
CA GLY C 281 -25.14 -5.03 -8.58
C GLY C 281 -23.73 -4.49 -8.75
N ALA C 282 -23.58 -3.17 -8.66
CA ALA C 282 -22.33 -2.50 -8.96
C ALA C 282 -21.42 -2.34 -7.76
N ALA C 283 -21.86 -2.74 -6.57
CA ALA C 283 -21.03 -2.62 -5.37
C ALA C 283 -19.67 -3.29 -5.51
N PRO C 284 -19.54 -4.52 -6.02
CA PRO C 284 -18.18 -5.08 -6.19
C PRO C 284 -17.30 -4.27 -7.12
N GLU C 285 -17.89 -3.56 -8.09
CA GLU C 285 -17.09 -2.77 -9.01
C GLU C 285 -16.71 -1.41 -8.45
N VAL C 286 -17.40 -0.94 -7.42
CA VAL C 286 -17.15 0.38 -6.85
C VAL C 286 -16.26 0.30 -5.61
N ILE C 287 -16.49 -0.69 -4.75
CA ILE C 287 -15.69 -0.86 -3.54
C ILE C 287 -14.51 -1.78 -3.84
N GLU C 288 -13.32 -1.36 -3.45
CA GLU C 288 -12.16 -2.25 -3.39
C GLU C 288 -12.14 -2.89 -2.02
N HIS C 289 -12.45 -4.19 -1.96
CA HIS C 289 -12.55 -4.89 -0.69
C HIS C 289 -11.26 -4.78 0.10
N GLY C 290 -11.38 -4.54 1.40
CA GLY C 290 -10.22 -4.45 2.25
C GLY C 290 -9.40 -3.19 2.11
N LYS C 291 -9.82 -2.25 1.26
CA LYS C 291 -9.10 -1.00 1.06
C LYS C 291 -10.01 0.20 1.31
N THR C 292 -11.07 0.32 0.51
CA THR C 292 -12.07 1.36 0.68
C THR C 292 -13.37 0.85 1.29
N GLY C 293 -13.41 -0.41 1.72
CA GLY C 293 -14.62 -0.94 2.32
C GLY C 293 -14.54 -2.44 2.47
N PHE C 294 -15.71 -3.07 2.51
CA PHE C 294 -15.81 -4.52 2.70
C PHE C 294 -17.04 -5.02 1.98
N LEU C 295 -16.83 -5.89 0.99
CA LEU C 295 -17.93 -6.54 0.30
C LEU C 295 -18.41 -7.75 1.09
N CYS C 296 -19.71 -7.84 1.30
CA CYS C 296 -20.30 -8.88 2.13
C CYS C 296 -21.41 -9.59 1.39
N HIS C 297 -21.73 -10.80 1.87
CA HIS C 297 -22.75 -11.64 1.23
C HIS C 297 -23.85 -12.05 2.20
N SER C 298 -23.88 -11.50 3.41
CA SER C 298 -24.93 -11.80 4.37
C SER C 298 -24.96 -10.71 5.43
N VAL C 299 -26.02 -10.75 6.25
CA VAL C 299 -26.15 -9.82 7.37
C VAL C 299 -24.94 -9.91 8.29
N GLU C 300 -24.49 -11.15 8.58
CA GLU C 300 -23.39 -11.35 9.51
C GLU C 300 -22.08 -10.83 8.94
N ASP C 301 -21.88 -10.99 7.64
CA ASP C 301 -20.64 -10.54 7.03
C ASP C 301 -20.47 -9.04 7.18
N CYS C 302 -21.58 -8.29 7.17
CA CYS C 302 -21.50 -6.86 7.47
C CYS C 302 -21.21 -6.65 8.95
N VAL C 303 -21.85 -7.42 9.83
CA VAL C 303 -21.64 -7.27 11.27
C VAL C 303 -20.17 -7.53 11.61
N ALA C 304 -19.59 -8.58 11.03
CA ALA C 304 -18.18 -8.86 11.26
C ALA C 304 -17.29 -7.79 10.66
N ALA C 305 -17.69 -7.20 9.53
CA ALA C 305 -16.85 -6.21 8.85
C ALA C 305 -16.72 -4.91 9.62
N VAL C 306 -17.69 -4.59 10.49
CA VAL C 306 -17.63 -3.31 11.21
C VAL C 306 -16.45 -3.30 12.18
N ALA C 307 -16.04 -4.45 12.70
CA ALA C 307 -14.94 -4.47 13.65
C ALA C 307 -13.60 -4.20 12.99
N GLN C 308 -13.45 -4.55 11.71
CA GLN C 308 -12.20 -4.36 10.98
C GLN C 308 -12.22 -3.13 10.07
N VAL C 309 -13.15 -2.22 10.30
CA VAL C 309 -13.25 -0.97 9.55
C VAL C 309 -12.17 0.01 10.00
N PRO C 310 -11.95 0.23 11.33
CA PRO C 310 -10.90 1.18 11.75
C PRO C 310 -9.51 0.92 11.16
N GLN C 311 -9.25 -0.32 10.75
CA GLN C 311 -7.93 -0.62 10.20
C GLN C 311 -7.70 0.10 8.88
N LEU C 312 -8.75 0.43 8.16
CA LEU C 312 -8.61 1.03 6.84
C LEU C 312 -8.10 2.47 6.95
N ASP C 313 -7.37 2.89 5.93
CA ASP C 313 -6.89 4.27 5.83
C ASP C 313 -8.02 5.12 5.25
N ARG C 314 -8.52 6.07 6.06
CA ARG C 314 -9.63 6.90 5.60
C ARG C 314 -9.19 7.83 4.46
N MET C 315 -7.95 8.29 4.48
CA MET C 315 -7.46 9.14 3.39
C MET C 315 -7.33 8.38 2.09
N ALA C 316 -7.00 7.08 2.16
CA ALA C 316 -6.98 6.25 0.96
C ALA C 316 -8.33 6.21 0.27
N CYS C 317 -9.42 6.30 1.03
CA CYS C 317 -10.75 6.30 0.43
C CYS C 317 -10.94 7.52 -0.46
N ARG C 318 -10.59 8.70 0.04
CA ARG C 318 -10.75 9.92 -0.74
C ARG C 318 -9.90 9.87 -2.01
N ASP C 319 -8.63 9.45 -1.88
CA ASP C 319 -7.77 9.31 -3.06
C ASP C 319 -8.35 8.33 -4.07
N TYR C 320 -8.98 7.27 -3.57
CA TYR C 320 -9.58 6.27 -4.45
C TYR C 320 -10.65 6.90 -5.34
N VAL C 321 -11.46 7.80 -4.77
CA VAL C 321 -12.50 8.46 -5.55
C VAL C 321 -11.88 9.38 -6.59
N TRP C 322 -10.81 10.08 -6.21
CA TRP C 322 -10.08 10.91 -7.16
C TRP C 322 -9.55 10.09 -8.34
N GLN C 323 -9.17 8.84 -8.09
CA GLN C 323 -8.48 8.04 -9.10
C GLN C 323 -9.44 7.48 -10.15
N ARG C 324 -10.61 7.01 -9.74
CA ARG C 324 -11.51 6.32 -10.67
C ARG C 324 -12.84 7.01 -10.91
N PHE C 325 -13.32 7.82 -9.95
CA PHE C 325 -14.65 8.39 -10.07
C PHE C 325 -14.61 9.91 -10.07
N SER C 326 -13.71 10.49 -10.86
CA SER C 326 -13.58 11.93 -11.00
C SER C 326 -14.35 12.41 -12.24
N VAL C 327 -14.79 13.66 -12.19
CA VAL C 327 -15.55 14.23 -13.31
C VAL C 327 -14.71 14.31 -14.57
N GLU C 328 -13.42 14.65 -14.42
CA GLU C 328 -12.52 14.72 -15.56
C GLU C 328 -12.56 13.43 -16.38
N ARG C 329 -12.39 12.28 -15.71
CA ARG C 329 -12.40 11.00 -16.40
C ARG C 329 -13.76 10.71 -17.02
N MET C 330 -14.84 10.94 -16.28
CA MET C 330 -16.18 10.66 -16.78
C MET C 330 -16.48 11.43 -18.07
N VAL C 331 -16.19 12.73 -18.07
CA VAL C 331 -16.53 13.57 -19.21
C VAL C 331 -15.67 13.20 -20.42
N SER C 332 -14.41 12.83 -20.19
CA SER C 332 -13.56 12.40 -21.30
C SER C 332 -14.07 11.09 -21.91
N GLU C 333 -14.51 10.15 -21.07
CA GLU C 333 -15.07 8.91 -21.60
C GLU C 333 -16.38 9.16 -22.34
N TYR C 334 -17.19 10.10 -21.84
CA TYR C 334 -18.40 10.47 -22.59
C TYR C 334 -18.06 11.20 -23.88
N GLU C 335 -16.93 11.90 -23.91
CA GLU C 335 -16.50 12.53 -25.15
C GLU C 335 -16.13 11.48 -26.19
N ALA C 336 -15.40 10.44 -25.77
CA ALA C 336 -15.15 9.31 -26.64
C ALA C 336 -16.46 8.71 -27.15
N VAL C 337 -17.47 8.62 -26.28
CA VAL C 337 -18.76 8.07 -26.70
C VAL C 337 -19.36 8.91 -27.83
N TYR C 338 -19.37 10.24 -27.66
CA TYR C 338 -19.88 11.11 -28.72
C TYR C 338 -19.07 10.94 -30.01
N ASP C 339 -17.74 10.87 -29.88
CA ASP C 339 -16.89 10.69 -31.05
C ASP C 339 -17.23 9.42 -31.81
N THR C 340 -17.38 8.30 -31.07
CA THR C 340 -17.69 7.02 -31.70
C THR C 340 -19.04 7.08 -32.43
N VAL C 341 -20.05 7.65 -31.78
CA VAL C 341 -21.39 7.68 -32.37
C VAL C 341 -21.41 8.53 -33.62
N LEU C 342 -20.69 9.67 -33.62
CA LEU C 342 -20.70 10.54 -34.79
C LEU C 342 -19.91 9.94 -35.95
N ALA C 343 -18.96 9.05 -35.67
CA ALA C 343 -18.13 8.45 -36.70
C ALA C 343 -18.74 7.15 -37.21
N ASN C 344 -19.16 6.28 -36.29
CA ASN C 344 -19.79 5.00 -36.67
C ASN C 344 -21.28 5.19 -36.88
N THR C 345 -21.61 6.13 -37.78
CA THR C 345 -23.01 6.42 -38.11
C THR C 345 -23.38 5.79 -39.45
N HIS D 3 8.25 -26.60 27.90
CA HIS D 3 8.18 -27.19 29.23
C HIS D 3 7.04 -28.19 29.32
N MET D 4 6.52 -28.61 28.17
CA MET D 4 5.42 -29.56 28.10
C MET D 4 5.81 -30.79 27.31
N ARG D 5 5.08 -31.88 27.56
CA ARG D 5 5.15 -33.08 26.75
C ARG D 5 4.00 -33.05 25.74
N ILE D 6 4.34 -33.04 24.45
CA ILE D 6 3.37 -32.80 23.39
C ILE D 6 3.44 -33.95 22.40
N ALA D 7 2.28 -34.50 22.06
CA ALA D 7 2.15 -35.52 21.03
C ALA D 7 1.65 -34.88 19.75
N GLN D 8 2.33 -35.16 18.64
CA GLN D 8 1.91 -34.69 17.32
C GLN D 8 1.40 -35.90 16.55
N VAL D 9 0.10 -35.89 16.25
CA VAL D 9 -0.57 -36.99 15.57
C VAL D 9 -0.82 -36.54 14.13
N ALA D 10 -0.05 -37.08 13.20
CA ALA D 10 -0.10 -36.71 11.79
C ALA D 10 -0.84 -37.75 10.97
N PRO D 11 -1.41 -37.36 9.83
CA PRO D 11 -1.89 -38.36 8.87
C PRO D 11 -0.71 -39.15 8.31
N LEU D 12 -1.03 -40.31 7.75
CA LEU D 12 -0.02 -41.23 7.24
C LEU D 12 0.06 -41.27 5.72
N TRP D 13 -0.74 -40.45 5.02
CA TRP D 13 -0.69 -40.45 3.56
C TRP D 13 0.67 -39.99 3.06
N GLU D 14 1.29 -39.04 3.74
CA GLU D 14 2.51 -38.41 3.24
C GLU D 14 3.58 -38.40 4.33
N ARG D 15 4.83 -38.40 3.87
CA ARG D 15 5.96 -38.21 4.76
C ARG D 15 5.85 -36.87 5.49
N VAL D 16 6.39 -36.83 6.70
CA VAL D 16 6.52 -35.63 7.51
C VAL D 16 8.01 -35.29 7.53
N PRO D 17 8.51 -34.36 6.68
CA PRO D 17 7.83 -33.57 5.62
C PRO D 17 7.64 -34.25 4.28
N PRO D 18 6.65 -33.81 3.53
CA PRO D 18 6.38 -34.44 2.25
C PRO D 18 7.42 -33.99 1.23
N PRO D 19 8.00 -34.94 0.50
CA PRO D 19 8.95 -34.54 -0.55
C PRO D 19 8.28 -33.83 -1.70
N ALA D 20 7.01 -34.14 -1.96
CA ALA D 20 6.23 -33.50 -3.01
C ALA D 20 4.89 -33.06 -2.45
N TYR D 21 3.80 -33.64 -2.95
CA TYR D 21 2.49 -33.25 -2.47
C TYR D 21 2.36 -33.52 -0.98
N GLY D 22 1.65 -32.64 -0.28
CA GLY D 22 1.37 -32.81 1.13
C GLY D 22 1.21 -31.49 1.83
N GLY D 23 0.00 -31.20 2.32
CA GLY D 23 -0.26 -29.96 3.01
C GLY D 23 -0.22 -30.08 4.51
N VAL D 24 -1.04 -30.99 5.04
CA VAL D 24 -1.12 -31.15 6.49
C VAL D 24 0.19 -31.67 7.05
N GLU D 25 0.80 -32.65 6.36
CA GLU D 25 2.07 -33.19 6.81
C GLU D 25 3.17 -32.15 6.83
N LEU D 26 3.08 -31.14 5.95
CA LEU D 26 4.05 -30.06 5.97
C LEU D 26 3.87 -29.19 7.21
N VAL D 27 2.63 -28.81 7.52
CA VAL D 27 2.36 -27.99 8.70
C VAL D 27 2.83 -28.68 9.96
N VAL D 28 2.63 -29.99 10.06
CA VAL D 28 3.05 -30.74 11.23
C VAL D 28 4.57 -30.69 11.38
N SER D 29 5.31 -30.72 10.27
CA SER D 29 6.77 -30.59 10.36
C SER D 29 7.20 -29.32 11.02
N LEU D 30 6.79 -28.18 10.45
CA LEU D 30 7.20 -26.88 10.93
C LEU D 30 6.81 -26.72 12.39
N LEU D 31 5.59 -27.15 12.74
CA LEU D 31 5.15 -27.08 14.13
C LEU D 31 6.01 -27.96 15.03
N THR D 32 6.26 -29.20 14.61
CA THR D 32 7.02 -30.13 15.45
C THR D 32 8.45 -29.65 15.69
N GLU D 33 9.20 -29.41 14.61
CA GLU D 33 10.59 -28.99 14.76
C GLU D 33 10.71 -27.74 15.60
N GLU D 34 9.82 -26.76 15.36
CA GLU D 34 9.90 -25.50 16.09
C GLU D 34 9.54 -25.68 17.57
N LEU D 35 8.62 -26.59 17.87
CA LEU D 35 8.34 -26.89 19.27
C LEU D 35 9.55 -27.49 19.95
N VAL D 36 10.28 -28.36 19.24
CA VAL D 36 11.47 -28.98 19.81
C VAL D 36 12.53 -27.91 20.09
N LYS D 37 12.73 -26.99 19.14
CA LYS D 37 13.66 -25.90 19.34
C LYS D 37 13.34 -25.10 20.59
N ARG D 38 12.06 -24.98 20.94
CA ARG D 38 11.61 -24.24 22.10
C ARG D 38 11.59 -25.08 23.38
N GLY D 39 12.22 -26.26 23.36
CA GLY D 39 12.41 -27.02 24.58
C GLY D 39 11.24 -27.85 25.04
N HIS D 40 10.34 -28.22 24.15
CA HIS D 40 9.24 -29.11 24.50
C HIS D 40 9.62 -30.57 24.24
N GLU D 41 9.04 -31.46 25.05
CA GLU D 41 9.23 -32.91 24.88
C GLU D 41 8.16 -33.40 23.91
N VAL D 42 8.52 -33.42 22.62
CA VAL D 42 7.57 -33.67 21.55
C VAL D 42 7.70 -35.12 21.08
N THR D 43 6.57 -35.80 20.95
CA THR D 43 6.51 -37.11 20.30
C THR D 43 5.70 -36.98 19.02
N LEU D 44 6.33 -37.29 17.89
CA LEU D 44 5.68 -37.22 16.59
C LEU D 44 5.20 -38.61 16.17
N PHE D 45 3.93 -38.71 15.81
CA PHE D 45 3.34 -39.93 15.30
C PHE D 45 3.12 -39.76 13.80
N ALA D 46 3.97 -40.40 13.01
CA ALA D 46 3.97 -40.23 11.56
C ALA D 46 4.70 -41.42 10.94
N SER D 47 4.80 -41.41 9.62
CA SER D 47 5.47 -42.49 8.89
C SER D 47 6.91 -42.65 9.36
N GLY D 48 7.44 -43.87 9.19
CA GLY D 48 8.77 -44.19 9.67
C GLY D 48 9.89 -43.53 8.90
N ASP D 49 9.62 -43.05 7.70
CA ASP D 49 10.60 -42.32 6.90
C ASP D 49 10.56 -40.82 7.15
N SER D 50 9.77 -40.37 8.13
CA SER D 50 9.69 -38.96 8.46
C SER D 50 11.03 -38.47 9.00
N MET D 51 11.26 -37.16 8.86
CA MET D 51 12.49 -36.52 9.29
C MET D 51 12.14 -35.50 10.36
N THR D 52 12.38 -35.86 11.63
CA THR D 52 12.08 -34.99 12.75
C THR D 52 13.18 -35.08 13.79
N GLN D 53 13.32 -34.00 14.57
CA GLN D 53 14.18 -33.99 15.74
C GLN D 53 13.43 -34.40 17.01
N ALA D 54 12.14 -34.70 16.92
CA ALA D 54 11.31 -35.15 18.03
C ALA D 54 11.25 -36.68 18.06
N LYS D 55 10.59 -37.23 19.08
CA LYS D 55 10.34 -38.65 19.13
C LYS D 55 9.44 -39.09 17.98
N LEU D 56 9.87 -40.09 17.24
CA LEU D 56 9.11 -40.61 16.11
C LEU D 56 8.56 -41.99 16.47
N VAL D 57 7.24 -42.10 16.54
CA VAL D 57 6.55 -43.37 16.66
C VAL D 57 5.82 -43.62 15.36
N SER D 58 6.12 -44.74 14.71
CA SER D 58 5.55 -45.04 13.40
C SER D 58 4.90 -46.42 13.41
N THR D 59 3.72 -46.50 12.80
CA THR D 59 3.03 -47.77 12.62
C THR D 59 3.19 -48.33 11.22
N TYR D 60 3.75 -47.54 10.29
CA TYR D 60 4.08 -48.00 8.95
C TYR D 60 5.31 -47.21 8.51
N PRO D 61 6.26 -47.85 7.80
CA PRO D 61 7.53 -47.18 7.50
C PRO D 61 7.49 -46.14 6.40
N HIS D 62 6.45 -46.10 5.58
CA HIS D 62 6.49 -45.26 4.37
C HIS D 62 5.18 -44.51 4.22
N ALA D 63 5.23 -43.43 3.42
CA ALA D 63 4.02 -42.77 2.97
C ALA D 63 3.13 -43.77 2.23
N ILE D 64 1.85 -43.77 2.56
CA ILE D 64 0.94 -44.81 2.08
C ILE D 64 0.36 -44.49 0.71
N ARG D 65 0.22 -43.21 0.36
CA ARG D 65 -0.48 -42.84 -0.87
C ARG D 65 0.14 -43.47 -2.11
N LEU D 66 1.47 -43.44 -2.20
CA LEU D 66 2.16 -44.00 -3.36
C LEU D 66 2.75 -45.37 -3.09
N ASP D 67 2.51 -45.94 -1.91
CA ASP D 67 3.01 -47.28 -1.59
C ASP D 67 2.08 -48.33 -2.20
N PRO D 68 2.59 -49.25 -3.02
CA PRO D 68 1.70 -50.21 -3.69
C PRO D 68 1.24 -51.38 -2.83
N ASN D 69 1.88 -51.62 -1.69
CA ASN D 69 1.57 -52.81 -0.90
C ASN D 69 0.41 -52.60 0.06
N VAL D 70 -0.04 -51.37 0.27
CA VAL D 70 -1.10 -51.07 1.23
C VAL D 70 -2.39 -50.86 0.48
N GLN D 71 -3.46 -51.51 0.95
CA GLN D 71 -4.80 -51.32 0.42
C GLN D 71 -5.77 -50.79 1.46
N GLU D 72 -5.43 -50.87 2.75
CA GLU D 72 -6.34 -50.55 3.86
C GLU D 72 -5.63 -49.54 4.76
N TYR D 73 -5.74 -48.27 4.39
CA TYR D 73 -5.13 -47.20 5.17
C TYR D 73 -5.69 -47.16 6.59
N ALA D 74 -6.99 -47.42 6.74
CA ALA D 74 -7.64 -47.34 8.05
C ALA D 74 -6.97 -48.26 9.08
N VAL D 75 -6.29 -49.32 8.64
CA VAL D 75 -5.61 -50.21 9.57
C VAL D 75 -4.50 -49.48 10.31
N TYR D 76 -3.65 -48.75 9.57
CA TYR D 76 -2.50 -48.09 10.18
C TYR D 76 -2.91 -46.80 10.89
N GLU D 77 -3.94 -46.13 10.40
CA GLU D 77 -4.53 -45.02 11.15
C GLU D 77 -5.00 -45.48 12.52
N ALA D 78 -5.71 -46.62 12.56
CA ALA D 78 -6.16 -47.16 13.83
C ALA D 78 -4.99 -47.62 14.69
N LEU D 79 -3.97 -48.22 14.06
CA LEU D 79 -2.75 -48.58 14.77
C LEU D 79 -2.14 -47.38 15.46
N GLN D 80 -2.06 -46.25 14.74
CA GLN D 80 -1.46 -45.04 15.30
C GLN D 80 -2.31 -44.47 16.44
N LEU D 81 -3.63 -44.37 16.23
CA LEU D 81 -4.49 -43.83 17.27
C LEU D 81 -4.47 -44.69 18.52
N GLY D 82 -4.35 -46.01 18.36
CA GLY D 82 -4.17 -46.87 19.51
C GLY D 82 -2.89 -46.58 20.26
N GLU D 83 -1.80 -46.37 19.52
CA GLU D 83 -0.51 -46.08 20.15
C GLU D 83 -0.57 -44.79 20.98
N VAL D 84 -1.18 -43.75 20.43
CA VAL D 84 -1.18 -42.44 21.10
C VAL D 84 -1.92 -42.53 22.43
N PHE D 85 -3.19 -42.92 22.39
CA PHE D 85 -4.04 -42.85 23.57
C PHE D 85 -3.76 -43.96 24.58
N SER D 86 -3.09 -45.03 24.17
CA SER D 86 -2.57 -45.98 25.16
C SER D 86 -1.46 -45.36 25.99
N ARG D 87 -0.77 -44.34 25.46
CA ARG D 87 0.30 -43.64 26.16
C ARG D 87 -0.09 -42.22 26.54
N ALA D 88 -1.40 -41.94 26.66
CA ALA D 88 -1.89 -40.57 26.83
C ALA D 88 -1.25 -39.87 28.03
N ASN D 89 -1.09 -40.59 29.15
CA ASN D 89 -0.56 -39.98 30.37
C ASN D 89 0.96 -39.81 30.33
N GLU D 90 1.59 -40.09 29.19
CA GLU D 90 2.96 -39.68 28.95
C GLU D 90 3.05 -38.27 28.36
N PHE D 91 1.92 -37.59 28.18
CA PHE D 91 1.88 -36.29 27.53
C PHE D 91 1.01 -35.33 28.33
N ASP D 92 1.37 -34.05 28.26
CA ASP D 92 0.52 -33.01 28.81
C ASP D 92 -0.60 -32.63 27.86
N VAL D 93 -0.36 -32.74 26.56
CA VAL D 93 -1.36 -32.40 25.55
C VAL D 93 -1.12 -33.25 24.31
N ILE D 94 -2.21 -33.66 23.67
CA ILE D 94 -2.17 -34.38 22.39
C ILE D 94 -2.72 -33.47 21.31
N HIS D 95 -1.94 -33.26 20.26
CA HIS D 95 -2.33 -32.40 19.15
C HIS D 95 -2.61 -33.27 17.93
N SER D 96 -3.89 -33.40 17.59
CA SER D 96 -4.33 -34.30 16.53
C SER D 96 -4.58 -33.54 15.24
N HIS D 97 -4.09 -34.10 14.13
CA HIS D 97 -4.30 -33.54 12.80
C HIS D 97 -4.97 -34.55 11.87
N VAL D 98 -5.56 -35.61 12.42
CA VAL D 98 -6.11 -36.70 11.61
C VAL D 98 -7.62 -36.61 11.48
N GLY D 99 -8.22 -35.52 11.94
CA GLY D 99 -9.64 -35.31 11.74
C GLY D 99 -10.51 -35.99 12.78
N TYR D 100 -11.73 -36.33 12.36
CA TYR D 100 -12.77 -36.74 13.30
C TYR D 100 -12.52 -38.10 13.92
N THR D 101 -11.66 -38.92 13.31
CA THR D 101 -11.42 -40.28 13.79
C THR D 101 -10.87 -40.33 15.20
N ALA D 102 -10.44 -39.20 15.76
CA ALA D 102 -9.86 -39.15 17.10
C ALA D 102 -10.84 -38.64 18.15
N LEU D 103 -12.01 -38.17 17.76
CA LEU D 103 -12.95 -37.60 18.71
C LEU D 103 -13.45 -38.61 19.73
N PRO D 104 -13.90 -39.82 19.35
CA PRO D 104 -14.33 -40.78 20.38
C PRO D 104 -13.22 -41.18 21.34
N TYR D 105 -11.96 -41.05 20.93
CA TYR D 105 -10.85 -41.36 21.84
C TYR D 105 -10.71 -40.29 22.91
N THR D 106 -11.06 -39.04 22.60
CA THR D 106 -10.81 -37.94 23.52
C THR D 106 -11.66 -38.07 24.77
N SER D 107 -12.90 -38.53 24.62
CA SER D 107 -13.77 -38.74 25.77
C SER D 107 -13.33 -39.90 26.65
N LEU D 108 -12.41 -40.73 26.18
CA LEU D 108 -11.99 -41.94 26.88
C LEU D 108 -10.64 -41.79 27.57
N VAL D 109 -9.92 -40.72 27.31
CA VAL D 109 -8.60 -40.51 27.91
C VAL D 109 -8.65 -39.28 28.80
N LYS D 110 -7.65 -39.19 29.67
CA LYS D 110 -7.60 -38.14 30.67
C LYS D 110 -6.80 -36.93 30.20
N THR D 111 -5.77 -37.15 29.39
CA THR D 111 -5.03 -36.07 28.79
C THR D 111 -5.90 -35.26 27.83
N PRO D 112 -5.98 -33.94 27.97
CA PRO D 112 -6.78 -33.14 27.05
C PRO D 112 -6.19 -33.13 25.64
N VAL D 113 -7.07 -33.14 24.65
CA VAL D 113 -6.68 -33.24 23.24
C VAL D 113 -7.12 -31.98 22.51
N VAL D 114 -6.27 -31.50 21.61
CA VAL D 114 -6.56 -30.37 20.74
C VAL D 114 -6.60 -30.85 19.30
N HIS D 115 -7.68 -30.51 18.60
CA HIS D 115 -7.92 -30.95 17.22
C HIS D 115 -7.78 -29.76 16.27
N THR D 116 -6.78 -29.79 15.40
CA THR D 116 -6.69 -28.83 14.31
C THR D 116 -7.49 -29.36 13.12
N LEU D 117 -8.54 -28.62 12.75
CA LEU D 117 -9.36 -28.96 11.58
C LEU D 117 -8.63 -28.55 10.31
N HIS D 118 -8.32 -29.53 9.46
CA HIS D 118 -7.65 -29.27 8.20
C HIS D 118 -8.57 -29.38 6.98
N GLY D 119 -9.86 -29.70 7.19
CA GLY D 119 -10.74 -30.04 6.10
C GLY D 119 -12.03 -29.25 6.11
N ARG D 120 -12.82 -29.47 5.06
CA ARG D 120 -14.13 -28.86 4.92
C ARG D 120 -15.18 -29.61 5.72
N PHE D 121 -16.13 -28.86 6.29
CA PHE D 121 -17.30 -29.49 6.90
C PHE D 121 -18.18 -30.11 5.82
N THR D 122 -18.67 -31.30 6.08
CA THR D 122 -19.52 -32.03 5.15
C THR D 122 -20.88 -32.31 5.78
N ALA D 123 -21.86 -32.59 4.92
CA ALA D 123 -23.18 -32.99 5.39
C ALA D 123 -23.08 -34.14 6.39
N ASP D 124 -22.13 -35.05 6.17
CA ASP D 124 -21.93 -36.19 7.06
C ASP D 124 -21.07 -35.81 8.28
N ASN D 125 -19.88 -35.25 8.05
CA ASN D 125 -18.95 -35.05 9.17
C ASN D 125 -19.47 -34.05 10.19
N GLU D 126 -20.40 -33.17 9.80
CA GLU D 126 -21.03 -32.27 10.75
C GLU D 126 -21.65 -33.03 11.91
N ARG D 127 -22.15 -34.25 11.67
CA ARG D 127 -22.87 -34.97 12.70
C ARG D 127 -21.95 -35.50 13.80
N ILE D 128 -20.72 -35.90 13.45
CA ILE D 128 -19.79 -36.37 14.48
C ILE D 128 -19.19 -35.20 15.26
N PHE D 129 -18.95 -34.07 14.60
CA PHE D 129 -18.43 -32.90 15.32
C PHE D 129 -19.47 -32.32 16.26
N SER D 130 -20.73 -32.25 15.82
CA SER D 130 -21.81 -31.81 16.70
C SER D 130 -21.83 -32.61 18.00
N GLN D 131 -21.73 -33.94 17.89
CA GLN D 131 -21.75 -34.82 19.05
C GLN D 131 -20.61 -34.54 20.01
N TYR D 132 -19.50 -33.96 19.53
CA TYR D 132 -18.32 -33.71 20.34
C TYR D 132 -17.94 -32.22 20.32
N ARG D 133 -18.94 -31.35 20.30
CA ARG D 133 -18.69 -29.92 20.10
C ARG D 133 -17.93 -29.29 21.27
N ASN D 134 -18.02 -29.85 22.47
CA ASN D 134 -17.36 -29.26 23.63
C ASN D 134 -15.91 -29.70 23.74
N GLN D 135 -15.30 -30.06 22.61
CA GLN D 135 -13.90 -30.42 22.56
C GLN D 135 -13.08 -29.24 22.02
N ASN D 136 -11.76 -29.37 22.10
CA ASN D 136 -10.85 -28.27 21.81
C ASN D 136 -10.51 -28.29 20.33
N TYR D 137 -11.27 -27.54 19.54
CA TYR D 137 -11.02 -27.41 18.12
C TYR D 137 -10.23 -26.14 17.83
N VAL D 138 -9.42 -26.20 16.77
CA VAL D 138 -8.67 -25.05 16.27
C VAL D 138 -8.92 -24.97 14.78
N SER D 139 -9.39 -23.82 14.31
CA SER D 139 -9.61 -23.61 12.89
C SER D 139 -8.38 -22.97 12.25
N ILE D 140 -8.18 -23.27 10.96
CA ILE D 140 -7.09 -22.67 10.21
C ILE D 140 -7.55 -21.48 9.39
N SER D 141 -8.84 -21.14 9.44
CA SER D 141 -9.39 -19.94 8.85
C SER D 141 -10.76 -19.71 9.47
N HIS D 142 -11.20 -18.45 9.48
CA HIS D 142 -12.50 -18.14 10.04
C HIS D 142 -13.63 -18.61 9.14
N SER D 143 -13.49 -18.43 7.83
CA SER D 143 -14.50 -18.91 6.88
C SER D 143 -14.73 -20.41 6.99
N GLN D 144 -13.77 -21.15 7.55
CA GLN D 144 -13.90 -22.59 7.74
C GLN D 144 -14.95 -22.94 8.79
N ARG D 145 -15.25 -22.02 9.71
CA ARG D 145 -16.13 -22.30 10.84
C ARG D 145 -17.58 -22.43 10.43
N GLN D 146 -17.90 -23.29 9.46
CA GLN D 146 -19.27 -23.44 9.02
C GLN D 146 -20.18 -24.05 10.08
N LEU D 147 -19.61 -24.66 11.11
CA LEU D 147 -20.36 -25.11 12.29
C LEU D 147 -19.93 -24.20 13.42
N ARG D 148 -20.74 -23.18 13.73
CA ARG D 148 -20.34 -22.27 14.79
C ARG D 148 -20.53 -22.86 16.18
N GLU D 149 -21.30 -23.94 16.31
CA GLU D 149 -21.59 -24.45 17.64
C GLU D 149 -20.40 -25.18 18.26
N LEU D 150 -19.29 -25.29 17.56
CA LEU D 150 -18.12 -25.96 18.10
C LEU D 150 -17.35 -25.03 19.02
N ASN D 151 -16.63 -25.62 19.97
CA ASN D 151 -15.82 -24.87 20.92
C ASN D 151 -14.46 -24.62 20.29
N TYR D 152 -14.42 -23.61 19.41
CA TYR D 152 -13.16 -23.17 18.82
C TYR D 152 -12.34 -22.45 19.87
N ILE D 153 -11.17 -23.00 20.19
CA ILE D 153 -10.27 -22.31 21.12
C ILE D 153 -9.66 -21.09 20.44
N ALA D 154 -9.34 -21.19 19.17
CA ALA D 154 -8.71 -20.10 18.43
C ALA D 154 -8.67 -20.46 16.96
N THR D 155 -8.54 -19.43 16.13
CA THR D 155 -8.15 -19.59 14.74
C THR D 155 -6.64 -19.40 14.65
N VAL D 156 -5.95 -20.39 14.08
CA VAL D 156 -4.51 -20.32 13.89
C VAL D 156 -4.26 -20.55 12.41
N TYR D 157 -3.96 -19.48 11.68
CA TYR D 157 -3.63 -19.61 10.27
C TYR D 157 -2.37 -20.46 10.11
N ASN D 158 -2.29 -21.16 8.98
CA ASN D 158 -1.13 -21.99 8.69
C ASN D 158 0.07 -21.11 8.41
N ALA D 159 1.21 -21.76 8.15
CA ALA D 159 2.45 -21.05 7.89
C ALA D 159 3.34 -21.94 7.05
N ILE D 160 4.33 -21.32 6.42
CA ILE D 160 5.34 -22.02 5.64
C ILE D 160 6.71 -21.48 6.01
N ALA D 161 7.75 -22.20 5.59
CA ALA D 161 9.13 -21.76 5.79
C ALA D 161 9.49 -20.89 4.60
N VAL D 162 9.23 -19.58 4.74
CA VAL D 162 9.43 -18.65 3.64
C VAL D 162 10.89 -18.66 3.18
N GLU D 163 11.82 -18.82 4.12
CA GLU D 163 13.23 -18.79 3.78
C GLU D 163 13.61 -19.91 2.81
N THR D 164 12.91 -21.04 2.87
CA THR D 164 13.22 -22.16 1.98
C THR D 164 12.70 -21.95 0.56
N HIS D 165 11.88 -20.93 0.33
CA HIS D 165 11.36 -20.63 -1.00
C HIS D 165 12.20 -19.51 -1.60
N HIS D 166 12.86 -19.80 -2.71
CA HIS D 166 13.68 -18.79 -3.38
C HIS D 166 12.80 -17.66 -3.92
N PHE D 167 13.25 -16.43 -3.70
CA PHE D 167 12.51 -15.26 -4.19
C PHE D 167 12.89 -14.95 -5.62
N TYR D 168 11.86 -14.65 -6.42
CA TYR D 168 12.03 -14.33 -7.82
C TYR D 168 11.68 -12.87 -8.12
N PRO D 169 12.66 -12.03 -8.47
CA PRO D 169 12.33 -10.61 -8.73
C PRO D 169 11.56 -10.37 -10.02
N GLN D 170 11.91 -11.08 -11.11
CA GLN D 170 11.27 -10.89 -12.40
C GLN D 170 10.80 -12.24 -12.95
N PRO D 171 9.57 -12.31 -13.45
CA PRO D 171 9.10 -13.61 -13.98
C PRO D 171 9.82 -13.95 -15.28
N SER D 172 9.56 -15.17 -15.76
CA SER D 172 10.26 -15.68 -16.94
C SER D 172 10.07 -14.74 -18.12
N ASP D 173 11.08 -14.71 -19.00
CA ASP D 173 11.09 -13.74 -20.09
C ASP D 173 9.90 -13.88 -21.04
N PRO D 174 9.56 -15.05 -21.56
CA PRO D 174 8.24 -15.22 -22.18
C PRO D 174 7.21 -15.61 -21.13
N PRO D 175 6.16 -14.80 -20.95
CA PRO D 175 5.29 -14.99 -19.80
C PRO D 175 4.49 -16.28 -19.84
N TYR D 176 4.17 -16.79 -18.65
CA TYR D 176 3.34 -17.98 -18.51
C TYR D 176 2.61 -17.89 -17.18
N LEU D 177 1.47 -18.58 -17.13
CA LEU D 177 0.67 -18.70 -15.92
C LEU D 177 0.94 -20.06 -15.28
N ALA D 178 0.72 -20.12 -13.96
CA ALA D 178 1.02 -21.32 -13.18
C ALA D 178 -0.25 -21.85 -12.51
N PHE D 179 -0.34 -23.17 -12.44
CA PHE D 179 -1.32 -23.85 -11.60
C PHE D 179 -0.59 -24.83 -10.70
N LEU D 180 -0.84 -24.74 -9.39
CA LEU D 180 -0.23 -25.64 -8.42
C LEU D 180 -1.31 -26.16 -7.48
N GLY D 181 -1.52 -27.47 -7.51
CA GLY D 181 -2.47 -28.10 -6.62
C GLY D 181 -2.84 -29.47 -7.13
N ARG D 182 -3.54 -30.22 -6.30
CA ARG D 182 -4.08 -31.50 -6.74
C ARG D 182 -5.10 -31.27 -7.86
N LEU D 183 -4.98 -32.05 -8.93
CA LEU D 183 -5.87 -31.93 -10.09
C LEU D 183 -7.26 -32.44 -9.71
N SER D 184 -7.99 -31.61 -8.98
CA SER D 184 -9.33 -31.90 -8.50
C SER D 184 -10.28 -30.79 -8.92
N PRO D 185 -11.55 -31.11 -9.18
CA PRO D 185 -12.53 -30.05 -9.44
C PRO D 185 -12.58 -29.00 -8.34
N GLU D 186 -12.28 -29.40 -7.11
CA GLU D 186 -12.23 -28.44 -6.00
C GLU D 186 -11.22 -27.33 -6.25
N LYS D 187 -10.16 -27.62 -6.98
CA LYS D 187 -9.14 -26.63 -7.32
C LYS D 187 -9.39 -25.97 -8.66
N GLY D 188 -10.35 -26.46 -9.44
CA GLY D 188 -10.70 -25.89 -10.72
C GLY D 188 -9.55 -25.67 -11.69
N PRO D 189 -8.79 -26.73 -12.01
CA PRO D 189 -7.78 -26.58 -13.06
C PRO D 189 -8.38 -26.42 -14.46
N HIS D 190 -9.58 -26.94 -14.68
CA HIS D 190 -10.25 -26.71 -15.96
C HIS D 190 -10.55 -25.23 -16.16
N HIS D 191 -10.95 -24.55 -15.09
CA HIS D 191 -11.12 -23.10 -15.13
C HIS D 191 -9.82 -22.42 -15.54
N ALA D 192 -8.70 -22.86 -14.97
CA ALA D 192 -7.41 -22.25 -15.29
C ALA D 192 -7.10 -22.37 -16.78
N ILE D 193 -7.50 -23.48 -17.40
CA ILE D 193 -7.32 -23.64 -18.85
C ILE D 193 -8.24 -22.68 -19.61
N GLU D 194 -9.45 -22.44 -19.15
CA GLU D 194 -10.32 -21.45 -19.83
C GLU D 194 -9.65 -20.08 -19.77
N ILE D 195 -9.02 -19.77 -18.64
CA ILE D 195 -8.37 -18.49 -18.50
C ILE D 195 -7.16 -18.39 -19.41
N ALA D 196 -6.50 -19.52 -19.70
CA ALA D 196 -5.27 -19.49 -20.49
C ALA D 196 -5.51 -19.00 -21.91
N LYS D 197 -6.53 -19.54 -22.58
CA LYS D 197 -6.76 -19.13 -23.97
C LYS D 197 -7.37 -17.74 -24.07
N ARG D 198 -8.16 -17.34 -23.07
CA ARG D 198 -8.76 -16.01 -23.13
C ARG D 198 -7.77 -14.89 -22.84
N VAL D 199 -6.72 -15.15 -22.05
CA VAL D 199 -5.66 -14.17 -21.88
C VAL D 199 -4.55 -14.31 -22.92
N GLY D 200 -4.43 -15.45 -23.58
CA GLY D 200 -3.38 -15.66 -24.56
C GLY D 200 -2.03 -15.99 -23.98
N ILE D 201 -1.95 -16.27 -22.69
CA ILE D 201 -0.70 -16.57 -22.00
C ILE D 201 -0.66 -18.06 -21.71
N PRO D 202 0.44 -18.76 -21.98
CA PRO D 202 0.49 -20.20 -21.73
C PRO D 202 0.30 -20.54 -20.27
N LEU D 203 0.04 -21.83 -20.02
CA LEU D 203 -0.19 -22.34 -18.68
C LEU D 203 0.74 -23.51 -18.41
N ARG D 204 1.49 -23.44 -17.31
CA ARG D 204 2.31 -24.54 -16.83
C ARG D 204 1.64 -25.12 -15.60
N MET D 205 1.32 -26.41 -15.63
CA MET D 205 0.57 -27.05 -14.57
C MET D 205 1.43 -28.07 -13.83
N ALA D 206 1.26 -28.14 -12.51
CA ALA D 206 1.89 -29.16 -11.70
C ALA D 206 0.91 -29.69 -10.68
N GLY D 207 0.98 -30.99 -10.41
CA GLY D 207 0.15 -31.59 -9.37
C GLY D 207 0.05 -33.08 -9.53
N LYS D 208 -0.55 -33.70 -8.52
CA LYS D 208 -0.84 -35.12 -8.51
C LYS D 208 -2.22 -35.39 -9.10
N VAL D 209 -2.44 -36.64 -9.51
CA VAL D 209 -3.75 -37.12 -9.96
C VAL D 209 -3.99 -38.48 -9.28
N ASP D 210 -4.59 -38.45 -8.09
CA ASP D 210 -4.84 -39.69 -7.38
C ASP D 210 -6.15 -40.32 -7.86
N ARG D 211 -6.43 -41.52 -7.33
CA ARG D 211 -7.47 -42.38 -7.91
C ARG D 211 -8.79 -41.66 -8.10
N VAL D 212 -9.17 -40.79 -7.15
CA VAL D 212 -10.51 -40.20 -7.18
C VAL D 212 -10.69 -39.21 -8.32
N ASP D 213 -9.60 -38.74 -8.91
CA ASP D 213 -9.72 -37.67 -9.92
C ASP D 213 -9.15 -38.12 -11.27
N ARG D 214 -8.90 -39.42 -11.44
CA ARG D 214 -8.34 -39.94 -12.71
C ARG D 214 -9.38 -39.81 -13.82
N ASP D 215 -10.65 -40.10 -13.52
CA ASP D 215 -11.72 -39.92 -14.52
C ASP D 215 -11.85 -38.44 -14.80
N TYR D 216 -11.92 -37.64 -13.75
CA TYR D 216 -11.97 -36.19 -13.90
C TYR D 216 -10.80 -35.72 -14.76
N PHE D 217 -9.61 -36.31 -14.56
CA PHE D 217 -8.44 -35.92 -15.34
C PHE D 217 -8.55 -36.35 -16.80
N LYS D 218 -8.98 -37.58 -17.05
CA LYS D 218 -9.05 -38.08 -18.41
C LYS D 218 -10.13 -37.36 -19.22
N GLU D 219 -11.23 -36.98 -18.59
CA GLU D 219 -12.30 -36.33 -19.33
C GLU D 219 -12.07 -34.82 -19.45
N LEU D 220 -11.83 -34.14 -18.32
CA LEU D 220 -11.89 -32.68 -18.31
C LEU D 220 -10.54 -32.00 -18.53
N ILE D 221 -9.43 -32.59 -18.08
CA ILE D 221 -8.14 -31.91 -18.11
C ILE D 221 -7.29 -32.42 -19.26
N GLU D 222 -7.00 -33.72 -19.25
CA GLU D 222 -6.02 -34.30 -20.16
C GLU D 222 -6.25 -34.01 -21.64
N PRO D 223 -7.47 -34.04 -22.19
CA PRO D 223 -7.63 -33.77 -23.64
C PRO D 223 -7.12 -32.42 -24.08
N HIS D 224 -6.91 -31.47 -23.14
CA HIS D 224 -6.48 -30.13 -23.48
C HIS D 224 -4.97 -29.91 -23.40
N ILE D 225 -4.21 -30.88 -22.91
CA ILE D 225 -2.77 -30.73 -22.73
C ILE D 225 -2.06 -30.78 -24.07
N ASP D 226 -1.77 -29.60 -24.64
CA ASP D 226 -1.06 -29.51 -25.92
C ASP D 226 0.35 -30.09 -25.86
N GLY D 227 1.12 -29.70 -24.84
CA GLY D 227 2.56 -29.84 -24.78
C GLY D 227 3.31 -28.54 -25.02
N GLU D 228 2.64 -27.53 -25.59
CA GLU D 228 3.23 -26.22 -25.77
C GLU D 228 2.48 -25.14 -24.99
N PHE D 229 1.17 -24.99 -25.22
CA PHE D 229 0.38 -23.98 -24.53
C PHE D 229 -0.16 -24.46 -23.19
N ILE D 230 -0.50 -25.73 -23.05
CA ILE D 230 -0.95 -26.31 -21.79
C ILE D 230 0.06 -27.39 -21.42
N GLN D 231 0.87 -27.14 -20.40
CA GLN D 231 1.88 -28.09 -19.96
C GLN D 231 1.55 -28.64 -18.58
N PHE D 232 1.82 -29.94 -18.41
CA PHE D 232 1.56 -30.67 -17.17
C PHE D 232 2.82 -31.44 -16.80
N ILE D 233 3.41 -31.12 -15.65
CA ILE D 233 4.61 -31.83 -15.20
C ILE D 233 4.36 -32.74 -14.00
N GLY D 234 3.30 -33.55 -14.07
CA GLY D 234 2.92 -34.54 -13.06
C GLY D 234 3.60 -34.55 -11.70
N GLU D 235 3.07 -33.80 -10.73
CA GLU D 235 3.56 -33.71 -9.35
C GLU D 235 5.00 -33.17 -9.28
N ALA D 236 5.22 -32.18 -8.42
CA ALA D 236 6.50 -31.48 -8.33
C ALA D 236 7.01 -31.49 -6.91
N ASP D 237 8.30 -31.76 -6.74
CA ASP D 237 8.93 -31.60 -5.43
C ASP D 237 9.11 -30.11 -5.11
N HIS D 238 9.70 -29.84 -3.95
CA HIS D 238 9.83 -28.45 -3.49
C HIS D 238 10.60 -27.56 -4.46
N PRO D 239 11.81 -27.90 -4.91
CA PRO D 239 12.50 -26.98 -5.84
C PRO D 239 11.73 -26.73 -7.14
N THR D 240 11.16 -27.77 -7.73
CA THR D 240 10.47 -27.59 -9.02
C THR D 240 9.24 -26.71 -8.88
N LYS D 241 8.43 -26.94 -7.84
CA LYS D 241 7.23 -26.13 -7.66
C LYS D 241 7.59 -24.67 -7.36
N ASN D 242 8.67 -24.43 -6.62
CA ASN D 242 9.07 -23.06 -6.35
C ASN D 242 9.55 -22.36 -7.62
N ALA D 243 10.26 -23.09 -8.49
CA ALA D 243 10.62 -22.55 -9.79
C ALA D 243 9.38 -22.31 -10.63
N LEU D 244 8.37 -23.17 -10.49
CA LEU D 244 7.14 -23.02 -11.25
C LEU D 244 6.43 -21.72 -10.88
N LEU D 245 6.23 -21.50 -9.58
CA LEU D 245 5.52 -20.31 -9.13
C LEU D 245 6.34 -19.05 -9.35
N GLY D 246 7.63 -19.08 -9.02
CA GLY D 246 8.46 -17.90 -9.18
C GLY D 246 8.49 -17.37 -10.59
N GLY D 247 8.65 -18.27 -11.56
CA GLY D 247 8.74 -17.85 -12.95
C GLY D 247 7.44 -17.32 -13.50
N ALA D 248 6.32 -17.63 -12.85
CA ALA D 248 5.03 -17.21 -13.37
C ALA D 248 4.76 -15.75 -13.08
N ILE D 249 4.01 -15.13 -13.98
CA ILE D 249 3.50 -13.79 -13.74
C ILE D 249 2.40 -13.81 -12.69
N ALA D 250 1.60 -14.88 -12.62
CA ALA D 250 0.58 -15.02 -11.60
C ALA D 250 0.25 -16.50 -11.44
N MET D 251 -0.29 -16.85 -10.28
CA MET D 251 -0.80 -18.20 -10.05
C MET D 251 -2.31 -18.19 -10.10
N LEU D 252 -2.89 -19.04 -10.95
CA LEU D 252 -4.32 -19.21 -11.01
C LEU D 252 -4.79 -20.13 -9.89
N PHE D 253 -5.74 -19.65 -9.09
CA PHE D 253 -6.33 -20.42 -8.00
C PHE D 253 -7.85 -20.44 -8.15
N PRO D 254 -8.37 -21.04 -9.21
CA PRO D 254 -9.83 -20.97 -9.47
C PRO D 254 -10.60 -22.07 -8.75
N ILE D 255 -10.63 -21.97 -7.43
CA ILE D 255 -11.31 -22.96 -6.62
C ILE D 255 -12.83 -22.89 -6.83
N THR D 256 -13.49 -24.02 -6.58
CA THR D 256 -14.92 -24.17 -6.74
C THR D 256 -15.55 -24.71 -5.46
N TRP D 257 -14.95 -24.39 -4.31
CA TRP D 257 -15.10 -25.23 -3.14
C TRP D 257 -14.69 -24.46 -1.91
N GLN D 258 -15.30 -24.81 -0.77
CA GLN D 258 -15.07 -24.12 0.51
C GLN D 258 -13.67 -24.49 1.02
N GLU D 259 -12.65 -23.84 0.45
CA GLU D 259 -11.24 -24.08 0.74
C GLU D 259 -10.93 -23.79 2.21
N PRO D 260 -10.39 -24.77 2.93
CA PRO D 260 -9.99 -24.49 4.34
C PRO D 260 -8.95 -23.41 4.48
N PHE D 261 -7.90 -23.45 3.65
CA PHE D 261 -6.83 -22.46 3.70
C PHE D 261 -6.24 -22.27 2.31
N GLY D 262 -5.43 -23.24 1.88
CA GLY D 262 -4.80 -23.16 0.57
C GLY D 262 -3.35 -22.77 0.66
N LEU D 263 -2.49 -23.72 1.02
CA LEU D 263 -1.09 -23.42 1.25
C LEU D 263 -0.40 -22.90 -0.01
N VAL D 264 -0.87 -23.32 -1.19
CA VAL D 264 -0.23 -22.87 -2.43
C VAL D 264 -0.29 -21.36 -2.56
N MET D 265 -1.32 -20.74 -1.97
CA MET D 265 -1.46 -19.29 -2.06
C MET D 265 -0.28 -18.58 -1.39
N ILE D 266 0.00 -18.92 -0.13
CA ILE D 266 1.13 -18.31 0.55
C ILE D 266 2.45 -18.84 0.01
N GLU D 267 2.44 -20.00 -0.65
CA GLU D 267 3.63 -20.48 -1.34
C GLU D 267 3.90 -19.66 -2.59
N SER D 268 2.86 -19.35 -3.36
CA SER D 268 3.02 -18.49 -4.53
C SER D 268 3.57 -17.12 -4.13
N MET D 269 2.90 -16.46 -3.19
CA MET D 269 3.33 -15.14 -2.73
C MET D 269 4.75 -15.17 -2.19
N ALA D 270 5.11 -16.25 -1.47
CA ALA D 270 6.47 -16.39 -0.95
C ALA D 270 7.50 -16.31 -2.08
N ALA D 271 7.21 -16.93 -3.22
CA ALA D 271 8.09 -16.82 -4.38
C ALA D 271 8.02 -15.45 -5.04
N GLY D 272 7.12 -14.57 -4.61
CA GLY D 272 6.93 -13.29 -5.25
C GLY D 272 5.87 -13.25 -6.31
N THR D 273 5.10 -14.32 -6.49
CA THR D 273 4.12 -14.42 -7.55
C THR D 273 2.72 -14.18 -6.98
N PRO D 274 2.02 -13.14 -7.44
CA PRO D 274 0.66 -12.90 -6.91
C PRO D 274 -0.33 -13.93 -7.43
N VAL D 275 -1.47 -14.02 -6.75
CA VAL D 275 -2.45 -15.07 -6.98
C VAL D 275 -3.74 -14.46 -7.52
N VAL D 276 -4.21 -14.97 -8.65
CA VAL D 276 -5.55 -14.68 -9.17
C VAL D 276 -6.45 -15.82 -8.70
N ALA D 277 -7.25 -15.57 -7.68
CA ALA D 277 -8.07 -16.60 -7.07
C ALA D 277 -9.55 -16.22 -7.10
N ILE D 278 -10.39 -17.25 -7.04
CA ILE D 278 -11.82 -17.06 -6.83
C ILE D 278 -12.07 -16.91 -5.33
N ALA D 279 -12.95 -15.98 -4.98
CA ALA D 279 -13.13 -15.57 -3.58
C ALA D 279 -14.07 -16.51 -2.82
N LYS D 280 -13.64 -17.76 -2.69
CA LYS D 280 -14.35 -18.76 -1.92
C LYS D 280 -13.46 -19.30 -0.80
N GLY D 281 -14.10 -19.73 0.28
CA GLY D 281 -13.35 -20.23 1.43
C GLY D 281 -12.42 -19.19 2.00
N ALA D 282 -11.14 -19.56 2.09
CA ALA D 282 -10.13 -18.77 2.80
C ALA D 282 -9.44 -17.73 1.93
N ALA D 283 -9.76 -17.66 0.63
CA ALA D 283 -9.11 -16.69 -0.24
C ALA D 283 -9.19 -15.24 0.26
N PRO D 284 -10.34 -14.72 0.69
CA PRO D 284 -10.35 -13.33 1.20
C PRO D 284 -9.44 -13.12 2.41
N GLU D 285 -9.22 -14.16 3.22
CA GLU D 285 -8.35 -14.04 4.38
C GLU D 285 -6.87 -14.26 4.06
N VAL D 286 -6.55 -14.89 2.93
CA VAL D 286 -5.17 -15.18 2.58
C VAL D 286 -4.61 -14.15 1.61
N ILE D 287 -5.38 -13.77 0.61
CA ILE D 287 -4.97 -12.77 -0.37
C ILE D 287 -5.40 -11.39 0.12
N GLU D 288 -4.49 -10.43 0.06
CA GLU D 288 -4.85 -9.02 0.20
C GLU D 288 -5.23 -8.51 -1.18
N HIS D 289 -6.52 -8.26 -1.38
CA HIS D 289 -7.02 -7.87 -2.69
C HIS D 289 -6.33 -6.62 -3.19
N GLY D 290 -5.93 -6.63 -4.46
CA GLY D 290 -5.30 -5.48 -5.06
C GLY D 290 -3.88 -5.20 -4.61
N LYS D 291 -3.30 -6.04 -3.75
CA LYS D 291 -1.94 -5.83 -3.26
C LYS D 291 -1.04 -7.03 -3.56
N THR D 292 -1.35 -8.21 -3.03
CA THR D 292 -0.62 -9.43 -3.36
C THR D 292 -1.41 -10.34 -4.28
N GLY D 293 -2.54 -9.87 -4.81
CA GLY D 293 -3.33 -10.68 -5.71
C GLY D 293 -4.66 -10.02 -6.00
N PHE D 294 -5.63 -10.83 -6.39
CA PHE D 294 -6.93 -10.33 -6.81
C PHE D 294 -8.01 -11.35 -6.50
N LEU D 295 -8.99 -10.94 -5.70
CA LEU D 295 -10.16 -11.76 -5.43
C LEU D 295 -11.14 -11.65 -6.59
N CYS D 296 -11.58 -12.79 -7.11
CA CYS D 296 -12.40 -12.83 -8.31
C CYS D 296 -13.66 -13.66 -8.07
N HIS D 297 -14.65 -13.45 -8.92
CA HIS D 297 -15.94 -14.11 -8.78
C HIS D 297 -16.38 -14.88 -10.02
N SER D 298 -15.57 -14.93 -11.07
CA SER D 298 -15.91 -15.69 -12.27
C SER D 298 -14.66 -15.81 -13.14
N VAL D 299 -14.77 -16.59 -14.23
CA VAL D 299 -13.71 -16.69 -15.22
C VAL D 299 -13.36 -15.32 -15.81
N GLU D 300 -14.38 -14.51 -16.11
CA GLU D 300 -14.08 -13.23 -16.74
C GLU D 300 -13.44 -12.29 -15.73
N ASP D 301 -13.87 -12.36 -14.47
CA ASP D 301 -13.24 -11.55 -13.43
C ASP D 301 -11.78 -11.94 -13.23
N CYS D 302 -11.44 -13.23 -13.38
CA CYS D 302 -10.04 -13.64 -13.32
C CYS D 302 -9.26 -13.14 -14.54
N VAL D 303 -9.87 -13.24 -15.73
CA VAL D 303 -9.20 -12.78 -16.94
C VAL D 303 -8.86 -11.30 -16.83
N ALA D 304 -9.80 -10.50 -16.31
CA ALA D 304 -9.53 -9.08 -16.11
C ALA D 304 -8.39 -8.85 -15.14
N ALA D 305 -8.26 -9.71 -14.12
CA ALA D 305 -7.20 -9.52 -13.13
C ALA D 305 -5.82 -9.78 -13.71
N VAL D 306 -5.74 -10.61 -14.77
CA VAL D 306 -4.43 -10.93 -15.35
C VAL D 306 -3.82 -9.69 -16.01
N ALA D 307 -4.65 -8.76 -16.47
CA ALA D 307 -4.13 -7.52 -17.04
C ALA D 307 -3.52 -6.64 -15.96
N GLN D 308 -3.99 -6.78 -14.73
CA GLN D 308 -3.55 -5.96 -13.60
C GLN D 308 -2.52 -6.68 -12.72
N VAL D 309 -1.92 -7.75 -13.22
CA VAL D 309 -0.93 -8.51 -12.41
C VAL D 309 0.47 -7.90 -12.60
N PRO D 310 0.95 -7.51 -13.82
CA PRO D 310 2.25 -6.87 -13.93
C PRO D 310 2.25 -5.53 -13.20
N GLN D 311 1.13 -5.16 -12.58
CA GLN D 311 1.02 -3.82 -11.93
C GLN D 311 1.25 -3.93 -10.42
N LEU D 312 1.31 -5.16 -9.90
CA LEU D 312 1.45 -5.37 -8.44
C LEU D 312 2.93 -5.43 -8.05
N ASP D 313 3.25 -5.05 -6.82
CA ASP D 313 4.63 -5.19 -6.32
C ASP D 313 4.93 -6.64 -5.92
N ARG D 314 5.87 -7.28 -6.62
CA ARG D 314 6.17 -8.69 -6.36
C ARG D 314 6.89 -8.89 -5.01
N MET D 315 7.74 -7.93 -4.63
CA MET D 315 8.45 -8.05 -3.36
C MET D 315 7.50 -7.88 -2.17
N ALA D 316 6.46 -7.06 -2.33
CA ALA D 316 5.46 -6.93 -1.28
C ALA D 316 4.81 -8.28 -0.96
N CYS D 317 4.70 -9.16 -1.96
CA CYS D 317 4.11 -10.48 -1.74
C CYS D 317 4.90 -11.29 -0.72
N ARG D 318 6.22 -11.35 -0.88
CA ARG D 318 7.06 -12.10 0.05
C ARG D 318 6.97 -11.52 1.47
N ASP D 319 7.04 -10.19 1.59
CA ASP D 319 6.93 -9.57 2.90
C ASP D 319 5.59 -9.88 3.55
N TYR D 320 4.54 -9.97 2.74
CA TYR D 320 3.21 -10.27 3.27
C TYR D 320 3.20 -11.63 3.97
N VAL D 321 3.84 -12.64 3.37
CA VAL D 321 3.85 -13.97 3.98
C VAL D 321 4.68 -13.96 5.25
N TRP D 322 5.82 -13.26 5.24
CA TRP D 322 6.62 -13.09 6.45
C TRP D 322 5.82 -12.45 7.57
N GLN D 323 4.88 -11.57 7.23
CA GLN D 323 4.18 -10.77 8.24
C GLN D 323 3.10 -11.55 8.96
N ARG D 324 2.32 -12.37 8.23
CA ARG D 324 1.19 -13.07 8.83
C ARG D 324 1.30 -14.59 8.79
N PHE D 325 2.08 -15.16 7.87
CA PHE D 325 2.09 -16.61 7.71
C PHE D 325 3.48 -17.19 7.98
N SER D 326 4.12 -16.75 9.06
CA SER D 326 5.43 -17.24 9.46
C SER D 326 5.30 -18.33 10.51
N VAL D 327 6.31 -19.21 10.55
CA VAL D 327 6.32 -20.31 11.52
C VAL D 327 6.35 -19.77 12.95
N GLU D 328 7.08 -18.68 13.16
CA GLU D 328 7.15 -18.02 14.46
C GLU D 328 5.76 -17.72 15.01
N ARG D 329 4.94 -17.06 14.20
CA ARG D 329 3.61 -16.64 14.65
C ARG D 329 2.71 -17.84 14.91
N MET D 330 2.71 -18.81 13.99
CA MET D 330 1.84 -19.98 14.12
C MET D 330 2.16 -20.77 15.38
N VAL D 331 3.44 -21.05 15.62
CA VAL D 331 3.80 -21.92 16.73
C VAL D 331 3.53 -21.24 18.07
N SER D 332 3.73 -19.91 18.14
CA SER D 332 3.41 -19.20 19.37
C SER D 332 1.92 -19.22 19.64
N GLU D 333 1.10 -19.07 18.61
CA GLU D 333 -0.35 -19.13 18.79
C GLU D 333 -0.79 -20.53 19.21
N TYR D 334 -0.17 -21.57 18.65
CA TYR D 334 -0.46 -22.92 19.12
C TYR D 334 0.05 -23.15 20.53
N GLU D 335 1.11 -22.43 20.94
CA GLU D 335 1.56 -22.51 22.32
C GLU D 335 0.53 -21.88 23.25
N ALA D 336 0.02 -20.70 22.88
CA ALA D 336 -1.08 -20.09 23.63
C ALA D 336 -2.26 -21.04 23.75
N VAL D 337 -2.59 -21.74 22.66
CA VAL D 337 -3.69 -22.69 22.68
C VAL D 337 -3.44 -23.79 23.71
N TYR D 338 -2.22 -24.31 23.73
CA TYR D 338 -1.87 -25.34 24.71
C TYR D 338 -2.07 -24.84 26.14
N ASP D 339 -1.61 -23.61 26.42
CA ASP D 339 -1.77 -23.04 27.75
C ASP D 339 -3.24 -22.94 28.16
N THR D 340 -4.08 -22.43 27.25
CA THR D 340 -5.50 -22.28 27.56
C THR D 340 -6.17 -23.62 27.83
N VAL D 341 -5.87 -24.63 27.01
CA VAL D 341 -6.51 -25.93 27.16
C VAL D 341 -6.12 -26.57 28.49
N LEU D 342 -4.86 -26.42 28.89
CA LEU D 342 -4.41 -26.96 30.16
C LEU D 342 -4.95 -26.19 31.35
N ALA D 343 -5.30 -24.92 31.16
CA ALA D 343 -5.78 -24.09 32.26
C ALA D 343 -7.29 -24.13 32.41
N ASN D 344 -8.04 -23.98 31.32
CA ASN D 344 -9.50 -24.05 31.37
C ASN D 344 -9.97 -25.50 31.25
N THR D 345 -9.41 -26.36 32.10
CA THR D 345 -9.77 -27.77 32.13
C THR D 345 -10.64 -28.09 33.35
#